data_8XOD
#
_entry.id   8XOD
#
_cell.length_a   95.935
_cell.length_b   116.695
_cell.length_c   201.610
_cell.angle_alpha   90.000
_cell.angle_beta   90.000
_cell.angle_gamma   90.000
#
_symmetry.space_group_name_H-M   'P 21 21 21'
#
loop_
_entity.id
_entity.type
_entity.pdbx_description
1 polymer 'BbmA-G484F complex with CBOA'
2 non-polymer "ADENOSINE-5'-DIPHOSPHATE"
3 non-polymer '2-[3-[(4-azanyl-2-methyl-pyrimidin-5-yl)methyl]-2-[(~{R})-cyclobutyl(oxidanyl)methyl]-4-methyl-1,3-thiazol-5-yl]ethyl phosphono hydrogen phosphate'
4 non-polymer 'MAGNESIUM ION'
5 non-polymer 'THIAMINE DIPHOSPHATE'
6 water water
#
_entity_poly.entity_id   1
_entity_poly.type   'polypeptide(L)'
_entity_poly.pdbx_seq_one_letter_code
;MGSSKTVTAVELLVRQMEAEGVSYVFGIPGGPLMPLYEAIFSRKKIQPILTKHEEGAAFMAEGYARVSGKLGVCCATTGP
GATNALTGIACAYSDSTPVLLLTAQVGTAAFGKGALQESTVHGVDLVSIFSPITKLSVMIPTAEKMGEMTRRALRTAQSG
RPGPIHLNIPADIAKHPVPLEVFPPMNYRGGKPAPTIMDVVRVAELIFHAKRPAILAGHGIECAKAWEELLDFAELTGIP
VATTPKGKSSFPENHALSLGVFGFAGHQKATDYLLSGDVDVLIVIGSSLGDWQTNSWDPRLTPSVALIQIDIDPMEIGKN
YPVDVGINADASETLKALILCIRSSGKMLKKPALPLETKEQTAFQEIDHGTEGNGIHPAMVVEAMQNRLPADTILFVDNG
SCINWGVHCYLAQTPGAFQIGLGLAAMGHAVAAAIGGKLAAPDRPVVALVGDAAFAMNGMEIHTAAEYKIPVTWIVLNNG
GHGLVHLFEQHQFDSKFDISSFRKSIDFCKMAESLGVKSYRAETVEDFDAALKGALAMNTPCLIDVQVDIDVLPPGMKQR
FDMLNKSYAGERYTAPIGHHHHHH
;
_entity_poly.pdbx_strand_id   A,B,C,D
#
loop_
_chem_comp.id
_chem_comp.type
_chem_comp.name
_chem_comp.formula
A1LX0 non-polymer '2-[3-[(4-azanyl-2-methyl-pyrimidin-5-yl)methyl]-2-[(~{R})-cyclobutyl(oxidanyl)methyl]-4-methyl-1,3-thiazol-5-yl]ethyl phosphono hydrogen phosphate' 'C17 H27 N4 O8 P2 S 1'
ADP non-polymer ADENOSINE-5'-DIPHOSPHATE 'C10 H15 N5 O10 P2'
MG non-polymer 'MAGNESIUM ION' 'Mg 2'
TPP non-polymer 'THIAMINE DIPHOSPHATE' 'C12 H19 N4 O7 P2 S 1'
#
# COMPACT_ATOMS: atom_id res chain seq x y z
N SER A 4 -34.63 -12.91 18.88
CA SER A 4 -34.14 -13.35 17.60
C SER A 4 -34.56 -12.46 16.46
N LYS A 5 -34.70 -11.18 16.71
CA LYS A 5 -35.09 -10.23 15.67
C LYS A 5 -33.98 -9.98 14.62
N THR A 6 -34.38 -10.06 13.36
CA THR A 6 -33.47 -9.90 12.28
C THR A 6 -33.74 -8.65 11.49
N VAL A 7 -32.70 -8.02 11.00
CA VAL A 7 -32.82 -6.76 10.29
C VAL A 7 -31.70 -6.68 9.27
N THR A 8 -31.79 -5.84 8.24
CA THR A 8 -30.72 -5.81 7.26
C THR A 8 -29.47 -5.19 7.88
N ALA A 9 -28.31 -5.59 7.35
CA ALA A 9 -27.04 -5.13 7.88
C ALA A 9 -26.95 -3.61 7.88
N VAL A 10 -27.49 -2.96 6.85
CA VAL A 10 -27.38 -1.51 6.81
C VAL A 10 -28.31 -0.86 7.84
N GLU A 11 -29.41 -1.53 8.20
CA GLU A 11 -30.21 -1.00 9.31
C GLU A 11 -29.47 -1.14 10.63
N LEU A 12 -28.74 -2.25 10.80
CA LEU A 12 -27.99 -2.45 12.03
C LEU A 12 -26.80 -1.51 12.09
N LEU A 13 -26.21 -1.17 10.94
CA LEU A 13 -25.20 -0.13 10.92
C LEU A 13 -25.78 1.19 11.44
N VAL A 14 -26.90 1.63 10.85
CA VAL A 14 -27.54 2.87 11.31
C VAL A 14 -27.91 2.77 12.78
N ARG A 15 -28.49 1.67 13.19
CA ARG A 15 -28.96 1.56 14.55
C ARG A 15 -27.82 1.72 15.56
N GLN A 16 -26.64 1.16 15.26
CA GLN A 16 -25.51 1.34 16.16
C GLN A 16 -24.97 2.77 16.10
N MET A 17 -24.99 3.39 14.92
CA MET A 17 -24.60 4.79 14.86
C MET A 17 -25.51 5.63 15.77
N GLU A 18 -26.79 5.33 15.79
CA GLU A 18 -27.69 6.03 16.70
C GLU A 18 -27.19 5.93 18.14
N ALA A 19 -26.68 4.75 18.52
CA ALA A 19 -26.21 4.57 19.89
C ALA A 19 -25.02 5.46 20.22
N GLU A 20 -24.25 5.87 19.22
CA GLU A 20 -23.14 6.77 19.43
C GLU A 20 -23.53 8.24 19.36
N GLY A 21 -24.83 8.52 19.27
CA GLY A 21 -25.34 9.87 19.29
C GLY A 21 -25.18 10.65 18.01
N VAL A 22 -24.79 10.02 16.88
CA VAL A 22 -24.64 10.74 15.62
C VAL A 22 -26.01 11.23 15.20
N SER A 23 -26.10 12.48 14.79
CA SER A 23 -27.41 13.02 14.43
C SER A 23 -27.59 13.30 12.95
N TYR A 24 -26.52 13.29 12.16
CA TYR A 24 -26.61 13.57 10.74
C TYR A 24 -25.62 12.69 9.98
N VAL A 25 -25.96 12.43 8.74
CA VAL A 25 -25.05 11.81 7.78
C VAL A 25 -24.98 12.76 6.61
N PHE A 26 -23.78 13.27 6.34
CA PHE A 26 -23.57 14.20 5.24
C PHE A 26 -23.05 13.44 4.03
N GLY A 27 -23.61 13.74 2.86
CA GLY A 27 -23.17 13.07 1.65
C GLY A 27 -24.11 13.31 0.47
N ILE A 28 -23.82 12.58 -0.61
CA ILE A 28 -24.60 12.61 -1.85
C ILE A 28 -24.98 11.17 -2.19
N PRO A 29 -26.23 10.91 -2.55
CA PRO A 29 -26.65 9.53 -2.84
C PRO A 29 -26.12 9.03 -4.18
N GLY A 30 -26.31 7.72 -4.37
CA GLY A 30 -25.89 7.02 -5.57
C GLY A 30 -26.55 5.66 -5.59
N GLY A 31 -26.52 5.03 -6.77
CA GLY A 31 -27.16 3.76 -6.97
C GLY A 31 -26.91 2.74 -5.85
N PRO A 32 -25.64 2.38 -5.66
CA PRO A 32 -25.34 1.34 -4.67
C PRO A 32 -25.46 1.81 -3.22
N LEU A 33 -25.46 3.11 -2.98
CA LEU A 33 -25.59 3.66 -1.64
C LEU A 33 -27.04 3.88 -1.23
N MET A 34 -28.01 3.58 -2.10
CA MET A 34 -29.41 3.87 -1.81
C MET A 34 -30.00 2.99 -0.71
N PRO A 35 -29.51 1.76 -0.53
CA PRO A 35 -29.97 1.00 0.64
C PRO A 35 -29.70 1.70 1.96
N LEU A 36 -28.56 2.39 2.07
CA LEU A 36 -28.23 3.12 3.28
C LEU A 36 -29.25 4.20 3.54
N TYR A 37 -29.59 4.97 2.51
CA TYR A 37 -30.59 6.01 2.66
C TYR A 37 -31.95 5.42 2.96
N GLU A 38 -32.30 4.31 2.32
CA GLU A 38 -33.55 3.64 2.67
C GLU A 38 -33.59 3.31 4.15
N ALA A 39 -32.45 2.93 4.72
CA ALA A 39 -32.41 2.55 6.13
C ALA A 39 -32.57 3.77 7.05
N ILE A 40 -31.89 4.89 6.73
CA ILE A 40 -31.95 6.07 7.56
C ILE A 40 -33.35 6.64 7.58
N PHE A 41 -33.94 6.78 6.40
CA PHE A 41 -35.31 7.25 6.40
C PHE A 41 -36.27 6.27 7.05
N SER A 42 -36.05 4.94 7.07
CA SER A 42 -37.15 4.19 7.70
C SER A 42 -37.08 4.27 9.21
N ARG A 43 -35.94 4.63 9.77
CA ARG A 43 -35.67 4.57 11.23
C ARG A 43 -36.07 5.84 11.98
N LYS A 44 -36.23 6.91 11.23
CA LYS A 44 -36.66 8.19 11.71
C LYS A 44 -35.90 8.91 12.82
N LYS A 45 -34.64 8.58 13.02
CA LYS A 45 -33.87 9.28 14.05
C LYS A 45 -32.74 10.12 13.49
N ILE A 46 -31.77 9.49 12.83
CA ILE A 46 -30.65 10.18 12.24
C ILE A 46 -31.20 10.87 11.03
N GLN A 47 -30.68 12.03 10.72
CA GLN A 47 -31.19 12.78 9.59
C GLN A 47 -30.10 12.95 8.53
N PRO A 48 -30.43 12.77 7.24
CA PRO A 48 -29.45 12.96 6.17
C PRO A 48 -29.45 14.39 5.64
N ILE A 49 -28.26 14.88 5.34
CA ILE A 49 -28.09 16.20 4.75
C ILE A 49 -27.47 16.01 3.37
N LEU A 50 -28.20 16.43 2.32
CA LEU A 50 -27.72 16.35 0.96
C LEU A 50 -26.86 17.58 0.62
N THR A 51 -25.57 17.37 0.36
CA THR A 51 -24.66 18.47 0.08
C THR A 51 -24.36 18.52 -1.41
N LYS A 52 -23.61 19.54 -1.81
CA LYS A 52 -23.38 19.83 -3.22
C LYS A 52 -22.11 19.19 -3.75
N HIS A 53 -21.27 18.68 -2.87
CA HIS A 53 -20.03 18.02 -3.21
C HIS A 53 -19.68 17.15 -2.01
N GLU A 54 -19.14 15.95 -2.27
CA GLU A 54 -18.85 15.09 -1.14
C GLU A 54 -17.72 15.61 -0.29
N GLU A 55 -16.82 16.41 -0.87
CA GLU A 55 -15.77 17.00 -0.05
C GLU A 55 -16.38 17.94 0.99
N GLY A 56 -17.43 18.65 0.58
CA GLY A 56 -18.17 19.46 1.54
C GLY A 56 -18.85 18.62 2.60
N ALA A 57 -19.39 17.46 2.21
CA ALA A 57 -20.01 16.58 3.19
C ALA A 57 -19.00 16.15 4.26
N ALA A 58 -17.80 15.76 3.83
CA ALA A 58 -16.76 15.38 4.79
C ALA A 58 -16.32 16.60 5.59
N PHE A 59 -16.20 17.75 4.93
CA PHE A 59 -15.99 18.97 5.69
C PHE A 59 -17.11 19.19 6.71
N MET A 60 -18.36 18.91 6.35
CA MET A 60 -19.48 19.08 7.29
C MET A 60 -19.34 18.15 8.47
N ALA A 61 -19.03 16.86 8.18
CA ALA A 61 -18.87 15.90 9.26
C ALA A 61 -17.71 16.27 10.18
N GLU A 62 -16.59 16.74 9.61
CA GLU A 62 -15.46 17.14 10.45
C GLU A 62 -15.86 18.30 11.35
N GLY A 63 -16.53 19.31 10.77
CA GLY A 63 -16.98 20.44 11.57
C GLY A 63 -17.97 20.04 12.65
N TYR A 64 -18.95 19.22 12.28
CA TYR A 64 -19.91 18.72 13.27
C TYR A 64 -19.20 17.97 14.40
N ALA A 65 -18.28 17.06 14.05
CA ALA A 65 -17.59 16.30 15.10
C ALA A 65 -16.86 17.25 16.03
N ARG A 66 -16.10 18.18 15.46
CA ARG A 66 -15.26 19.07 16.27
C ARG A 66 -16.11 19.89 17.24
N VAL A 67 -17.30 20.33 16.81
CA VAL A 67 -18.19 21.09 17.70
C VAL A 67 -19.05 20.13 18.51
N SER A 68 -19.41 19.01 17.92
CA SER A 68 -20.16 17.95 18.58
C SER A 68 -19.45 17.41 19.82
N GLY A 69 -18.14 17.27 19.76
CA GLY A 69 -17.53 16.34 20.68
C GLY A 69 -17.95 14.90 20.42
N LYS A 70 -18.68 14.63 19.35
CA LYS A 70 -19.15 13.30 19.01
C LYS A 70 -18.52 12.85 17.69
N LEU A 71 -19.09 11.78 17.12
CA LEU A 71 -18.59 11.22 15.88
C LEU A 71 -19.34 11.84 14.69
N GLY A 72 -18.59 12.32 13.71
CA GLY A 72 -19.17 12.82 12.48
C GLY A 72 -19.22 11.71 11.44
N VAL A 73 -20.27 11.72 10.63
CA VAL A 73 -20.49 10.66 9.65
C VAL A 73 -20.84 11.29 8.30
N CYS A 74 -20.20 10.81 7.23
CA CYS A 74 -20.64 11.13 5.88
C CYS A 74 -20.71 9.84 5.09
N CYS A 75 -21.46 9.91 3.98
CA CYS A 75 -21.57 8.82 3.03
C CYS A 75 -21.28 9.33 1.60
N ALA A 76 -20.71 8.44 0.80
CA ALA A 76 -20.46 8.71 -0.60
C ALA A 76 -20.58 7.40 -1.36
N THR A 77 -20.90 7.50 -2.66
CA THR A 77 -21.13 6.32 -3.47
C THR A 77 -19.80 5.75 -4.00
N THR A 78 -19.91 4.71 -4.84
CA THR A 78 -18.75 4.07 -5.43
C THR A 78 -17.93 5.09 -6.22
N GLY A 79 -16.65 4.81 -6.34
CA GLY A 79 -15.78 5.53 -7.24
C GLY A 79 -15.66 7.01 -6.97
N PRO A 80 -16.17 7.85 -7.88
CA PRO A 80 -15.91 9.30 -7.76
C PRO A 80 -16.60 9.90 -6.55
N GLY A 81 -17.72 9.30 -6.12
CA GLY A 81 -18.34 9.72 -4.88
C GLY A 81 -17.37 9.72 -3.72
N ALA A 82 -16.68 8.59 -3.51
CA ALA A 82 -15.75 8.49 -2.38
C ALA A 82 -14.51 9.34 -2.58
N THR A 83 -13.88 9.26 -3.77
CA THR A 83 -12.67 10.06 -4.01
C THR A 83 -12.90 11.55 -3.76
N ASN A 84 -14.11 12.07 -3.99
CA ASN A 84 -14.37 13.49 -3.73
C ASN A 84 -14.21 13.79 -2.23
N ALA A 85 -14.64 12.86 -1.38
CA ALA A 85 -14.58 13.06 0.05
C ALA A 85 -13.14 13.01 0.59
N LEU A 86 -12.16 12.64 -0.23
CA LEU A 86 -10.84 12.34 0.31
C LEU A 86 -10.27 13.51 1.10
N THR A 87 -10.33 14.71 0.54
CA THR A 87 -9.63 15.82 1.19
C THR A 87 -10.25 16.15 2.55
N GLY A 88 -11.55 15.90 2.69
CA GLY A 88 -12.18 16.12 3.98
C GLY A 88 -11.75 15.10 5.01
N ILE A 89 -11.59 13.85 4.58
CA ILE A 89 -11.10 12.82 5.48
C ILE A 89 -9.62 13.05 5.81
N ALA A 90 -8.85 13.58 4.86
CA ALA A 90 -7.44 13.86 5.15
C ALA A 90 -7.35 15.03 6.13
N CYS A 91 -8.36 15.87 6.16
CA CYS A 91 -8.42 16.95 7.14
C CYS A 91 -8.83 16.42 8.51
N ALA A 92 -9.78 15.48 8.53
CA ALA A 92 -10.11 14.83 9.79
C ALA A 92 -8.89 14.12 10.38
N TYR A 93 -8.04 13.57 9.50
CA TYR A 93 -6.85 12.82 9.91
C TYR A 93 -5.75 13.72 10.44
N SER A 94 -5.59 14.92 9.88
CA SER A 94 -4.49 15.78 10.33
C SER A 94 -4.86 16.60 11.55
N ASP A 95 -6.16 16.75 11.84
CA ASP A 95 -6.64 17.49 13.01
C ASP A 95 -7.12 16.56 14.12
N SER A 96 -7.04 15.26 13.89
CA SER A 96 -7.35 14.26 14.90
C SER A 96 -8.83 14.31 15.30
N THR A 97 -9.70 14.33 14.28
CA THR A 97 -11.15 14.42 14.41
C THR A 97 -11.78 13.08 14.07
N PRO A 98 -12.69 12.58 14.92
CA PRO A 98 -13.36 11.31 14.58
C PRO A 98 -14.48 11.47 13.57
N VAL A 99 -14.20 11.11 12.33
CA VAL A 99 -15.18 11.12 11.25
C VAL A 99 -15.27 9.71 10.71
N LEU A 100 -16.48 9.23 10.51
CA LEU A 100 -16.71 7.96 9.85
C LEU A 100 -17.29 8.26 8.45
N LEU A 101 -16.56 7.85 7.41
CA LEU A 101 -17.02 7.96 6.02
C LEU A 101 -17.51 6.61 5.52
N LEU A 102 -18.80 6.52 5.21
CA LEU A 102 -19.39 5.31 4.65
C LEU A 102 -19.41 5.43 3.13
N THR A 103 -18.79 4.46 2.45
CA THR A 103 -18.72 4.44 1.00
C THR A 103 -19.28 3.13 0.44
N ALA A 104 -19.91 3.24 -0.73
CA ALA A 104 -20.50 2.07 -1.39
C ALA A 104 -19.45 1.22 -2.11
N GLN A 105 -19.84 -0.03 -2.35
CA GLN A 105 -19.12 -0.93 -3.22
C GLN A 105 -20.15 -1.66 -4.08
N VAL A 106 -19.77 -1.96 -5.33
CA VAL A 106 -20.63 -2.75 -6.20
C VAL A 106 -20.81 -4.15 -5.59
N GLY A 107 -21.84 -4.86 -6.05
CA GLY A 107 -22.07 -6.22 -5.57
C GLY A 107 -20.92 -7.15 -5.91
N THR A 108 -20.69 -8.14 -5.03
CA THR A 108 -19.55 -9.05 -5.18
C THR A 108 -19.55 -9.76 -6.54
N ALA A 109 -20.72 -10.08 -7.09
CA ALA A 109 -20.77 -10.82 -8.36
C ALA A 109 -20.16 -10.06 -9.52
N ALA A 110 -19.84 -8.78 -9.35
CA ALA A 110 -19.27 -7.97 -10.42
C ALA A 110 -17.80 -7.65 -10.20
N PHE A 111 -17.20 -8.15 -9.12
CA PHE A 111 -15.78 -7.88 -8.91
C PHE A 111 -14.96 -8.44 -10.07
N GLY A 112 -13.98 -7.64 -10.50
CA GLY A 112 -13.10 -8.01 -11.60
C GLY A 112 -13.72 -7.97 -12.97
N LYS A 113 -15.03 -7.74 -13.08
CA LYS A 113 -15.79 -7.75 -14.31
C LYS A 113 -15.89 -6.40 -14.99
N GLY A 114 -15.52 -5.32 -14.30
CA GLY A 114 -15.72 -4.00 -14.86
C GLY A 114 -17.09 -3.43 -14.54
N ALA A 115 -17.52 -3.49 -13.32
CA ALA A 115 -18.82 -2.97 -13.01
C ALA A 115 -18.82 -1.48 -12.93
N LEU A 116 -20.00 -0.92 -12.95
CA LEU A 116 -20.15 0.51 -12.92
C LEU A 116 -19.46 1.10 -11.71
N GLN A 117 -18.48 1.94 -11.96
CA GLN A 117 -17.67 2.54 -10.95
C GLN A 117 -17.12 1.52 -9.97
N GLU A 118 -16.56 0.42 -10.47
CA GLU A 118 -15.99 -0.63 -9.63
C GLU A 118 -14.84 -0.08 -8.78
N SER A 119 -14.94 -0.22 -7.47
CA SER A 119 -13.98 0.36 -6.55
C SER A 119 -13.24 -0.72 -5.78
N THR A 120 -12.83 -1.75 -6.50
CA THR A 120 -12.08 -2.85 -5.94
C THR A 120 -10.61 -2.70 -6.33
N VAL A 121 -9.83 -3.73 -6.01
CA VAL A 121 -8.45 -3.81 -6.47
C VAL A 121 -8.38 -3.78 -8.00
N HIS A 122 -9.43 -4.26 -8.68
CA HIS A 122 -9.53 -4.28 -10.13
C HIS A 122 -10.01 -2.96 -10.73
N GLY A 123 -10.54 -2.04 -9.94
CA GLY A 123 -10.94 -0.74 -10.44
C GLY A 123 -10.28 0.43 -9.75
N VAL A 124 -11.09 1.27 -9.12
CA VAL A 124 -10.62 2.39 -8.31
C VAL A 124 -10.64 1.94 -6.84
N ASP A 125 -9.46 1.62 -6.28
CA ASP A 125 -9.36 0.93 -4.99
C ASP A 125 -9.64 1.87 -3.81
N LEU A 126 -10.91 1.92 -3.38
CA LEU A 126 -11.25 2.86 -2.32
C LEU A 126 -10.53 2.53 -1.03
N VAL A 127 -10.50 1.24 -0.66
CA VAL A 127 -9.91 0.85 0.63
C VAL A 127 -8.43 1.16 0.68
N SER A 128 -7.71 1.08 -0.46
CA SER A 128 -6.28 1.35 -0.43
C SER A 128 -5.95 2.81 -0.68
N ILE A 129 -6.81 3.55 -1.37
CA ILE A 129 -6.63 5.00 -1.48
C ILE A 129 -6.75 5.65 -0.11
N PHE A 130 -7.72 5.18 0.69
CA PHE A 130 -8.07 5.79 1.97
C PHE A 130 -7.22 5.27 3.11
N SER A 131 -6.34 4.33 2.85
CA SER A 131 -5.56 3.73 3.92
C SER A 131 -4.51 4.65 4.55
N PRO A 132 -3.80 5.49 3.79
CA PRO A 132 -2.81 6.38 4.42
C PRO A 132 -3.40 7.54 5.20
N ILE A 133 -4.69 7.82 5.09
CA ILE A 133 -5.29 8.98 5.78
C ILE A 133 -6.55 8.55 6.52
N THR A 134 -6.55 7.32 7.05
CA THR A 134 -7.57 6.84 7.97
C THR A 134 -6.89 5.98 9.02
N LYS A 135 -7.52 5.90 10.20
CA LYS A 135 -7.05 4.98 11.24
C LYS A 135 -7.35 3.53 10.86
N LEU A 136 -8.38 3.33 10.04
CA LEU A 136 -8.76 2.01 9.53
C LEU A 136 -9.60 2.23 8.28
N SER A 137 -9.31 1.45 7.24
CA SER A 137 -10.06 1.44 5.99
C SER A 137 -10.19 -0.02 5.59
N VAL A 138 -11.43 -0.51 5.49
CA VAL A 138 -11.64 -1.94 5.31
C VAL A 138 -13.00 -2.14 4.64
N MET A 139 -13.08 -3.12 3.75
CA MET A 139 -14.31 -3.47 3.05
C MET A 139 -15.06 -4.53 3.85
N ILE A 140 -16.34 -4.28 4.10
CA ILE A 140 -17.15 -5.24 4.86
C ILE A 140 -17.20 -6.53 4.06
N PRO A 141 -16.69 -7.62 4.59
CA PRO A 141 -16.61 -8.86 3.81
C PRO A 141 -17.93 -9.59 3.74
N THR A 142 -18.66 -9.62 4.84
CA THR A 142 -19.89 -10.38 4.91
C THR A 142 -20.90 -9.62 5.74
N ALA A 143 -22.16 -9.98 5.54
CA ALA A 143 -23.24 -9.33 6.25
C ALA A 143 -23.09 -9.45 7.76
N GLU A 144 -22.75 -10.65 8.26
CA GLU A 144 -22.65 -10.84 9.70
C GLU A 144 -21.60 -9.94 10.33
N LYS A 145 -20.53 -9.63 9.60
CA LYS A 145 -19.47 -8.84 10.20
C LYS A 145 -19.76 -7.33 10.16
N MET A 146 -21.00 -6.95 9.86
CA MET A 146 -21.34 -5.55 9.95
C MET A 146 -21.38 -5.10 11.41
N GLY A 147 -21.95 -5.90 12.29
CA GLY A 147 -21.94 -5.53 13.69
C GLY A 147 -20.53 -5.30 14.21
N GLU A 148 -19.66 -6.31 14.03
CA GLU A 148 -18.32 -6.24 14.62
C GLU A 148 -17.44 -5.24 13.91
N MET A 149 -17.59 -5.11 12.58
CA MET A 149 -16.77 -4.12 11.88
C MET A 149 -17.29 -2.71 12.16
N THR A 150 -18.58 -2.56 12.44
CA THR A 150 -19.02 -1.21 12.77
C THR A 150 -18.63 -0.88 14.20
N ARG A 151 -18.64 -1.86 15.09
CA ARG A 151 -18.18 -1.56 16.43
C ARG A 151 -16.67 -1.34 16.45
N ARG A 152 -15.91 -2.06 15.62
CA ARG A 152 -14.47 -1.79 15.52
C ARG A 152 -14.19 -0.38 15.04
N ALA A 153 -14.98 0.11 14.08
CA ALA A 153 -14.74 1.45 13.58
C ALA A 153 -14.96 2.49 14.68
N LEU A 154 -16.05 2.37 15.42
CA LEU A 154 -16.32 3.37 16.46
C LEU A 154 -15.23 3.36 17.52
N ARG A 155 -14.82 2.18 17.96
CA ARG A 155 -13.70 2.05 18.89
C ARG A 155 -12.41 2.65 18.31
N THR A 156 -12.13 2.41 17.02
CA THR A 156 -10.90 2.96 16.47
C THR A 156 -10.99 4.47 16.29
N ALA A 157 -12.13 4.95 15.80
CA ALA A 157 -12.22 6.37 15.51
C ALA A 157 -12.09 7.21 16.78
N GLN A 158 -12.58 6.71 17.92
CA GLN A 158 -12.69 7.52 19.14
C GLN A 158 -11.77 7.07 20.27
N SER A 159 -10.88 6.12 20.03
CA SER A 159 -9.90 5.69 21.02
C SER A 159 -8.51 6.11 20.57
N GLY A 160 -7.58 6.14 21.52
CA GLY A 160 -6.25 6.68 21.29
C GLY A 160 -6.29 8.11 20.79
N ARG A 161 -5.38 8.44 19.88
CA ARG A 161 -5.49 9.69 19.15
C ARG A 161 -6.64 9.54 18.15
N PRO A 162 -7.72 10.32 18.27
CA PRO A 162 -8.89 10.09 17.43
C PRO A 162 -8.62 10.45 15.98
N GLY A 163 -9.40 9.82 15.11
CA GLY A 163 -9.20 9.99 13.70
C GLY A 163 -10.28 9.35 12.86
N PRO A 164 -10.15 9.49 11.55
CA PRO A 164 -11.22 9.08 10.64
C PRO A 164 -11.16 7.60 10.29
N ILE A 165 -12.30 7.08 9.84
CA ILE A 165 -12.49 5.67 9.53
C ILE A 165 -13.16 5.54 8.17
N HIS A 166 -12.73 4.57 7.37
CA HIS A 166 -13.34 4.31 6.07
C HIS A 166 -13.97 2.92 6.06
N LEU A 167 -15.30 2.87 5.91
CA LEU A 167 -16.02 1.61 5.85
C LEU A 167 -16.64 1.47 4.46
N ASN A 168 -16.24 0.41 3.77
CA ASN A 168 -16.69 0.13 2.43
C ASN A 168 -17.73 -0.99 2.50
N ILE A 169 -18.88 -0.80 1.87
CA ILE A 169 -20.02 -1.71 2.02
C ILE A 169 -20.48 -2.22 0.66
N PRO A 170 -20.27 -3.50 0.32
CA PRO A 170 -20.79 -4.03 -0.94
C PRO A 170 -22.31 -3.94 -1.01
N ALA A 171 -22.83 -3.54 -2.18
CA ALA A 171 -24.25 -3.17 -2.25
C ALA A 171 -25.14 -4.38 -2.00
N ASP A 172 -24.67 -5.59 -2.33
CA ASP A 172 -25.52 -6.76 -2.10
C ASP A 172 -25.56 -7.15 -0.63
N ILE A 173 -24.47 -7.03 0.10
CA ILE A 173 -24.53 -7.45 1.47
C ILE A 173 -25.21 -6.46 2.34
N ALA A 174 -25.58 -5.34 1.79
CA ALA A 174 -26.22 -4.35 2.62
C ALA A 174 -27.56 -4.81 2.99
N LYS A 175 -28.21 -5.54 2.11
CA LYS A 175 -29.55 -5.97 2.36
C LYS A 175 -29.72 -7.37 2.86
N HIS A 176 -28.65 -8.06 3.19
CA HIS A 176 -28.75 -9.40 3.74
C HIS A 176 -29.20 -9.29 5.19
N PRO A 177 -30.02 -10.22 5.67
CA PRO A 177 -30.51 -10.13 7.05
C PRO A 177 -29.43 -10.53 8.04
N VAL A 178 -29.37 -9.82 9.16
CA VAL A 178 -28.46 -10.20 10.24
C VAL A 178 -29.18 -10.01 11.56
N PRO A 179 -28.71 -10.68 12.56
CA PRO A 179 -29.30 -10.60 13.89
C PRO A 179 -29.12 -9.26 14.52
N LEU A 180 -30.12 -8.82 15.24
CA LEU A 180 -30.06 -7.56 15.91
C LEU A 180 -28.93 -7.64 16.88
N GLU A 181 -28.04 -6.68 16.89
CA GLU A 181 -26.92 -6.77 17.77
C GLU A 181 -26.42 -5.38 18.00
N VAL A 182 -27.04 -4.68 18.91
CA VAL A 182 -26.62 -3.30 19.13
C VAL A 182 -26.23 -3.11 20.60
N PHE A 183 -25.12 -2.41 20.83
CA PHE A 183 -24.51 -2.24 22.14
C PHE A 183 -24.30 -0.76 22.44
N PRO A 184 -24.34 -0.36 23.72
CA PRO A 184 -23.97 1.00 24.04
C PRO A 184 -22.47 1.16 23.91
N PRO A 185 -22.04 2.34 23.56
CA PRO A 185 -20.65 2.70 23.34
C PRO A 185 -19.67 2.24 24.37
N MET A 186 -20.08 1.90 25.57
CA MET A 186 -19.04 1.50 26.51
C MET A 186 -18.95 0.02 26.78
N ASN A 187 -19.32 -0.75 25.78
CA ASN A 187 -19.25 -2.17 25.81
C ASN A 187 -18.31 -2.63 24.73
N TYR A 188 -17.90 -1.71 23.86
CA TYR A 188 -16.97 -1.99 22.77
C TYR A 188 -15.84 -0.95 22.61
N ARG A 189 -15.68 -0.04 23.56
CA ARG A 189 -14.59 0.92 23.55
C ARG A 189 -14.15 1.14 24.99
N GLY A 190 -12.86 1.35 25.19
CA GLY A 190 -12.33 1.61 26.51
C GLY A 190 -12.30 3.09 26.86
N GLY A 191 -11.91 3.37 28.10
CA GLY A 191 -11.77 4.73 28.59
C GLY A 191 -10.41 5.30 28.23
N LYS A 192 -10.10 6.45 28.85
CA LYS A 192 -8.87 7.08 28.40
C LYS A 192 -7.74 6.93 29.43
N PRO A 193 -6.49 6.98 28.96
CA PRO A 193 -5.35 6.73 29.86
C PRO A 193 -5.02 7.92 30.76
N ALA A 194 -4.65 7.62 31.98
CA ALA A 194 -4.18 8.59 32.97
C ALA A 194 -2.67 8.45 33.19
N PRO A 195 -2.06 9.45 33.81
CA PRO A 195 -0.62 9.40 34.07
C PRO A 195 -0.26 8.54 35.28
N THR A 196 1.01 8.16 35.35
CA THR A 196 1.48 7.50 36.58
C THR A 196 1.45 8.47 37.75
N ILE A 197 1.19 7.95 38.95
CA ILE A 197 1.33 8.84 40.08
C ILE A 197 2.75 9.37 40.11
N MET A 198 3.70 8.53 39.65
CA MET A 198 5.10 8.89 39.73
C MET A 198 5.45 10.12 38.90
N ASP A 199 4.81 10.28 37.75
CA ASP A 199 5.12 11.41 36.89
C ASP A 199 4.34 12.65 37.31
N VAL A 200 3.11 12.49 37.81
CA VAL A 200 2.34 13.67 38.20
C VAL A 200 3.02 14.38 39.36
N VAL A 201 3.57 13.62 40.31
CA VAL A 201 4.23 14.32 41.41
C VAL A 201 5.59 14.84 40.97
N ARG A 202 6.21 14.20 39.97
CA ARG A 202 7.47 14.72 39.45
C ARG A 202 7.27 16.02 38.70
N VAL A 203 6.12 16.20 38.04
CA VAL A 203 5.86 17.48 37.42
C VAL A 203 5.37 18.47 38.46
N ALA A 204 4.65 17.98 39.44
CA ALA A 204 4.19 18.80 40.54
C ALA A 204 5.41 19.40 41.20
N GLU A 205 6.42 18.60 41.44
CA GLU A 205 7.58 19.10 42.11
C GLU A 205 8.51 19.88 41.25
N LEU A 206 8.14 20.10 40.02
CA LEU A 206 9.03 20.89 39.17
C LEU A 206 8.44 22.27 39.07
N ILE A 207 7.14 22.32 39.03
CA ILE A 207 6.51 23.58 39.00
C ILE A 207 6.72 24.18 40.37
N PHE A 208 6.70 23.36 41.45
CA PHE A 208 6.88 23.93 42.80
C PHE A 208 8.20 24.69 42.90
N HIS A 209 9.22 24.24 42.17
CA HIS A 209 10.55 24.81 42.24
C HIS A 209 10.86 25.69 41.04
N ALA A 210 9.91 25.86 40.13
CA ALA A 210 10.17 26.60 38.90
C ALA A 210 10.13 28.10 39.15
N LYS A 211 11.10 28.81 38.56
CA LYS A 211 11.13 30.25 38.66
C LYS A 211 10.20 30.89 37.63
N ARG A 212 10.33 30.50 36.36
CA ARG A 212 9.53 31.07 35.27
C ARG A 212 8.99 29.96 34.41
N PRO A 213 7.91 29.31 34.87
CA PRO A 213 7.25 28.25 34.11
C PRO A 213 6.32 28.79 33.04
N ALA A 214 5.94 27.91 32.11
CA ALA A 214 5.05 28.32 31.02
C ALA A 214 4.30 27.10 30.50
N ILE A 215 3.08 27.34 30.01
CA ILE A 215 2.23 26.31 29.44
C ILE A 215 2.01 26.62 27.95
N LEU A 216 2.12 25.60 27.11
CA LEU A 216 1.82 25.71 25.69
C LEU A 216 0.67 24.75 25.40
N ALA A 217 -0.53 25.29 25.25
CA ALA A 217 -1.73 24.49 25.10
C ALA A 217 -2.10 24.40 23.62
N GLY A 218 -2.16 23.16 23.11
CA GLY A 218 -2.46 22.89 21.73
C GLY A 218 -3.83 22.28 21.51
N HIS A 219 -4.03 21.81 20.28
CA HIS A 219 -5.35 21.33 19.86
C HIS A 219 -5.84 20.16 20.72
N GLY A 220 -4.91 19.41 21.32
CA GLY A 220 -5.27 18.30 22.18
C GLY A 220 -6.19 18.66 23.34
N ILE A 221 -6.18 19.93 23.78
CA ILE A 221 -7.09 20.31 24.86
C ILE A 221 -8.53 20.22 24.40
N GLU A 222 -8.81 20.50 23.13
CA GLU A 222 -10.20 20.41 22.68
C GLU A 222 -10.65 18.95 22.54
N CYS A 223 -9.75 18.08 22.05
CA CYS A 223 -10.12 16.67 21.88
C CYS A 223 -10.32 15.98 23.23
N ALA A 224 -9.63 16.43 24.26
CA ALA A 224 -9.86 15.85 25.59
C ALA A 224 -11.01 16.50 26.34
N LYS A 225 -11.62 17.54 25.79
CA LYS A 225 -12.62 18.35 26.49
C LYS A 225 -12.09 18.80 27.86
N ALA A 226 -10.93 19.47 27.83
CA ALA A 226 -10.16 19.74 29.05
C ALA A 226 -10.10 21.22 29.42
N TRP A 227 -11.00 22.04 28.91
CA TRP A 227 -10.85 23.47 29.09
C TRP A 227 -10.92 23.85 30.55
N GLU A 228 -11.89 23.28 31.28
CA GLU A 228 -12.09 23.76 32.64
C GLU A 228 -10.89 23.47 33.51
N GLU A 229 -10.36 22.27 33.43
CA GLU A 229 -9.25 21.93 34.32
C GLU A 229 -7.91 22.49 33.84
N LEU A 230 -7.81 22.88 32.58
CA LEU A 230 -6.65 23.67 32.18
C LEU A 230 -6.70 25.08 32.78
N LEU A 231 -7.86 25.74 32.78
CA LEU A 231 -7.97 27.04 33.41
C LEU A 231 -7.83 26.95 34.94
N ASP A 232 -8.29 25.84 35.52
CA ASP A 232 -8.15 25.63 36.97
C ASP A 232 -6.73 25.22 37.30
N PHE A 233 -6.05 24.58 36.35
CA PHE A 233 -4.65 24.27 36.58
C PHE A 233 -3.79 25.53 36.52
N ALA A 234 -4.00 26.37 35.50
CA ALA A 234 -3.23 27.60 35.43
C ALA A 234 -3.55 28.52 36.60
N GLU A 235 -4.84 28.64 36.96
CA GLU A 235 -5.24 29.53 38.05
C GLU A 235 -4.69 29.03 39.38
N LEU A 236 -4.72 27.71 39.59
CA LEU A 236 -4.25 27.14 40.84
C LEU A 236 -2.74 27.28 40.98
N THR A 237 -2.01 27.27 39.86
CA THR A 237 -0.55 27.38 39.85
C THR A 237 -0.02 28.78 39.58
N GLY A 238 -0.82 29.65 38.99
CA GLY A 238 -0.32 30.95 38.59
C GLY A 238 0.69 30.98 37.45
N ILE A 239 0.74 29.96 36.61
CA ILE A 239 1.67 29.89 35.48
C ILE A 239 0.93 30.30 34.20
N PRO A 240 1.53 31.14 33.36
CA PRO A 240 0.84 31.63 32.16
C PRO A 240 0.63 30.58 31.08
N VAL A 241 -0.42 30.79 30.29
CA VAL A 241 -0.87 29.83 29.27
C VAL A 241 -0.71 30.45 27.89
N ALA A 242 0.11 29.83 27.05
CA ALA A 242 0.11 30.16 25.63
C ALA A 242 -0.52 28.99 24.89
N THR A 243 -1.14 29.30 23.75
CA THR A 243 -1.68 28.24 22.89
C THR A 243 -0.91 28.19 21.58
N THR A 244 -1.00 27.04 20.92
CA THR A 244 -0.63 26.91 19.51
C THR A 244 -1.66 27.67 18.67
N PRO A 245 -1.32 27.99 17.44
CA PRO A 245 -2.32 28.68 16.62
C PRO A 245 -3.59 27.90 16.46
N LYS A 246 -3.53 26.60 16.42
CA LYS A 246 -4.76 25.87 16.23
C LYS A 246 -5.53 25.66 17.50
N GLY A 247 -4.95 25.99 18.62
CA GLY A 247 -5.65 25.74 19.86
C GLY A 247 -6.24 26.95 20.49
N LYS A 248 -6.34 28.03 19.72
CA LYS A 248 -6.80 29.32 20.13
C LYS A 248 -7.91 29.44 21.11
N SER A 249 -8.93 28.65 20.94
CA SER A 249 -10.03 28.75 21.84
C SER A 249 -9.99 27.88 23.09
N SER A 250 -8.83 27.41 23.50
CA SER A 250 -8.70 26.51 24.62
C SER A 250 -8.35 27.16 25.91
N PHE A 251 -7.87 28.36 25.81
CA PHE A 251 -7.53 29.14 27.00
C PHE A 251 -8.06 30.56 26.81
N PRO A 252 -8.97 30.98 27.70
CA PRO A 252 -9.60 32.31 27.67
C PRO A 252 -8.56 33.42 27.49
N GLU A 253 -8.65 34.13 26.37
CA GLU A 253 -7.72 35.19 26.09
C GLU A 253 -8.06 36.48 26.79
N ASN A 254 -9.14 36.48 27.54
CA ASN A 254 -9.48 37.68 28.24
C ASN A 254 -9.04 37.56 29.70
N HIS A 255 -8.31 36.50 30.02
CA HIS A 255 -7.80 36.19 31.33
C HIS A 255 -6.47 36.85 31.52
N ALA A 256 -6.19 37.11 32.77
CA ALA A 256 -4.97 37.77 33.21
C ALA A 256 -3.72 36.94 32.92
N LEU A 257 -3.86 35.60 32.88
CA LEU A 257 -2.74 34.68 32.71
C LEU A 257 -2.55 34.21 31.27
N SER A 258 -3.31 34.75 30.32
CA SER A 258 -3.27 34.30 28.94
C SER A 258 -2.15 35.00 28.18
N LEU A 259 -1.38 34.21 27.42
CA LEU A 259 -0.19 34.62 26.67
C LEU A 259 -0.45 34.80 25.19
N GLY A 260 -1.68 34.53 24.75
CA GLY A 260 -2.04 34.62 23.35
C GLY A 260 -1.60 33.35 22.65
N VAL A 261 -1.36 33.47 21.34
CA VAL A 261 -0.91 32.35 20.53
C VAL A 261 0.58 32.49 20.31
N PHE A 262 1.27 31.37 20.44
CA PHE A 262 2.69 31.28 20.15
C PHE A 262 2.89 30.56 18.82
N GLY A 263 3.68 31.17 17.93
CA GLY A 263 3.95 30.63 16.62
C GLY A 263 3.42 31.55 15.53
N PHE A 264 2.89 30.95 14.47
CA PHE A 264 2.51 31.70 13.27
C PHE A 264 1.43 32.72 13.58
N ALA A 265 1.67 33.96 13.18
CA ALA A 265 0.73 35.05 13.40
C ALA A 265 0.41 35.22 14.88
N GLY A 266 1.33 34.83 15.75
CA GLY A 266 1.14 34.88 17.19
C GLY A 266 1.45 36.26 17.74
N HIS A 267 1.45 36.37 19.07
CA HIS A 267 1.56 37.63 19.80
C HIS A 267 2.96 37.73 20.42
N GLN A 268 3.49 38.97 20.51
CA GLN A 268 4.88 39.21 20.95
C GLN A 268 5.06 38.84 22.40
N LYS A 269 3.92 38.80 23.09
CA LYS A 269 3.75 38.37 24.45
C LYS A 269 4.12 36.93 24.66
N ALA A 270 3.72 36.08 23.73
CA ALA A 270 3.97 34.65 23.79
C ALA A 270 5.37 34.34 23.32
N THR A 271 5.78 34.94 22.21
CA THR A 271 7.12 34.74 21.69
C THR A 271 8.17 35.15 22.72
N ASP A 272 8.03 36.35 23.30
CA ASP A 272 9.09 36.85 24.18
C ASP A 272 9.23 35.98 25.43
N TYR A 273 8.13 35.51 26.00
CA TYR A 273 8.23 34.72 27.23
C TYR A 273 8.88 33.37 26.95
N LEU A 274 8.49 32.73 25.85
CA LEU A 274 8.91 31.36 25.57
C LEU A 274 10.21 31.30 24.77
N LEU A 275 10.62 32.40 24.16
CA LEU A 275 11.84 32.43 23.38
C LEU A 275 12.88 33.36 23.92
N SER A 276 12.54 34.11 24.96
CA SER A 276 13.47 35.08 25.51
C SER A 276 14.63 34.33 26.01
N GLY A 277 14.37 33.35 26.85
CA GLY A 277 15.46 32.54 27.36
C GLY A 277 15.44 32.50 28.86
N ASP A 278 14.30 32.83 29.43
CA ASP A 278 14.19 32.89 30.86
C ASP A 278 13.22 31.88 31.44
N VAL A 279 12.68 31.01 30.62
CA VAL A 279 11.77 30.00 31.11
C VAL A 279 12.60 28.85 31.58
N ASP A 280 12.16 28.14 32.62
CA ASP A 280 12.92 27.01 33.13
C ASP A 280 12.11 25.73 33.08
N VAL A 281 10.82 25.87 33.04
CA VAL A 281 9.98 24.73 33.00
C VAL A 281 8.87 24.99 32.03
N LEU A 282 8.80 24.21 30.96
CA LEU A 282 7.77 24.38 29.96
C LEU A 282 6.89 23.18 29.88
N ILE A 283 5.60 23.36 29.97
CA ILE A 283 4.73 22.23 29.88
C ILE A 283 3.99 22.30 28.58
N VAL A 284 3.97 21.21 27.83
CA VAL A 284 3.30 21.23 26.58
C VAL A 284 2.19 20.26 26.70
N ILE A 285 0.97 20.73 26.52
CA ILE A 285 -0.19 19.88 26.61
C ILE A 285 -0.89 19.73 25.29
N GLY A 286 -0.83 18.59 24.63
CA GLY A 286 -1.56 18.43 23.39
C GLY A 286 -1.13 19.07 22.08
N SER A 287 0.08 19.54 21.94
CA SER A 287 0.48 20.02 20.66
C SER A 287 1.49 19.08 20.11
N SER A 288 1.55 19.00 18.80
CA SER A 288 2.46 18.12 18.09
C SER A 288 3.80 18.69 17.89
N LEU A 289 3.89 19.97 18.14
CA LEU A 289 5.08 20.72 17.97
C LEU A 289 5.62 20.66 16.59
N GLY A 290 4.76 20.95 15.61
CA GLY A 290 5.16 21.01 14.23
C GLY A 290 5.61 22.43 13.91
N ASP A 291 5.62 22.74 12.62
CA ASP A 291 6.26 23.96 12.16
C ASP A 291 5.62 25.20 12.77
N TRP A 292 4.38 25.42 12.41
CA TRP A 292 3.69 26.59 12.85
C TRP A 292 3.50 26.63 14.33
N GLN A 293 3.74 25.54 15.02
CA GLN A 293 3.56 25.56 16.46
C GLN A 293 4.80 25.96 17.16
N THR A 294 5.88 25.98 16.45
CA THR A 294 7.16 26.24 17.10
C THR A 294 8.11 27.19 16.39
N ASN A 295 7.65 28.10 15.55
CA ASN A 295 8.45 28.98 14.71
C ASN A 295 9.57 28.18 14.03
N SER A 296 9.15 27.31 13.13
CA SER A 296 10.05 26.37 12.45
C SER A 296 11.09 25.80 13.43
N TRP A 297 10.59 25.22 14.51
CA TRP A 297 11.43 24.47 15.44
C TRP A 297 12.62 25.30 15.90
N ASP A 298 12.33 26.51 16.35
CA ASP A 298 13.38 27.33 16.90
C ASP A 298 13.96 26.65 18.12
N PRO A 299 15.26 26.43 18.19
CA PRO A 299 15.83 25.76 19.37
C PRO A 299 15.66 26.59 20.63
N ARG A 300 15.37 27.89 20.52
CA ARG A 300 15.24 28.73 21.71
C ARG A 300 14.00 28.40 22.52
N LEU A 301 13.13 27.53 22.01
CA LEU A 301 11.97 27.13 22.77
C LEU A 301 12.30 26.14 23.88
N THR A 302 13.45 25.49 23.80
CA THR A 302 13.87 24.59 24.86
C THR A 302 13.96 25.30 26.20
N PRO A 303 13.35 24.76 27.25
CA PRO A 303 13.50 25.38 28.58
C PRO A 303 14.83 25.02 29.24
N SER A 304 15.20 25.85 30.22
CA SER A 304 16.50 25.71 30.87
C SER A 304 16.58 24.52 31.82
N VAL A 305 15.46 24.12 32.41
CA VAL A 305 15.44 23.10 33.46
C VAL A 305 14.77 21.82 32.98
N ALA A 306 13.49 21.90 32.61
CA ALA A 306 12.73 20.69 32.30
C ALA A 306 11.68 20.99 31.24
N LEU A 307 11.58 20.11 30.25
CA LEU A 307 10.47 20.14 29.30
C LEU A 307 9.55 18.97 29.59
N ILE A 308 8.28 19.27 29.87
CA ILE A 308 7.25 18.26 30.11
C ILE A 308 6.37 18.22 28.88
N GLN A 309 6.04 17.02 28.42
CA GLN A 309 5.16 16.85 27.26
C GLN A 309 4.06 15.86 27.61
N ILE A 310 2.81 16.27 27.41
CA ILE A 310 1.65 15.44 27.70
C ILE A 310 0.91 15.22 26.40
N ASP A 311 0.63 13.96 26.09
CA ASP A 311 0.05 13.66 24.78
C ASP A 311 -0.51 12.25 24.78
N ILE A 312 -1.72 12.10 24.22
CA ILE A 312 -2.36 10.79 24.22
C ILE A 312 -1.69 9.83 23.25
N ASP A 313 -0.93 10.34 22.27
CA ASP A 313 -0.24 9.46 21.34
C ASP A 313 1.23 9.38 21.73
N PRO A 314 1.74 8.18 22.06
CA PRO A 314 3.12 8.11 22.56
C PRO A 314 4.14 8.56 21.53
N MET A 315 3.86 8.36 20.25
CA MET A 315 4.87 8.60 19.23
C MET A 315 5.12 10.08 19.00
N GLU A 316 4.31 10.94 19.58
CA GLU A 316 4.52 12.38 19.50
C GLU A 316 5.46 12.91 20.58
N ILE A 317 5.70 12.13 21.63
CA ILE A 317 6.43 12.61 22.80
C ILE A 317 7.91 12.67 22.46
N GLY A 318 8.50 13.86 22.63
CA GLY A 318 9.91 14.10 22.34
C GLY A 318 10.32 14.04 20.88
N LYS A 319 9.38 14.15 19.95
CA LYS A 319 9.70 14.00 18.54
C LYS A 319 10.67 15.11 18.05
N ASN A 320 10.36 16.40 18.30
CA ASN A 320 11.23 17.46 17.81
C ASN A 320 11.99 18.19 18.90
N TYR A 321 11.68 17.97 20.18
CA TYR A 321 12.40 18.53 21.32
C TYR A 321 12.55 17.43 22.36
N PRO A 322 13.72 17.32 23.00
CA PRO A 322 13.90 16.32 24.04
C PRO A 322 13.07 16.65 25.26
N VAL A 323 12.40 15.65 25.80
CA VAL A 323 11.56 15.83 26.98
C VAL A 323 12.28 15.27 28.20
N ASP A 324 12.03 15.89 29.36
CA ASP A 324 12.49 15.40 30.64
C ASP A 324 11.42 14.59 31.35
N VAL A 325 10.15 14.91 31.11
CA VAL A 325 9.04 14.11 31.58
C VAL A 325 8.12 13.88 30.40
N GLY A 326 7.99 12.62 29.99
CA GLY A 326 7.10 12.29 28.91
C GLY A 326 5.91 11.49 29.40
N ILE A 327 4.75 12.14 29.49
CA ILE A 327 3.52 11.52 29.97
C ILE A 327 2.66 11.15 28.75
N ASN A 328 2.36 9.87 28.63
CA ASN A 328 1.43 9.34 27.65
C ASN A 328 0.09 9.19 28.36
N ALA A 329 -0.75 10.20 28.25
CA ALA A 329 -2.09 10.19 28.85
C ALA A 329 -3.00 11.21 28.25
N ASP A 330 -4.27 11.10 28.59
CA ASP A 330 -5.29 12.02 28.12
C ASP A 330 -5.05 13.31 28.82
N ALA A 331 -5.27 14.44 28.17
CA ALA A 331 -4.97 15.72 28.80
C ALA A 331 -5.93 16.09 29.93
N SER A 332 -7.18 15.61 29.87
CA SER A 332 -8.15 15.98 30.91
C SER A 332 -7.90 15.21 32.19
N GLU A 333 -7.53 13.94 32.06
CA GLU A 333 -7.23 13.13 33.25
C GLU A 333 -5.88 13.50 33.86
N THR A 334 -4.92 13.93 33.04
CA THR A 334 -3.66 14.42 33.59
C THR A 334 -3.87 15.70 34.37
N LEU A 335 -4.63 16.65 33.79
CA LEU A 335 -4.83 17.93 34.46
C LEU A 335 -5.65 17.77 35.75
N LYS A 336 -6.60 16.82 35.78
CA LYS A 336 -7.36 16.61 37.00
C LYS A 336 -6.49 16.00 38.10
N ALA A 337 -5.53 15.14 37.73
CA ALA A 337 -4.62 14.53 38.69
C ALA A 337 -3.61 15.53 39.23
N LEU A 338 -3.09 16.39 38.36
CA LEU A 338 -2.14 17.40 38.82
C LEU A 338 -2.80 18.39 39.76
N ILE A 339 -4.04 18.81 39.48
CA ILE A 339 -4.73 19.73 40.38
C ILE A 339 -5.01 19.05 41.72
N LEU A 340 -5.45 17.78 41.67
CA LEU A 340 -5.63 17.03 42.91
C LEU A 340 -4.35 16.85 43.66
N CYS A 341 -3.25 16.75 42.98
CA CYS A 341 -2.04 16.49 43.72
C CYS A 341 -1.38 17.75 44.25
N ILE A 342 -1.67 18.90 43.64
CA ILE A 342 -1.20 20.15 44.22
C ILE A 342 -2.17 20.72 45.27
N ARG A 343 -3.48 20.53 45.12
CA ARG A 343 -4.39 21.07 46.14
C ARG A 343 -4.34 20.23 47.41
N SER A 344 -4.29 18.89 47.28
CA SER A 344 -3.99 18.04 48.42
C SER A 344 -2.65 18.39 49.05
N SER A 345 -1.66 18.74 48.24
CA SER A 345 -0.40 19.26 48.76
C SER A 345 -0.64 20.38 49.77
N GLY A 346 -1.42 21.37 49.38
CA GLY A 346 -1.81 22.47 50.23
C GLY A 346 -0.89 23.68 50.29
N LYS A 347 0.32 23.62 49.76
CA LYS A 347 1.13 24.84 49.72
C LYS A 347 1.32 25.33 48.27
N GLY A 375 -9.82 48.76 -0.50
CA GLY A 375 -10.94 48.26 0.27
C GLY A 375 -10.82 48.54 1.76
N ILE A 376 -11.41 47.68 2.57
CA ILE A 376 -11.31 47.81 4.03
C ILE A 376 -10.05 47.11 4.49
N HIS A 377 -9.40 47.69 5.48
CA HIS A 377 -8.24 46.99 6.05
C HIS A 377 -8.76 45.86 6.92
N PRO A 378 -8.40 44.60 6.64
CA PRO A 378 -9.00 43.49 7.38
C PRO A 378 -8.86 43.63 8.90
N ALA A 379 -7.82 44.31 9.37
CA ALA A 379 -7.62 44.45 10.80
C ALA A 379 -8.85 45.08 11.48
N MET A 380 -9.51 46.02 10.82
CA MET A 380 -10.70 46.64 11.38
C MET A 380 -11.98 45.91 11.00
N VAL A 381 -11.89 44.90 10.12
CA VAL A 381 -13.06 44.07 9.85
C VAL A 381 -13.33 43.13 11.02
N VAL A 382 -12.30 42.51 11.55
CA VAL A 382 -12.57 41.61 12.66
C VAL A 382 -12.85 42.37 13.94
N GLU A 383 -12.47 43.64 13.98
CA GLU A 383 -12.76 44.44 15.17
C GLU A 383 -14.21 44.78 15.18
N ALA A 384 -14.76 44.97 14.01
CA ALA A 384 -16.15 45.25 13.91
C ALA A 384 -16.79 43.99 14.31
N MET A 385 -16.19 42.86 13.96
CA MET A 385 -16.78 41.57 14.32
C MET A 385 -16.75 41.32 15.83
N GLN A 386 -15.66 41.68 16.50
CA GLN A 386 -15.56 41.40 17.91
C GLN A 386 -16.42 42.35 18.73
N ASN A 387 -16.59 43.57 18.26
CA ASN A 387 -17.44 44.55 18.90
C ASN A 387 -18.91 44.23 18.75
N ARG A 388 -19.25 43.25 17.92
CA ARG A 388 -20.66 43.01 17.61
C ARG A 388 -21.08 41.55 17.75
N LEU A 389 -20.20 40.65 17.54
CA LEU A 389 -20.66 39.26 17.63
C LEU A 389 -20.82 38.84 19.10
N PRO A 390 -21.93 38.14 19.44
CA PRO A 390 -22.10 37.66 20.82
C PRO A 390 -20.88 36.90 21.36
N ALA A 391 -20.78 36.77 22.69
CA ALA A 391 -19.63 36.12 23.30
C ALA A 391 -19.55 34.65 22.94
N ASP A 392 -20.70 34.00 22.74
CA ASP A 392 -20.75 32.57 22.49
C ASP A 392 -20.59 32.22 21.01
N THR A 393 -20.17 33.18 20.18
CA THR A 393 -20.04 32.86 18.76
C THR A 393 -18.89 31.89 18.53
N ILE A 394 -19.18 30.83 17.79
CA ILE A 394 -18.17 29.91 17.29
C ILE A 394 -17.66 30.48 15.97
N LEU A 395 -16.37 30.81 15.92
CA LEU A 395 -15.75 31.43 14.75
C LEU A 395 -14.98 30.38 13.93
N PHE A 396 -15.43 30.12 12.70
CA PHE A 396 -14.68 29.30 11.75
C PHE A 396 -13.80 30.21 10.89
N VAL A 397 -12.59 29.76 10.67
CA VAL A 397 -11.64 30.44 9.84
C VAL A 397 -11.10 29.48 8.80
N ASP A 398 -10.95 29.92 7.58
CA ASP A 398 -10.43 29.11 6.50
C ASP A 398 -8.94 29.37 6.34
N ASN A 399 -8.35 28.88 5.27
CA ASN A 399 -6.94 29.06 5.07
C ASN A 399 -6.67 30.09 4.01
N GLY A 400 -5.68 30.90 4.25
CA GLY A 400 -5.42 32.11 3.52
C GLY A 400 -5.09 33.22 4.51
N SER A 401 -5.11 34.44 4.11
CA SER A 401 -4.82 35.54 4.98
C SER A 401 -5.75 35.60 6.16
N CYS A 402 -6.94 35.03 6.05
CA CYS A 402 -7.83 35.01 7.20
C CYS A 402 -7.19 34.32 8.41
N ILE A 403 -6.23 33.42 8.17
CA ILE A 403 -5.54 32.79 9.29
C ILE A 403 -4.72 33.82 10.07
N ASN A 404 -3.99 34.69 9.36
CA ASN A 404 -3.24 35.74 10.05
C ASN A 404 -4.18 36.68 10.78
N TRP A 405 -5.28 37.07 10.14
CA TRP A 405 -6.22 37.98 10.78
C TRP A 405 -6.96 37.29 11.93
N GLY A 406 -7.46 36.08 11.71
CA GLY A 406 -8.21 35.39 12.74
C GLY A 406 -7.34 35.05 13.95
N VAL A 407 -6.19 34.43 13.70
CA VAL A 407 -5.33 34.01 14.80
C VAL A 407 -4.75 35.22 15.53
N HIS A 408 -4.44 36.29 14.80
CA HIS A 408 -3.75 37.41 15.45
C HIS A 408 -4.71 38.41 16.09
N CYS A 409 -5.73 38.84 15.36
CA CYS A 409 -6.49 40.00 15.76
C CYS A 409 -7.79 39.68 16.44
N TYR A 410 -8.29 38.45 16.27
CA TYR A 410 -9.50 38.06 16.92
C TYR A 410 -9.15 37.62 18.33
N LEU A 411 -9.94 38.03 19.30
CA LEU A 411 -9.78 37.58 20.67
C LEU A 411 -10.89 36.57 20.93
N ALA A 412 -10.50 35.36 21.33
CA ALA A 412 -11.44 34.27 21.61
C ALA A 412 -11.52 34.08 23.13
N GLN A 413 -12.68 34.37 23.73
CA GLN A 413 -12.84 34.14 25.15
C GLN A 413 -13.58 32.85 25.49
N THR A 414 -14.35 32.29 24.55
CA THR A 414 -15.12 31.11 24.88
C THR A 414 -14.36 29.84 24.49
N PRO A 415 -14.37 28.83 25.35
CA PRO A 415 -13.60 27.59 25.07
C PRO A 415 -14.13 26.86 23.85
N GLY A 416 -13.24 26.59 22.89
CA GLY A 416 -13.58 25.88 21.66
C GLY A 416 -14.35 26.67 20.62
N ALA A 417 -14.48 27.99 20.81
CA ALA A 417 -15.26 28.85 19.95
C ALA A 417 -14.50 29.32 18.71
N PHE A 418 -13.28 28.82 18.50
CA PHE A 418 -12.45 29.12 17.34
C PHE A 418 -12.18 27.82 16.63
N GLN A 419 -12.64 27.70 15.38
CA GLN A 419 -12.50 26.47 14.60
C GLN A 419 -11.66 26.75 13.36
N ILE A 420 -10.46 26.24 13.33
CA ILE A 420 -9.63 26.46 12.20
C ILE A 420 -8.90 25.16 11.97
N GLY A 421 -8.86 24.69 10.74
CA GLY A 421 -8.18 23.45 10.46
C GLY A 421 -6.78 23.68 9.96
N LEU A 422 -5.83 23.73 10.88
CA LEU A 422 -4.47 24.02 10.51
C LEU A 422 -3.55 22.83 10.32
N GLY A 423 -4.04 21.65 10.59
CA GLY A 423 -3.34 20.39 10.43
C GLY A 423 -2.97 20.14 8.98
N LEU A 424 -3.98 20.26 8.10
CA LEU A 424 -3.81 20.17 6.65
C LEU A 424 -3.93 21.52 5.97
N ALA A 425 -4.59 22.48 6.64
CA ALA A 425 -4.81 23.83 6.13
C ALA A 425 -5.41 23.76 4.73
N ALA A 426 -6.43 22.92 4.56
CA ALA A 426 -7.13 22.82 3.28
C ALA A 426 -8.03 24.02 3.04
N MET A 427 -7.82 24.67 1.92
CA MET A 427 -8.70 25.73 1.44
C MET A 427 -10.13 25.24 1.32
N GLY A 428 -11.08 26.06 1.79
CA GLY A 428 -12.49 25.73 1.69
C GLY A 428 -13.04 24.94 2.84
N HIS A 429 -12.17 24.46 3.72
CA HIS A 429 -12.57 23.71 4.91
C HIS A 429 -13.62 24.47 5.75
N ALA A 430 -13.32 25.71 6.16
CA ALA A 430 -14.27 26.43 7.03
C ALA A 430 -15.57 26.75 6.29
N VAL A 431 -15.50 26.92 4.97
CA VAL A 431 -16.69 27.24 4.19
C VAL A 431 -17.78 26.21 4.43
N ALA A 432 -17.45 24.93 4.32
CA ALA A 432 -18.47 23.90 4.52
C ALA A 432 -18.58 23.43 5.97
N ALA A 433 -17.44 23.36 6.68
CA ALA A 433 -17.45 22.86 8.05
C ALA A 433 -18.39 23.66 8.95
N ALA A 434 -18.49 24.99 8.77
CA ALA A 434 -19.30 25.80 9.67
C ALA A 434 -20.79 25.38 9.64
N ILE A 435 -21.26 24.87 8.50
CA ILE A 435 -22.62 24.34 8.42
C ILE A 435 -22.78 23.14 9.34
N GLY A 436 -21.78 22.25 9.36
CA GLY A 436 -21.77 21.16 10.33
C GLY A 436 -21.67 21.66 11.76
N GLY A 437 -20.86 22.71 11.98
CA GLY A 437 -20.77 23.29 13.30
C GLY A 437 -22.09 23.85 13.79
N LYS A 438 -22.87 24.45 12.90
CA LYS A 438 -24.10 25.01 13.42
C LYS A 438 -25.19 23.96 13.58
N LEU A 439 -25.09 22.84 12.87
CA LEU A 439 -26.03 21.76 13.14
C LEU A 439 -25.77 21.14 14.49
N ALA A 440 -24.52 21.20 14.96
CA ALA A 440 -24.09 20.65 16.23
C ALA A 440 -24.32 21.59 17.40
N ALA A 441 -24.41 22.87 17.14
CA ALA A 441 -24.60 23.90 18.17
C ALA A 441 -25.71 24.82 17.71
N PRO A 442 -26.93 24.29 17.57
CA PRO A 442 -27.99 25.08 16.93
C PRO A 442 -28.32 26.37 17.65
N ASP A 443 -28.05 26.53 18.94
CA ASP A 443 -28.63 27.72 19.52
C ASP A 443 -27.52 28.73 19.85
N ARG A 444 -26.31 28.57 19.22
CA ARG A 444 -25.17 29.48 19.28
C ARG A 444 -24.89 30.12 17.92
N PRO A 445 -24.38 31.35 17.90
CA PRO A 445 -24.00 32.00 16.63
C PRO A 445 -22.77 31.38 15.99
N VAL A 446 -22.83 31.15 14.68
CA VAL A 446 -21.65 30.65 13.95
C VAL A 446 -21.41 31.51 12.72
N VAL A 447 -20.15 31.93 12.58
CA VAL A 447 -19.66 32.85 11.57
C VAL A 447 -18.40 32.21 10.98
N ALA A 448 -18.26 32.28 9.66
CA ALA A 448 -17.08 31.79 8.95
C ALA A 448 -16.39 32.99 8.30
N LEU A 449 -15.07 33.10 8.51
CA LEU A 449 -14.28 34.17 7.90
C LEU A 449 -13.33 33.52 6.87
N VAL A 450 -13.60 33.76 5.58
CA VAL A 450 -12.95 32.99 4.52
C VAL A 450 -12.43 33.94 3.44
N GLY A 451 -11.43 33.47 2.70
CA GLY A 451 -10.96 34.19 1.53
C GLY A 451 -11.80 33.89 0.28
N ASP A 452 -11.58 34.72 -0.75
CA ASP A 452 -12.41 34.61 -1.95
C ASP A 452 -12.07 33.36 -2.77
N ALA A 453 -10.79 33.00 -2.86
CA ALA A 453 -10.43 31.77 -3.57
C ALA A 453 -10.90 30.53 -2.81
N ALA A 454 -10.87 30.59 -1.47
CA ALA A 454 -11.39 29.49 -0.68
C ALA A 454 -12.88 29.29 -0.93
N PHE A 455 -13.64 30.38 -1.01
CA PHE A 455 -15.07 30.26 -1.25
C PHE A 455 -15.35 29.74 -2.66
N ALA A 456 -14.51 30.11 -3.63
CA ALA A 456 -14.67 29.56 -4.97
C ALA A 456 -14.55 28.02 -5.04
N MET A 457 -13.85 27.34 -4.12
CA MET A 457 -13.87 25.88 -4.26
C MET A 457 -15.04 25.21 -3.56
N ASN A 458 -15.47 25.73 -2.44
CA ASN A 458 -16.54 25.05 -1.74
C ASN A 458 -17.66 25.95 -1.39
N GLY A 459 -17.72 27.07 -2.08
CA GLY A 459 -18.70 28.10 -1.89
C GLY A 459 -20.12 27.70 -2.15
N MET A 460 -20.34 26.73 -3.01
CA MET A 460 -21.64 26.24 -3.34
C MET A 460 -22.36 25.40 -2.35
N GLU A 461 -21.81 25.29 -1.15
CA GLU A 461 -22.43 24.51 -0.09
C GLU A 461 -23.45 25.37 0.63
N ILE A 462 -23.35 26.69 0.44
CA ILE A 462 -24.27 27.60 1.07
C ILE A 462 -25.62 27.29 0.52
N HIS A 463 -25.69 26.72 -0.66
CA HIS A 463 -26.99 26.28 -1.11
C HIS A 463 -27.56 25.25 -0.14
N THR A 464 -26.69 24.40 0.43
CA THR A 464 -27.17 23.41 1.38
C THR A 464 -27.73 24.09 2.63
N ALA A 465 -27.06 25.15 3.09
CA ALA A 465 -27.57 25.90 4.24
C ALA A 465 -28.92 26.54 3.92
N ALA A 466 -29.06 27.12 2.73
CA ALA A 466 -30.35 27.68 2.32
C ALA A 466 -31.42 26.60 2.24
N GLU A 467 -31.03 25.41 1.79
CA GLU A 467 -31.99 24.31 1.64
C GLU A 467 -32.55 23.86 2.99
N TYR A 468 -31.68 23.69 3.98
CA TYR A 468 -32.06 23.18 5.28
C TYR A 468 -32.20 24.28 6.29
N LYS A 469 -32.07 25.52 5.89
CA LYS A 469 -32.50 26.56 6.79
C LYS A 469 -31.55 26.60 7.99
N ILE A 470 -30.26 26.60 7.65
CA ILE A 470 -29.14 26.66 8.58
C ILE A 470 -28.52 28.06 8.64
N PRO A 471 -28.79 28.83 9.68
CA PRO A 471 -28.30 30.22 9.75
C PRO A 471 -26.82 30.30 10.08
N VAL A 472 -26.03 30.49 9.04
CA VAL A 472 -24.59 30.72 9.14
C VAL A 472 -24.28 32.03 8.44
N THR A 473 -23.31 32.76 8.96
CA THR A 473 -22.89 34.01 8.37
C THR A 473 -21.48 33.87 7.79
N TRP A 474 -21.37 33.98 6.47
CA TRP A 474 -20.07 33.95 5.80
C TRP A 474 -19.58 35.38 5.57
N ILE A 475 -18.34 35.62 5.97
CA ILE A 475 -17.63 36.89 5.76
C ILE A 475 -16.52 36.58 4.76
N VAL A 476 -16.72 36.96 3.52
CA VAL A 476 -15.76 36.65 2.46
C VAL A 476 -14.83 37.85 2.32
N LEU A 477 -13.56 37.65 2.61
CA LEU A 477 -12.57 38.69 2.35
C LEU A 477 -12.18 38.57 0.88
N ASN A 478 -12.89 39.29 0.03
CA ASN A 478 -12.69 39.19 -1.41
C ASN A 478 -11.63 40.22 -1.79
N ASN A 479 -10.38 39.76 -1.93
CA ASN A 479 -9.29 40.59 -2.43
C ASN A 479 -8.99 40.30 -3.90
N GLY A 480 -9.83 39.50 -4.55
CA GLY A 480 -9.70 39.24 -5.96
C GLY A 480 -8.55 38.33 -6.35
N GLY A 481 -8.42 37.21 -5.65
CA GLY A 481 -7.45 36.20 -5.99
C GLY A 481 -6.77 35.65 -4.75
N HIS A 482 -5.59 35.10 -4.97
CA HIS A 482 -4.87 34.32 -3.96
C HIS A 482 -3.91 35.27 -3.23
N GLY A 483 -4.41 35.85 -2.13
CA GLY A 483 -3.69 36.86 -1.37
C GLY A 483 -2.26 36.51 -1.00
N LEU A 484 -2.06 35.43 -0.24
CA LEU A 484 -0.72 35.18 0.26
C LEU A 484 0.23 34.75 -0.85
N VAL A 485 -0.26 34.05 -1.87
CA VAL A 485 0.62 33.70 -2.97
C VAL A 485 1.10 34.94 -3.70
N HIS A 486 0.19 35.92 -3.88
CA HIS A 486 0.61 37.21 -4.42
C HIS A 486 1.65 37.85 -3.53
N LEU A 487 1.57 37.62 -2.22
CA LEU A 487 2.55 38.18 -1.30
C LEU A 487 3.86 37.44 -1.44
N PHE A 488 3.79 36.16 -1.79
CA PHE A 488 5.01 35.41 -2.06
C PHE A 488 5.69 35.92 -3.30
N GLU A 489 4.91 36.21 -4.33
CA GLU A 489 5.50 36.74 -5.55
C GLU A 489 6.29 37.99 -5.23
N GLN A 490 5.67 38.96 -4.55
CA GLN A 490 6.39 40.18 -4.23
C GLN A 490 7.58 39.89 -3.34
N HIS A 491 7.38 39.06 -2.32
CA HIS A 491 8.36 38.88 -1.26
C HIS A 491 9.28 37.68 -1.49
N GLN A 492 9.10 36.89 -2.58
CA GLN A 492 10.07 35.88 -3.04
C GLN A 492 10.24 35.68 -4.54
N PHE A 493 9.53 36.37 -5.38
CA PHE A 493 9.92 36.23 -6.76
C PHE A 493 9.89 37.61 -7.33
N ASP A 494 9.93 38.61 -6.47
CA ASP A 494 9.96 40.03 -6.86
C ASP A 494 9.03 40.41 -7.96
N SER A 495 7.88 39.74 -7.93
CA SER A 495 6.80 39.90 -8.89
C SER A 495 7.23 39.64 -10.30
N LYS A 496 8.06 38.65 -10.49
CA LYS A 496 8.47 38.36 -11.80
C LYS A 496 7.25 37.81 -12.46
N PHE A 497 6.31 37.28 -11.68
CA PHE A 497 5.10 36.77 -12.27
C PHE A 497 3.90 37.00 -11.39
N ASP A 498 2.74 36.86 -11.98
CA ASP A 498 1.48 36.98 -11.25
C ASP A 498 0.62 35.76 -11.58
N ILE A 499 0.45 34.88 -10.59
CA ILE A 499 -0.45 33.74 -10.66
C ILE A 499 -1.55 33.87 -9.62
N SER A 500 -1.71 35.07 -9.07
CA SER A 500 -2.47 35.31 -7.85
C SER A 500 -3.77 36.06 -8.07
N SER A 501 -3.78 37.18 -8.77
CA SER A 501 -5.06 37.87 -8.93
C SER A 501 -5.77 37.50 -10.23
N PHE A 502 -7.09 37.54 -10.06
CA PHE A 502 -8.10 37.31 -11.04
C PHE A 502 -8.29 38.58 -11.80
N ARG A 503 -8.79 38.49 -13.02
CA ARG A 503 -8.96 39.68 -13.81
C ARG A 503 -10.24 40.36 -13.41
N LYS A 504 -11.15 39.57 -12.89
CA LYS A 504 -12.49 39.97 -12.46
C LYS A 504 -12.72 39.36 -11.09
N SER A 505 -12.75 40.20 -10.06
CA SER A 505 -13.19 39.75 -8.75
C SER A 505 -14.49 38.99 -8.93
N ILE A 506 -14.66 37.91 -8.18
CA ILE A 506 -15.98 37.28 -8.21
C ILE A 506 -16.95 38.12 -7.39
N ASP A 507 -18.19 38.12 -7.84
CA ASP A 507 -19.26 38.83 -7.15
C ASP A 507 -20.01 37.80 -6.30
N PHE A 508 -19.67 37.77 -5.01
CA PHE A 508 -20.26 36.79 -4.12
C PHE A 508 -21.67 37.14 -3.66
N CYS A 509 -22.14 38.38 -3.86
CA CYS A 509 -23.55 38.61 -3.51
C CYS A 509 -24.47 38.11 -4.61
N LYS A 510 -24.06 38.24 -5.86
CA LYS A 510 -24.79 37.58 -6.92
C LYS A 510 -24.69 36.08 -6.79
N MET A 511 -23.54 35.58 -6.37
CA MET A 511 -23.45 34.15 -6.18
C MET A 511 -24.37 33.71 -5.05
N ALA A 512 -24.42 34.48 -3.97
CA ALA A 512 -25.32 34.14 -2.88
C ALA A 512 -26.78 34.14 -3.33
N GLU A 513 -27.12 35.16 -4.08
CA GLU A 513 -28.47 35.32 -4.48
C GLU A 513 -28.99 34.26 -5.33
N SER A 514 -28.16 33.69 -6.16
CA SER A 514 -28.59 32.64 -7.05
C SER A 514 -28.76 31.32 -6.40
N LEU A 515 -28.28 31.23 -5.19
CA LEU A 515 -28.33 30.02 -4.44
C LEU A 515 -29.34 30.15 -3.37
N GLY A 516 -29.94 31.32 -3.26
CA GLY A 516 -30.97 31.54 -2.28
C GLY A 516 -30.50 32.00 -0.94
N VAL A 517 -29.49 32.82 -0.91
CA VAL A 517 -29.00 33.27 0.37
C VAL A 517 -28.95 34.78 0.44
N LYS A 518 -29.32 35.35 1.57
CA LYS A 518 -29.27 36.78 1.66
C LYS A 518 -27.85 37.25 1.71
N SER A 519 -27.56 38.37 1.10
CA SER A 519 -26.23 38.84 1.09
C SER A 519 -26.13 40.32 1.20
N TYR A 520 -24.94 40.78 1.49
CA TYR A 520 -24.63 42.16 1.64
C TYR A 520 -23.24 42.38 1.13
N ARG A 521 -22.99 43.55 0.56
CA ARG A 521 -21.67 43.92 0.07
C ARG A 521 -21.17 45.00 1.00
N ALA A 522 -19.85 45.08 1.22
CA ALA A 522 -19.37 46.10 2.15
C ALA A 522 -18.18 46.81 1.50
N GLU A 523 -18.23 48.12 1.38
CA GLU A 523 -17.07 48.82 0.87
C GLU A 523 -16.50 49.75 1.94
N THR A 524 -17.26 49.92 2.99
CA THR A 524 -16.89 50.75 4.09
C THR A 524 -16.83 49.89 5.32
N VAL A 525 -16.37 50.49 6.40
CA VAL A 525 -16.31 49.79 7.64
C VAL A 525 -17.70 49.75 8.22
N GLU A 526 -18.46 50.81 7.96
CA GLU A 526 -19.80 50.90 8.49
C GLU A 526 -20.81 50.07 7.79
N ASP A 527 -20.60 49.79 6.53
CA ASP A 527 -21.56 48.96 5.87
C ASP A 527 -21.31 47.60 6.45
N PHE A 528 -20.07 47.34 6.79
CA PHE A 528 -19.78 46.03 7.36
C PHE A 528 -20.51 45.87 8.70
N ASP A 529 -20.46 46.90 9.54
CA ASP A 529 -21.09 46.79 10.85
C ASP A 529 -22.61 46.68 10.69
N ALA A 530 -23.19 47.45 9.77
CA ALA A 530 -24.62 47.32 9.47
C ALA A 530 -24.96 45.96 8.89
N ALA A 531 -24.14 45.47 7.95
CA ALA A 531 -24.37 44.16 7.37
C ALA A 531 -24.28 43.06 8.43
N LEU A 532 -23.26 43.10 9.29
CA LEU A 532 -23.06 42.03 10.25
C LEU A 532 -24.17 41.99 11.28
N LYS A 533 -24.73 43.16 11.60
CA LYS A 533 -25.74 43.24 12.63
C LYS A 533 -27.09 42.88 12.07
N GLY A 534 -27.25 43.08 10.77
CA GLY A 534 -28.38 42.50 10.09
C GLY A 534 -28.25 41.01 9.98
N ALA A 535 -27.05 40.52 9.66
CA ALA A 535 -26.88 39.08 9.47
C ALA A 535 -27.33 38.33 10.71
N LEU A 536 -26.86 38.75 11.86
CA LEU A 536 -27.18 38.05 13.09
C LEU A 536 -28.60 38.06 13.53
N ALA A 537 -29.36 39.01 13.06
CA ALA A 537 -30.72 39.10 13.49
C ALA A 537 -31.62 38.27 12.71
N MET A 538 -31.23 38.00 11.48
CA MET A 538 -32.08 37.28 10.54
C MET A 538 -32.37 35.81 10.71
N ASN A 539 -31.53 35.08 11.40
CA ASN A 539 -31.72 33.65 11.57
C ASN A 539 -31.94 32.85 10.32
N THR A 540 -31.19 33.23 9.30
CA THR A 540 -31.11 32.54 8.04
C THR A 540 -29.67 32.64 7.56
N PRO A 541 -29.28 31.81 6.58
CA PRO A 541 -27.93 31.89 6.05
C PRO A 541 -27.67 33.29 5.55
N CYS A 542 -26.42 33.72 5.61
CA CYS A 542 -26.15 35.03 5.04
C CYS A 542 -24.67 35.15 4.70
N LEU A 543 -24.40 35.96 3.69
CA LEU A 543 -23.04 36.17 3.18
C LEU A 543 -22.77 37.66 3.11
N ILE A 544 -21.57 38.06 3.53
CA ILE A 544 -21.15 39.46 3.52
C ILE A 544 -19.88 39.53 2.70
N ASP A 545 -19.93 40.21 1.57
CA ASP A 545 -18.80 40.26 0.65
C ASP A 545 -18.01 41.53 0.93
N VAL A 546 -16.81 41.36 1.50
CA VAL A 546 -16.00 42.47 1.98
C VAL A 546 -14.88 42.72 0.97
N GLN A 547 -14.80 43.96 0.47
CA GLN A 547 -13.71 44.31 -0.42
C GLN A 547 -12.45 44.60 0.38
N VAL A 548 -11.36 43.93 -0.01
CA VAL A 548 -10.10 43.96 0.70
C VAL A 548 -8.97 44.14 -0.30
N ASP A 549 -7.98 44.94 0.06
CA ASP A 549 -6.81 45.15 -0.78
C ASP A 549 -5.91 43.94 -0.68
N ILE A 550 -5.49 43.39 -1.84
CA ILE A 550 -4.70 42.17 -1.85
C ILE A 550 -3.24 42.38 -1.53
N ASP A 551 -2.78 43.63 -1.42
CA ASP A 551 -1.38 43.91 -1.12
C ASP A 551 -1.16 44.17 0.37
N VAL A 552 -2.22 44.17 1.17
CA VAL A 552 -2.09 44.32 2.61
C VAL A 552 -1.31 43.15 3.16
N LEU A 553 -0.29 43.46 3.95
CA LEU A 553 0.56 42.46 4.57
C LEU A 553 -0.04 41.96 5.88
N PRO A 554 -0.56 40.73 5.94
CA PRO A 554 -1.21 40.25 7.17
C PRO A 554 -0.18 40.09 8.28
N PRO A 555 -0.60 40.08 9.54
CA PRO A 555 0.37 39.98 10.64
C PRO A 555 1.05 38.61 10.64
N GLY A 556 2.34 38.61 10.95
CA GLY A 556 3.12 37.40 11.03
C GLY A 556 3.60 36.86 9.71
N MET A 557 3.41 37.64 8.67
CA MET A 557 3.89 37.21 7.39
C MET A 557 5.28 37.79 7.21
N LYS A 558 5.58 38.87 7.87
CA LYS A 558 6.89 39.47 7.77
C LYS A 558 7.82 38.56 8.48
N GLN A 559 7.41 38.11 9.64
CA GLN A 559 8.19 37.22 10.47
C GLN A 559 8.64 36.01 9.70
N ARG A 560 7.71 35.36 9.00
CA ARG A 560 7.95 34.14 8.24
C ARG A 560 8.78 34.20 7.00
N PHE A 561 9.24 35.36 6.59
CA PHE A 561 10.07 35.47 5.44
C PHE A 561 11.52 35.56 5.88
N ASP A 562 12.35 34.78 5.22
CA ASP A 562 13.79 34.75 5.43
C ASP A 562 14.54 34.13 4.25
N LYS B 5 31.53 18.48 16.30
CA LYS B 5 32.03 17.13 16.43
C LYS B 5 31.21 16.21 15.54
N THR B 6 31.84 15.40 14.71
CA THR B 6 31.04 14.60 13.81
C THR B 6 31.46 13.19 13.39
N VAL B 7 30.48 12.30 13.29
CA VAL B 7 30.74 10.97 12.77
C VAL B 7 29.80 10.66 11.63
N THR B 8 29.98 9.53 11.01
CA THR B 8 29.21 9.19 9.86
C THR B 8 27.85 8.84 10.30
N ALA B 9 26.88 9.04 9.41
CA ALA B 9 25.47 8.78 9.69
C ALA B 9 25.20 7.45 10.26
N VAL B 10 25.79 6.42 9.71
CA VAL B 10 25.58 5.11 10.24
C VAL B 10 26.26 4.91 11.57
N GLU B 11 27.32 5.63 11.86
CA GLU B 11 27.89 5.50 13.15
C GLU B 11 26.92 6.07 14.14
N LEU B 12 26.31 7.20 13.83
CA LEU B 12 25.37 7.81 14.75
C LEU B 12 24.25 6.83 15.09
N LEU B 13 23.79 6.07 14.09
CA LEU B 13 22.82 5.01 14.34
C LEU B 13 23.35 4.01 15.35
N VAL B 14 24.59 3.56 15.18
CA VAL B 14 25.16 2.59 16.11
C VAL B 14 25.18 3.18 17.52
N ARG B 15 25.70 4.40 17.67
CA ARG B 15 25.87 4.99 19.00
C ARG B 15 24.52 5.16 19.69
N GLN B 16 23.48 5.46 18.91
CA GLN B 16 22.13 5.59 19.48
C GLN B 16 21.59 4.23 19.91
N MET B 17 21.88 3.18 19.16
CA MET B 17 21.44 1.88 19.60
C MET B 17 22.12 1.49 20.92
N GLU B 18 23.41 1.81 21.07
CA GLU B 18 24.09 1.51 22.33
C GLU B 18 23.33 2.09 23.51
N ALA B 19 22.86 3.34 23.38
CA ALA B 19 22.20 4.01 24.49
C ALA B 19 20.93 3.29 24.91
N GLU B 20 20.29 2.58 23.98
CA GLU B 20 19.09 1.81 24.23
C GLU B 20 19.42 0.42 24.73
N GLY B 21 20.70 0.16 25.01
CA GLY B 21 21.21 -1.08 25.58
C GLY B 21 21.37 -2.24 24.63
N VAL B 22 21.24 -2.04 23.32
CA VAL B 22 21.38 -3.16 22.39
C VAL B 22 22.82 -3.67 22.45
N SER B 23 23.01 -4.99 22.61
CA SER B 23 24.38 -5.48 22.65
C SER B 23 24.73 -6.39 21.47
N TYR B 24 23.75 -6.76 20.65
CA TYR B 24 24.01 -7.66 19.55
C TYR B 24 23.24 -7.19 18.33
N VAL B 25 23.81 -7.46 17.16
CA VAL B 25 23.10 -7.28 15.89
C VAL B 25 23.21 -8.58 15.13
N PHE B 26 22.08 -9.22 14.89
CA PHE B 26 22.04 -10.49 14.18
C PHE B 26 21.70 -10.25 12.71
N GLY B 27 22.43 -10.89 11.81
CA GLY B 27 22.13 -10.73 10.40
C GLY B 27 23.24 -11.27 9.53
N ILE B 28 23.11 -11.03 8.23
CA ILE B 28 24.10 -11.47 7.26
C ILE B 28 24.49 -10.26 6.42
N PRO B 29 25.77 -9.99 6.26
CA PRO B 29 26.21 -8.76 5.57
C PRO B 29 25.96 -8.80 4.08
N GLY B 30 26.25 -7.66 3.47
CA GLY B 30 26.15 -7.48 2.04
C GLY B 30 26.88 -6.21 1.66
N GLY B 31 27.17 -6.09 0.37
CA GLY B 31 27.89 -4.96 -0.16
C GLY B 31 27.40 -3.63 0.37
N PRO B 32 26.12 -3.34 0.14
CA PRO B 32 25.59 -2.03 0.58
C PRO B 32 25.45 -1.90 2.09
N LEU B 33 25.47 -3.01 2.82
CA LEU B 33 25.37 -3.07 4.27
C LEU B 33 26.73 -3.05 4.97
N MET B 34 27.82 -3.00 4.21
CA MET B 34 29.14 -3.10 4.82
C MET B 34 29.57 -1.89 5.64
N PRO B 35 29.10 -0.68 5.34
CA PRO B 35 29.40 0.44 6.26
C PRO B 35 28.88 0.20 7.67
N LEU B 36 27.72 -0.43 7.80
CA LEU B 36 27.17 -0.70 9.12
C LEU B 36 28.09 -1.59 9.95
N TYR B 37 28.57 -2.69 9.34
CA TYR B 37 29.48 -3.59 10.05
C TYR B 37 30.81 -2.92 10.36
N GLU B 38 31.35 -2.13 9.43
CA GLU B 38 32.54 -1.33 9.74
C GLU B 38 32.27 -0.43 10.94
N ALA B 39 31.05 0.12 11.03
CA ALA B 39 30.68 0.98 12.14
C ALA B 39 30.50 0.18 13.43
N ILE B 40 29.93 -1.02 13.34
CA ILE B 40 29.72 -1.84 14.53
C ILE B 40 31.06 -2.26 15.13
N PHE B 41 31.98 -2.73 14.29
CA PHE B 41 33.32 -3.06 14.76
C PHE B 41 34.10 -1.83 15.17
N SER B 42 33.73 -0.65 14.73
CA SER B 42 34.50 0.50 15.13
C SER B 42 34.11 0.93 16.51
N ARG B 43 33.26 0.18 17.19
CA ARG B 43 32.77 0.67 18.49
C ARG B 43 32.88 -0.15 19.74
N LYS B 44 33.53 -1.29 19.66
CA LYS B 44 33.76 -2.12 20.83
C LYS B 44 32.60 -2.57 21.73
N LYS B 45 31.41 -1.99 21.65
CA LYS B 45 30.36 -2.48 22.56
C LYS B 45 29.25 -3.26 21.95
N ILE B 46 28.99 -3.09 20.68
CA ILE B 46 27.93 -3.87 20.08
C ILE B 46 28.63 -5.04 19.41
N GLN B 47 28.11 -6.23 19.51
CA GLN B 47 28.78 -7.38 18.92
C GLN B 47 27.89 -7.94 17.83
N PRO B 48 28.40 -8.18 16.61
CA PRO B 48 27.56 -8.71 15.55
C PRO B 48 27.61 -10.23 15.52
N ILE B 49 26.45 -10.84 15.24
CA ILE B 49 26.31 -12.29 15.17
C ILE B 49 26.01 -12.65 13.73
N LEU B 50 26.95 -13.33 13.07
CA LEU B 50 26.73 -13.77 11.70
C LEU B 50 25.94 -15.08 11.71
N THR B 51 24.74 -15.04 11.15
CA THR B 51 23.88 -16.19 11.13
C THR B 51 23.90 -16.84 9.74
N LYS B 52 23.16 -17.96 9.61
CA LYS B 52 23.12 -18.73 8.39
C LYS B 52 21.92 -18.38 7.49
N HIS B 53 20.97 -17.61 8.02
CA HIS B 53 19.77 -17.18 7.30
C HIS B 53 19.18 -15.96 7.99
N GLU B 54 18.67 -15.00 7.19
CA GLU B 54 18.13 -13.78 7.76
C GLU B 54 16.83 -14.02 8.52
N GLU B 55 16.11 -15.10 8.21
CA GLU B 55 14.94 -15.41 9.02
C GLU B 55 15.37 -15.81 10.43
N GLY B 56 16.46 -16.58 10.52
CA GLY B 56 17.04 -16.93 11.81
C GLY B 56 17.59 -15.71 12.53
N ALA B 57 18.20 -14.80 11.78
CA ALA B 57 18.66 -13.56 12.41
C ALA B 57 17.50 -12.79 13.01
N ALA B 58 16.39 -12.67 12.27
CA ALA B 58 15.23 -11.97 12.82
C ALA B 58 14.64 -12.72 14.01
N PHE B 59 14.58 -14.05 13.94
CA PHE B 59 14.12 -14.85 15.08
C PHE B 59 14.99 -14.61 16.31
N MET B 60 16.32 -14.62 16.12
CA MET B 60 17.23 -14.38 17.23
C MET B 60 16.99 -13.00 17.83
N ALA B 61 16.73 -12.01 16.97
CA ALA B 61 16.41 -10.68 17.45
C ALA B 61 15.15 -10.70 18.30
N GLU B 62 14.13 -11.43 17.85
CA GLU B 62 12.90 -11.58 18.63
C GLU B 62 13.15 -12.30 19.95
N GLY B 63 13.93 -13.39 19.91
CA GLY B 63 14.23 -14.11 21.14
C GLY B 63 15.00 -13.27 22.14
N TYR B 64 16.02 -12.55 21.69
CA TYR B 64 16.76 -11.66 22.57
C TYR B 64 15.83 -10.63 23.19
N ALA B 65 15.01 -9.96 22.37
CA ALA B 65 14.13 -8.91 22.87
C ALA B 65 13.17 -9.45 23.93
N ARG B 66 12.53 -10.59 23.64
CA ARG B 66 11.50 -11.10 24.54
C ARG B 66 12.05 -11.42 25.93
N VAL B 67 13.21 -12.08 26.01
CA VAL B 67 13.79 -12.40 27.31
C VAL B 67 14.61 -11.23 27.84
N SER B 68 15.30 -10.51 26.97
CA SER B 68 15.98 -9.27 27.35
C SER B 68 15.01 -8.27 27.94
N GLY B 69 13.79 -8.20 27.39
CA GLY B 69 12.89 -7.11 27.63
C GLY B 69 13.30 -5.76 27.07
N LYS B 70 14.35 -5.72 26.26
CA LYS B 70 14.73 -4.48 25.60
C LYS B 70 14.64 -4.69 24.07
N LEU B 71 15.23 -3.80 23.27
CA LEU B 71 15.02 -3.83 21.83
C LEU B 71 16.01 -4.74 21.15
N GLY B 72 15.49 -5.69 20.36
CA GLY B 72 16.33 -6.57 19.54
C GLY B 72 16.55 -6.00 18.14
N VAL B 73 17.75 -6.20 17.60
CA VAL B 73 18.13 -5.62 16.32
C VAL B 73 18.73 -6.67 15.39
N CYS B 74 18.26 -6.71 14.15
CA CYS B 74 18.87 -7.50 13.07
C CYS B 74 19.02 -6.64 11.81
N CYS B 75 19.96 -7.04 10.96
CA CYS B 75 20.25 -6.31 9.73
C CYS B 75 20.24 -7.26 8.54
N ALA B 76 19.90 -6.69 7.39
CA ALA B 76 19.90 -7.46 6.17
C ALA B 76 20.28 -6.50 5.05
N THR B 77 20.78 -7.08 3.95
CA THR B 77 21.22 -6.30 2.82
C THR B 77 20.04 -6.06 1.89
N THR B 78 20.32 -5.45 0.74
CA THR B 78 19.29 -5.14 -0.23
C THR B 78 18.55 -6.41 -0.67
N GLY B 79 17.29 -6.23 -1.04
CA GLY B 79 16.53 -7.24 -1.73
C GLY B 79 16.32 -8.54 -0.99
N PRO B 80 16.94 -9.63 -1.48
CA PRO B 80 16.60 -10.95 -0.92
C PRO B 80 17.08 -11.10 0.50
N GLY B 81 18.14 -10.39 0.90
CA GLY B 81 18.50 -10.34 2.30
C GLY B 81 17.33 -9.88 3.15
N ALA B 82 16.75 -8.72 2.80
CA ALA B 82 15.63 -8.19 3.57
C ALA B 82 14.41 -9.10 3.48
N THR B 83 14.10 -9.56 2.27
CA THR B 83 12.96 -10.45 2.06
C THR B 83 13.01 -11.70 2.92
N ASN B 84 14.21 -12.20 3.25
CA ASN B 84 14.34 -13.42 4.05
C ASN B 84 13.87 -13.22 5.48
N ALA B 85 14.21 -12.08 6.07
CA ALA B 85 13.84 -11.80 7.45
C ALA B 85 12.36 -11.54 7.61
N LEU B 86 11.59 -11.42 6.52
CA LEU B 86 10.22 -10.92 6.64
C LEU B 86 9.41 -11.72 7.64
N THR B 87 9.42 -13.05 7.52
CA THR B 87 8.52 -13.86 8.33
C THR B 87 8.88 -13.82 9.83
N GLY B 88 10.15 -13.54 10.14
CA GLY B 88 10.53 -13.28 11.52
C GLY B 88 10.05 -11.92 12.01
N ILE B 89 10.05 -10.92 11.12
CA ILE B 89 9.54 -9.60 11.47
C ILE B 89 8.04 -9.66 11.70
N ALA B 90 7.33 -10.54 10.98
CA ALA B 90 5.89 -10.67 11.20
C ALA B 90 5.56 -11.31 12.54
N CYS B 91 6.45 -12.18 13.08
CA CYS B 91 6.19 -12.75 14.40
C CYS B 91 6.45 -11.74 15.49
N ALA B 92 7.43 -10.86 15.32
CA ALA B 92 7.56 -9.74 16.24
C ALA B 92 6.31 -8.86 16.21
N TYR B 93 5.64 -8.75 15.07
CA TYR B 93 4.43 -7.94 15.00
C TYR B 93 3.27 -8.65 15.68
N SER B 94 3.17 -9.97 15.53
CA SER B 94 2.01 -10.66 16.07
C SER B 94 2.18 -11.01 17.53
N ASP B 95 3.40 -10.96 18.04
CA ASP B 95 3.68 -11.22 19.44
C ASP B 95 3.99 -9.95 20.21
N SER B 96 4.00 -8.80 19.53
CA SER B 96 4.22 -7.51 20.18
C SER B 96 5.63 -7.42 20.78
N THR B 97 6.64 -7.78 19.96
CA THR B 97 8.02 -7.76 20.41
C THR B 97 8.77 -6.61 19.76
N PRO B 98 9.51 -5.78 20.51
CA PRO B 98 10.20 -4.65 19.86
C PRO B 98 11.47 -5.08 19.15
N VAL B 99 11.41 -5.24 17.83
CA VAL B 99 12.54 -5.68 17.00
C VAL B 99 12.81 -4.61 15.94
N LEU B 100 14.08 -4.25 15.78
CA LEU B 100 14.46 -3.32 14.73
C LEU B 100 15.18 -4.05 13.59
N LEU B 101 14.60 -3.97 12.38
CA LEU B 101 15.24 -4.52 11.18
C LEU B 101 15.81 -3.38 10.35
N LEU B 102 17.13 -3.37 10.21
CA LEU B 102 17.83 -2.45 9.34
C LEU B 102 18.15 -3.16 8.03
N THR B 103 17.77 -2.55 6.91
CA THR B 103 18.01 -3.08 5.58
C THR B 103 18.87 -2.12 4.78
N ALA B 104 19.73 -2.66 3.95
CA ALA B 104 20.54 -1.84 3.08
C ALA B 104 19.71 -1.45 1.85
N GLN B 105 20.12 -0.34 1.24
CA GLN B 105 19.51 0.15 0.01
C GLN B 105 20.61 0.62 -0.93
N VAL B 106 20.35 0.49 -2.24
CA VAL B 106 21.30 0.98 -3.23
C VAL B 106 21.43 2.50 -3.11
N GLY B 107 22.49 3.03 -3.72
CA GLY B 107 22.69 4.47 -3.73
C GLY B 107 21.60 5.21 -4.48
N THR B 108 21.32 6.44 -4.03
CA THR B 108 20.25 7.21 -4.64
C THR B 108 20.51 7.43 -6.13
N ALA B 109 21.77 7.63 -6.53
CA ALA B 109 22.11 7.89 -7.94
C ALA B 109 21.76 6.75 -8.88
N ALA B 110 21.43 5.57 -8.36
CA ALA B 110 21.13 4.37 -9.14
C ALA B 110 19.65 4.00 -9.12
N PHE B 111 18.80 4.79 -8.46
CA PHE B 111 17.36 4.54 -8.43
C PHE B 111 16.79 4.55 -9.84
N GLY B 112 15.84 3.64 -10.09
CA GLY B 112 15.15 3.54 -11.35
C GLY B 112 15.95 2.94 -12.50
N LYS B 113 17.23 2.63 -12.29
CA LYS B 113 18.09 2.13 -13.35
C LYS B 113 18.16 0.61 -13.42
N GLY B 114 17.73 -0.09 -12.38
CA GLY B 114 17.99 -1.52 -12.30
C GLY B 114 19.29 -1.82 -11.56
N ALA B 115 19.52 -1.13 -10.45
CA ALA B 115 20.72 -1.36 -9.66
C ALA B 115 20.68 -2.77 -9.09
N LEU B 116 21.85 -3.25 -8.72
CA LEU B 116 21.94 -4.62 -8.24
C LEU B 116 21.10 -4.78 -6.98
N GLN B 117 20.12 -5.67 -7.06
CA GLN B 117 19.16 -5.88 -5.96
C GLN B 117 18.48 -4.56 -5.58
N GLU B 118 18.03 -3.81 -6.59
CA GLU B 118 17.38 -2.54 -6.32
C GLU B 118 16.09 -2.75 -5.51
N SER B 119 16.04 -2.14 -4.33
CA SER B 119 14.87 -2.35 -3.47
C SER B 119 14.13 -1.04 -3.29
N THR B 120 13.91 -0.33 -4.39
CA THR B 120 13.15 0.91 -4.40
C THR B 120 11.74 0.60 -4.90
N VAL B 121 10.93 1.64 -5.09
CA VAL B 121 9.63 1.44 -5.71
C VAL B 121 9.77 0.81 -7.09
N HIS B 122 10.88 1.09 -7.79
CA HIS B 122 11.11 0.60 -9.14
C HIS B 122 11.57 -0.86 -9.21
N GLY B 123 12.02 -1.42 -8.09
CA GLY B 123 12.44 -2.82 -8.06
C GLY B 123 11.64 -3.60 -7.03
N VAL B 124 12.31 -4.10 -6.00
CA VAL B 124 11.67 -4.77 -4.88
C VAL B 124 11.55 -3.74 -3.76
N ASP B 125 10.38 -3.12 -3.59
CA ASP B 125 10.24 -2.03 -2.62
C ASP B 125 10.07 -2.57 -1.21
N LEU B 126 11.19 -2.65 -0.47
CA LEU B 126 11.12 -3.16 0.90
C LEU B 126 10.22 -2.28 1.77
N VAL B 127 10.30 -0.97 1.62
CA VAL B 127 9.49 -0.11 2.49
C VAL B 127 8.00 -0.43 2.35
N SER B 128 7.55 -0.90 1.19
CA SER B 128 6.12 -1.21 1.11
C SER B 128 5.80 -2.65 1.48
N ILE B 129 6.71 -3.58 1.19
CA ILE B 129 6.49 -4.97 1.59
C ILE B 129 6.40 -5.06 3.10
N PHE B 130 7.19 -4.25 3.80
CA PHE B 130 7.30 -4.33 5.24
C PHE B 130 6.28 -3.46 6.01
N SER B 131 5.46 -2.62 5.34
CA SER B 131 4.55 -1.73 6.09
C SER B 131 3.40 -2.46 6.78
N PRO B 132 2.83 -3.52 6.18
CA PRO B 132 1.67 -4.19 6.81
C PRO B 132 2.00 -4.94 8.10
N ILE B 133 3.29 -5.15 8.40
CA ILE B 133 3.69 -5.94 9.55
C ILE B 133 4.75 -5.18 10.33
N THR B 134 4.68 -3.85 10.31
CA THR B 134 5.51 -3.04 11.21
C THR B 134 4.71 -1.84 11.70
N LYS B 135 5.14 -1.31 12.84
CA LYS B 135 4.65 -0.03 13.31
C LYS B 135 5.22 1.10 12.46
N LEU B 136 6.38 0.87 11.84
CA LEU B 136 7.01 1.84 10.97
C LEU B 136 7.96 1.18 9.97
N SER B 137 7.86 1.63 8.72
CA SER B 137 8.72 1.23 7.62
C SER B 137 9.02 2.50 6.83
N VAL B 138 10.30 2.88 6.74
CA VAL B 138 10.66 4.16 6.12
C VAL B 138 12.09 4.11 5.61
N MET B 139 12.34 4.79 4.49
CA MET B 139 13.69 4.95 4.00
C MET B 139 14.26 6.27 4.51
N ILE B 140 15.46 6.21 5.07
CA ILE B 140 16.15 7.41 5.51
C ILE B 140 16.40 8.30 4.31
N PRO B 141 15.86 9.53 4.30
CA PRO B 141 15.96 10.40 3.12
C PRO B 141 17.31 11.08 2.95
N THR B 142 17.92 11.48 4.06
CA THR B 142 19.16 12.23 4.02
C THR B 142 20.02 11.75 5.18
N ALA B 143 21.32 12.01 5.07
CA ALA B 143 22.21 11.69 6.18
C ALA B 143 21.74 12.41 7.43
N GLU B 144 21.27 13.65 7.23
CA GLU B 144 21.05 14.59 8.32
C GLU B 144 19.94 14.10 9.22
N LYS B 145 18.90 13.43 8.65
CA LYS B 145 17.74 12.90 9.38
C LYS B 145 17.94 11.46 9.92
N MET B 146 19.17 10.92 9.91
CA MET B 146 19.40 9.61 10.51
C MET B 146 19.24 9.69 12.02
N GLY B 147 19.73 10.77 12.64
CA GLY B 147 19.51 10.96 14.06
C GLY B 147 18.03 10.96 14.41
N GLU B 148 17.22 11.80 13.77
CA GLU B 148 15.81 11.90 14.20
C GLU B 148 15.02 10.64 13.84
N MET B 149 15.36 10.01 12.72
CA MET B 149 14.60 8.84 12.29
C MET B 149 14.95 7.61 13.13
N THR B 150 16.15 7.56 13.71
CA THR B 150 16.49 6.43 14.57
C THR B 150 15.87 6.56 15.95
N ARG B 151 15.72 7.80 16.44
CA ARG B 151 14.99 7.99 17.68
C ARG B 151 13.50 7.76 17.46
N ARG B 152 12.99 8.11 16.28
CA ARG B 152 11.60 7.80 15.94
C ARG B 152 11.36 6.29 15.91
N ALA B 153 12.29 5.52 15.33
CA ALA B 153 12.12 4.06 15.29
C ALA B 153 12.20 3.45 16.70
N LEU B 154 13.19 3.86 17.50
CA LEU B 154 13.31 3.33 18.85
C LEU B 154 12.09 3.69 19.69
N ARG B 155 11.60 4.93 19.55
CA ARG B 155 10.38 5.32 20.24
C ARG B 155 9.19 4.50 19.79
N THR B 156 9.07 4.27 18.49
CA THR B 156 7.88 3.59 18.00
C THR B 156 7.88 2.13 18.41
N ALA B 157 9.05 1.49 18.36
CA ALA B 157 9.09 0.07 18.66
C ALA B 157 8.66 -0.21 20.10
N GLN B 158 8.94 0.71 21.02
CA GLN B 158 8.77 0.49 22.47
C GLN B 158 7.68 1.35 23.11
N SER B 159 6.86 2.05 22.33
CA SER B 159 5.77 2.79 22.95
C SER B 159 4.44 2.14 22.60
N GLY B 160 3.43 2.45 23.40
CA GLY B 160 2.15 1.80 23.25
C GLY B 160 2.29 0.31 23.30
N ARG B 161 1.52 -0.37 22.46
CA ARG B 161 1.76 -1.80 22.25
C ARG B 161 3.04 -1.96 21.43
N PRO B 162 4.12 -2.52 21.99
CA PRO B 162 5.39 -2.53 21.25
C PRO B 162 5.31 -3.42 20.02
N GLY B 163 6.22 -3.16 19.09
CA GLY B 163 6.28 -3.93 17.86
C GLY B 163 7.48 -3.58 17.02
N PRO B 164 7.64 -4.26 15.88
CA PRO B 164 8.87 -4.14 15.11
C PRO B 164 8.87 -2.92 14.20
N ILE B 165 10.09 -2.56 13.78
CA ILE B 165 10.38 -1.37 12.97
C ILE B 165 11.30 -1.74 11.81
N HIS B 166 11.04 -1.17 10.62
CA HIS B 166 11.89 -1.37 9.44
C HIS B 166 12.50 -0.05 9.01
N LEU B 167 13.82 0.06 9.07
CA LEU B 167 14.55 1.23 8.61
C LEU B 167 15.41 0.83 7.42
N ASN B 168 15.18 1.48 6.29
CA ASN B 168 15.93 1.21 5.07
C ASN B 168 16.91 2.35 4.85
N ILE B 169 18.18 2.03 4.60
CA ILE B 169 19.28 3.00 4.60
C ILE B 169 20.01 3.01 3.26
N PRO B 170 19.89 4.07 2.45
CA PRO B 170 20.66 4.12 1.20
C PRO B 170 22.16 4.16 1.45
N ALA B 171 22.89 3.42 0.61
CA ALA B 171 24.32 3.20 0.84
C ALA B 171 25.14 4.48 0.72
N ASP B 172 24.69 5.47 -0.06
CA ASP B 172 25.50 6.66 -0.21
C ASP B 172 25.44 7.55 1.04
N ILE B 173 24.26 7.73 1.61
CA ILE B 173 24.12 8.50 2.85
C ILE B 173 24.81 7.84 4.03
N ALA B 174 25.00 6.52 3.98
CA ALA B 174 25.51 5.79 5.14
C ALA B 174 26.83 6.35 5.64
N LYS B 175 27.69 6.86 4.74
CA LYS B 175 28.99 7.35 5.14
C LYS B 175 29.14 8.86 4.99
N HIS B 176 27.97 9.62 4.89
CA HIS B 176 27.98 11.09 4.98
C HIS B 176 28.12 11.54 6.43
N PRO B 177 28.84 12.64 6.68
CA PRO B 177 29.04 13.12 8.05
C PRO B 177 27.76 13.75 8.61
N VAL B 178 27.55 13.54 9.91
CA VAL B 178 26.43 14.18 10.60
C VAL B 178 26.91 14.66 11.96
N PRO B 179 26.25 15.68 12.51
CA PRO B 179 26.61 16.12 13.86
C PRO B 179 26.36 14.99 14.83
N LEU B 180 27.15 14.96 15.90
CA LEU B 180 27.04 13.90 16.88
C LEU B 180 26.00 14.13 17.95
N GLU B 181 24.82 13.58 17.79
CA GLU B 181 23.82 13.76 18.81
C GLU B 181 23.30 12.45 19.23
N VAL B 182 23.51 12.11 20.48
CA VAL B 182 23.03 10.88 21.03
C VAL B 182 22.36 11.30 22.29
N PHE B 183 21.17 10.80 22.50
CA PHE B 183 20.27 11.16 23.58
C PHE B 183 19.95 9.90 24.36
N PRO B 184 19.72 10.02 25.66
CA PRO B 184 19.27 8.86 26.44
C PRO B 184 17.80 8.58 26.21
N PRO B 185 17.39 7.32 26.27
CA PRO B 185 16.01 6.98 25.92
C PRO B 185 14.95 7.86 26.58
N MET B 186 15.24 8.39 27.76
CA MET B 186 14.13 9.08 28.40
C MET B 186 13.94 10.52 27.89
N ASN B 187 14.70 10.93 26.88
CA ASN B 187 14.52 12.22 26.19
C ASN B 187 13.62 12.14 24.96
N TYR B 188 13.52 10.98 24.31
CA TYR B 188 12.77 10.85 23.06
C TYR B 188 11.65 9.82 23.15
N ARG B 189 11.33 9.31 24.33
CA ARG B 189 10.21 8.40 24.51
C ARG B 189 9.53 8.67 25.85
N GLY B 190 8.21 8.54 25.87
CA GLY B 190 7.46 8.77 27.09
C GLY B 190 7.23 7.51 27.90
N GLY B 191 6.57 7.71 29.03
CA GLY B 191 6.21 6.63 29.91
C GLY B 191 4.95 5.94 29.41
N LYS B 192 4.39 5.12 30.29
CA LYS B 192 3.23 4.36 29.91
C LYS B 192 1.97 4.89 30.56
N PRO B 193 0.83 4.64 29.95
CA PRO B 193 -0.42 5.14 30.50
C PRO B 193 -0.83 4.28 31.67
N ALA B 194 -1.29 4.93 32.71
CA ALA B 194 -1.84 4.24 33.85
C ALA B 194 -3.35 4.40 33.81
N PRO B 195 -4.09 3.62 34.58
CA PRO B 195 -5.55 3.76 34.58
C PRO B 195 -5.99 4.99 35.36
N THR B 196 -7.19 5.49 35.01
CA THR B 196 -7.82 6.54 35.80
C THR B 196 -8.25 6.02 37.16
N ILE B 197 -8.20 6.87 38.18
CA ILE B 197 -8.63 6.40 39.51
C ILE B 197 -10.06 5.91 39.46
N MET B 198 -10.90 6.54 38.62
CA MET B 198 -12.30 6.16 38.56
C MET B 198 -12.44 4.70 38.13
N ASP B 199 -11.53 4.21 37.31
CA ASP B 199 -11.60 2.81 36.88
C ASP B 199 -11.02 1.89 37.95
N VAL B 200 -10.03 2.38 38.70
CA VAL B 200 -9.40 1.57 39.74
C VAL B 200 -10.39 1.33 40.88
N VAL B 201 -11.11 2.36 41.27
CA VAL B 201 -12.05 2.14 42.34
C VAL B 201 -13.30 1.49 41.85
N ARG B 202 -13.40 1.22 40.56
CA ARG B 202 -14.59 0.56 40.10
C ARG B 202 -14.38 -0.92 40.11
N VAL B 203 -13.18 -1.36 39.85
CA VAL B 203 -12.94 -2.79 39.93
C VAL B 203 -12.63 -3.16 41.38
N ALA B 204 -12.00 -2.24 42.13
CA ALA B 204 -11.87 -2.48 43.56
C ALA B 204 -13.20 -2.86 44.19
N GLU B 205 -14.29 -2.15 43.85
CA GLU B 205 -15.58 -2.52 44.43
C GLU B 205 -16.21 -3.71 43.71
N LEU B 206 -15.83 -3.97 42.46
CA LEU B 206 -16.31 -5.18 41.81
C LEU B 206 -15.63 -6.40 42.37
N ILE B 207 -14.38 -6.27 42.80
CA ILE B 207 -13.68 -7.37 43.45
C ILE B 207 -14.26 -7.65 44.83
N PHE B 208 -14.56 -6.60 45.60
CA PHE B 208 -15.02 -6.78 46.98
C PHE B 208 -16.34 -7.53 47.05
N HIS B 209 -17.18 -7.41 46.02
CA HIS B 209 -18.52 -7.97 46.04
C HIS B 209 -18.64 -9.25 45.22
N ALA B 210 -17.53 -9.77 44.73
CA ALA B 210 -17.57 -10.93 43.85
C ALA B 210 -17.75 -12.22 44.65
N LYS B 211 -18.61 -13.10 44.14
CA LYS B 211 -18.81 -14.43 44.71
C LYS B 211 -17.70 -15.37 44.23
N ARG B 212 -17.48 -15.41 42.92
CA ARG B 212 -16.46 -16.27 42.32
C ARG B 212 -15.73 -15.47 41.25
N PRO B 213 -14.74 -14.68 41.65
CA PRO B 213 -13.94 -13.94 40.66
C PRO B 213 -12.88 -14.83 40.01
N ALA B 214 -12.34 -14.32 38.90
CA ALA B 214 -11.32 -15.01 38.13
C ALA B 214 -10.48 -14.02 37.33
N ILE B 215 -9.20 -14.36 37.14
CA ILE B 215 -8.24 -13.60 36.34
C ILE B 215 -7.77 -14.46 35.18
N LEU B 216 -7.71 -13.87 33.98
CA LEU B 216 -7.14 -14.51 32.81
C LEU B 216 -5.98 -13.64 32.31
N ALA B 217 -4.75 -14.10 32.57
CA ALA B 217 -3.54 -13.34 32.26
C ALA B 217 -2.92 -13.79 30.95
N GLY B 218 -2.73 -12.85 30.03
CA GLY B 218 -2.14 -13.13 28.75
C GLY B 218 -0.73 -12.59 28.63
N HIS B 219 -0.23 -12.63 27.40
CA HIS B 219 1.17 -12.32 27.12
C HIS B 219 1.56 -10.91 27.54
N GLY B 220 0.61 -9.96 27.56
CA GLY B 220 0.93 -8.59 27.94
C GLY B 220 1.62 -8.47 29.29
N ILE B 221 1.43 -9.43 30.18
CA ILE B 221 2.13 -9.35 31.46
C ILE B 221 3.64 -9.36 31.24
N GLU B 222 4.13 -10.13 30.26
CA GLU B 222 5.56 -10.09 29.97
C GLU B 222 5.98 -8.78 29.27
N CYS B 223 5.15 -8.22 28.39
CA CYS B 223 5.49 -6.94 27.77
C CYS B 223 5.48 -5.82 28.79
N ALA B 224 4.65 -5.95 29.82
CA ALA B 224 4.57 -4.99 30.91
C ALA B 224 5.50 -5.31 32.06
N LYS B 225 6.17 -6.46 32.02
CA LYS B 225 7.02 -6.94 33.12
C LYS B 225 6.27 -6.83 34.46
N ALA B 226 5.12 -7.49 34.47
CA ALA B 226 4.11 -7.38 35.51
C ALA B 226 4.01 -8.65 36.34
N TRP B 227 5.06 -9.48 36.35
CA TRP B 227 4.96 -10.75 37.05
C TRP B 227 4.76 -10.51 38.53
N GLU B 228 5.58 -9.64 39.12
CA GLU B 228 5.54 -9.49 40.57
C GLU B 228 4.22 -8.88 41.01
N GLU B 229 3.72 -7.89 40.27
CA GLU B 229 2.49 -7.27 40.70
C GLU B 229 1.27 -8.13 40.38
N LEU B 230 1.37 -9.06 39.43
CA LEU B 230 0.28 -10.01 39.25
C LEU B 230 0.20 -10.98 40.42
N LEU B 231 1.33 -11.49 40.88
CA LEU B 231 1.31 -12.42 42.00
C LEU B 231 0.88 -11.75 43.30
N ASP B 232 1.19 -10.46 43.48
CA ASP B 232 0.86 -9.81 44.74
C ASP B 232 -0.61 -9.43 44.81
N PHE B 233 -1.19 -9.10 43.66
CA PHE B 233 -2.61 -8.81 43.55
C PHE B 233 -3.44 -10.07 43.67
N ALA B 234 -2.99 -11.17 43.06
CA ALA B 234 -3.72 -12.43 43.17
C ALA B 234 -3.73 -12.93 44.61
N GLU B 235 -2.60 -12.83 45.30
CA GLU B 235 -2.54 -13.26 46.70
C GLU B 235 -3.32 -12.32 47.59
N LEU B 236 -3.24 -11.02 47.32
CA LEU B 236 -3.92 -10.03 48.16
C LEU B 236 -5.44 -10.15 48.08
N THR B 237 -5.97 -10.58 46.93
CA THR B 237 -7.41 -10.71 46.69
C THR B 237 -7.94 -12.13 46.84
N GLY B 238 -7.07 -13.14 46.82
CA GLY B 238 -7.55 -14.51 46.76
C GLY B 238 -8.20 -14.90 45.45
N ILE B 239 -7.88 -14.20 44.36
CA ILE B 239 -8.50 -14.49 43.06
C ILE B 239 -7.65 -15.44 42.23
N PRO B 240 -8.25 -16.51 41.69
CA PRO B 240 -7.49 -17.48 40.90
C PRO B 240 -7.07 -16.94 39.53
N VAL B 241 -5.93 -17.44 39.05
CA VAL B 241 -5.29 -16.93 37.83
C VAL B 241 -5.15 -18.06 36.81
N ALA B 242 -5.74 -17.86 35.64
CA ALA B 242 -5.46 -18.65 34.44
C ALA B 242 -4.68 -17.79 33.45
N THR B 243 -3.86 -18.44 32.64
CA THR B 243 -3.16 -17.73 31.58
C THR B 243 -3.68 -18.13 30.21
N THR B 244 -3.44 -17.28 29.24
CA THR B 244 -3.58 -17.70 27.86
C THR B 244 -2.44 -18.66 27.53
N PRO B 245 -2.52 -19.37 26.41
CA PRO B 245 -1.41 -20.24 26.09
C PRO B 245 -0.12 -19.51 25.89
N LYS B 246 -0.12 -18.39 25.24
CA LYS B 246 1.09 -17.63 25.08
C LYS B 246 1.58 -17.11 26.39
N GLY B 247 0.64 -16.70 27.21
CA GLY B 247 0.90 -16.08 28.50
C GLY B 247 1.39 -16.92 29.65
N LYS B 248 1.42 -18.22 29.42
CA LYS B 248 1.96 -19.15 30.36
C LYS B 248 3.38 -18.77 30.58
N SER B 249 3.68 -18.63 31.87
CA SER B 249 4.89 -18.23 32.62
C SER B 249 4.65 -16.94 33.27
N SER B 250 3.43 -16.48 33.21
CA SER B 250 3.14 -15.21 33.83
C SER B 250 2.70 -15.44 35.25
N PHE B 251 2.18 -16.61 35.52
CA PHE B 251 1.78 -16.93 36.87
C PHE B 251 2.35 -18.29 37.21
N PRO B 252 2.91 -18.45 38.42
CA PRO B 252 3.55 -19.73 38.75
C PRO B 252 2.50 -20.84 38.87
N GLU B 253 2.63 -21.86 38.02
CA GLU B 253 1.67 -22.94 37.96
C GLU B 253 1.82 -23.88 39.15
N ASN B 254 2.88 -23.71 39.92
CA ASN B 254 3.04 -24.30 41.23
C ASN B 254 2.09 -23.72 42.27
N HIS B 255 1.55 -22.53 42.04
CA HIS B 255 0.87 -21.76 43.07
C HIS B 255 -0.56 -22.22 43.34
N ALA B 256 -0.98 -22.13 44.60
CA ALA B 256 -2.31 -22.61 44.98
C ALA B 256 -3.41 -21.91 44.20
N LEU B 257 -3.16 -20.69 43.73
CA LEU B 257 -4.17 -19.88 43.07
C LEU B 257 -4.16 -19.97 41.56
N SER B 258 -3.32 -20.82 40.97
CA SER B 258 -3.20 -20.87 39.52
C SER B 258 -4.15 -21.91 38.95
N LEU B 259 -4.87 -21.55 37.89
CA LEU B 259 -5.73 -22.49 37.20
C LEU B 259 -5.03 -23.08 36.00
N GLY B 260 -3.75 -22.76 35.84
CA GLY B 260 -3.02 -23.25 34.71
C GLY B 260 -3.38 -22.39 33.51
N VAL B 261 -3.32 -22.99 32.34
CA VAL B 261 -3.64 -22.30 31.10
C VAL B 261 -5.06 -22.66 30.70
N PHE B 262 -5.79 -21.64 30.24
CA PHE B 262 -7.12 -21.80 29.69
C PHE B 262 -7.02 -21.62 28.19
N GLY B 263 -7.63 -22.53 27.44
CA GLY B 263 -7.64 -22.44 25.99
C GLY B 263 -6.93 -23.64 25.36
N PHE B 264 -6.21 -23.36 24.27
CA PHE B 264 -5.68 -24.42 23.44
C PHE B 264 -4.72 -25.30 24.22
N ALA B 265 -4.98 -26.61 24.21
CA ALA B 265 -4.16 -27.56 24.95
C ALA B 265 -4.08 -27.19 26.44
N GLY B 266 -5.10 -26.49 26.93
CA GLY B 266 -5.13 -26.00 28.29
C GLY B 266 -5.61 -27.06 29.25
N HIS B 267 -5.84 -26.64 30.48
CA HIS B 267 -6.10 -27.58 31.57
C HIS B 267 -7.57 -27.58 31.92
N GLN B 268 -8.05 -28.75 32.37
CA GLN B 268 -9.44 -28.89 32.77
C GLN B 268 -9.76 -28.06 33.99
N LYS B 269 -8.73 -27.64 34.75
CA LYS B 269 -9.01 -26.83 35.94
C LYS B 269 -9.37 -25.39 35.57
N ALA B 270 -8.91 -24.90 34.42
CA ALA B 270 -9.23 -23.56 33.95
C ALA B 270 -10.52 -23.53 33.14
N THR B 271 -10.68 -24.47 32.20
CA THR B 271 -11.89 -24.52 31.38
C THR B 271 -13.14 -24.62 32.24
N ASP B 272 -13.16 -25.53 33.21
CA ASP B 272 -14.35 -25.71 34.05
C ASP B 272 -14.60 -24.50 34.93
N TYR B 273 -13.55 -23.85 35.40
CA TYR B 273 -13.73 -22.67 36.26
C TYR B 273 -14.29 -21.49 35.45
N LEU B 274 -13.76 -21.25 34.25
CA LEU B 274 -14.12 -20.06 33.50
C LEU B 274 -15.30 -20.28 32.56
N LEU B 275 -15.66 -21.53 32.29
CA LEU B 275 -16.76 -21.83 31.41
C LEU B 275 -17.93 -22.47 32.15
N SER B 276 -17.78 -22.69 33.46
CA SER B 276 -18.92 -23.15 34.25
C SER B 276 -19.97 -22.05 34.39
N GLY B 277 -19.63 -20.81 34.08
CA GLY B 277 -20.59 -19.75 33.92
C GLY B 277 -21.02 -19.10 35.21
N ASP B 278 -20.37 -19.52 36.28
CA ASP B 278 -20.65 -19.01 37.59
C ASP B 278 -19.68 -17.96 37.99
N VAL B 279 -18.64 -17.74 37.20
CA VAL B 279 -17.70 -16.69 37.54
C VAL B 279 -18.49 -15.43 37.30
N ASP B 280 -18.44 -14.51 38.23
CA ASP B 280 -19.25 -13.32 38.10
C ASP B 280 -18.51 -12.11 37.64
N VAL B 281 -17.23 -12.10 37.86
CA VAL B 281 -16.27 -11.05 37.51
C VAL B 281 -15.01 -11.69 36.91
N LEU B 282 -14.73 -11.42 35.63
CA LEU B 282 -13.56 -11.93 34.93
C LEU B 282 -12.64 -10.78 34.55
N ILE B 283 -11.37 -10.88 34.95
CA ILE B 283 -10.38 -9.84 34.68
C ILE B 283 -9.41 -10.37 33.63
N VAL B 284 -9.49 -9.77 32.45
CA VAL B 284 -8.59 -10.10 31.36
C VAL B 284 -7.47 -9.07 31.37
N ILE B 285 -6.24 -9.55 31.53
CA ILE B 285 -5.07 -8.69 31.62
C ILE B 285 -4.14 -9.05 30.49
N GLY B 286 -4.02 -8.16 29.51
CA GLY B 286 -3.04 -8.32 28.46
C GLY B 286 -3.23 -9.56 27.62
N SER B 287 -4.44 -9.74 27.10
CA SER B 287 -4.71 -10.80 26.13
C SER B 287 -5.57 -10.26 25.01
N SER B 288 -5.18 -10.61 23.77
CA SER B 288 -5.99 -10.28 22.60
C SER B 288 -7.39 -10.86 22.71
N LEU B 289 -7.53 -12.01 23.38
CA LEU B 289 -8.77 -12.78 23.32
C LEU B 289 -9.04 -13.24 21.89
N GLY B 290 -8.00 -13.84 21.29
CA GLY B 290 -8.07 -14.48 19.99
C GLY B 290 -8.62 -15.90 20.06
N ASP B 291 -8.38 -16.63 18.98
CA ASP B 291 -8.99 -17.95 18.83
C ASP B 291 -8.60 -18.87 19.98
N TRP B 292 -7.33 -19.16 20.07
CA TRP B 292 -6.80 -20.09 21.03
C TRP B 292 -6.94 -19.68 22.45
N GLN B 293 -6.95 -18.38 22.68
CA GLN B 293 -7.12 -17.91 24.03
C GLN B 293 -8.53 -17.99 24.54
N THR B 294 -9.51 -18.18 23.69
CA THR B 294 -10.87 -18.20 24.13
C THR B 294 -11.63 -19.38 23.61
N ASN B 295 -10.93 -20.42 23.20
CA ASN B 295 -11.52 -21.62 22.65
C ASN B 295 -12.52 -21.33 21.60
N SER B 296 -12.09 -20.57 20.62
CA SER B 296 -12.90 -20.12 19.51
C SER B 296 -14.08 -19.29 19.94
N TRP B 297 -13.77 -18.30 20.76
CA TRP B 297 -14.73 -17.31 21.21
C TRP B 297 -16.00 -17.95 21.77
N ASP B 298 -15.80 -18.88 22.68
CA ASP B 298 -16.90 -19.54 23.37
C ASP B 298 -17.69 -18.48 24.13
N PRO B 299 -19.01 -18.39 23.93
CA PRO B 299 -19.80 -17.37 24.64
C PRO B 299 -19.91 -17.62 26.15
N ARG B 300 -19.66 -18.85 26.63
CA ARG B 300 -19.74 -19.16 28.05
C ARG B 300 -18.61 -18.55 28.85
N LEU B 301 -17.67 -17.90 28.18
CA LEU B 301 -16.62 -17.20 28.88
C LEU B 301 -17.10 -15.89 29.50
N THR B 302 -18.18 -15.32 28.97
CA THR B 302 -18.73 -14.09 29.53
C THR B 302 -19.09 -14.29 30.99
N PRO B 303 -18.65 -13.40 31.88
CA PRO B 303 -18.97 -13.53 33.31
C PRO B 303 -20.40 -13.07 33.61
N SER B 304 -20.85 -13.44 34.82
CA SER B 304 -22.24 -13.21 35.19
C SER B 304 -22.53 -11.73 35.45
N VAL B 305 -21.57 -11.00 36.02
CA VAL B 305 -21.79 -9.65 36.49
C VAL B 305 -21.03 -8.62 35.65
N ALA B 306 -19.70 -8.75 35.58
CA ALA B 306 -18.89 -7.74 34.93
C ALA B 306 -17.66 -8.36 34.28
N LEU B 307 -17.35 -7.91 33.07
CA LEU B 307 -16.10 -8.24 32.41
C LEU B 307 -15.18 -7.03 32.44
N ILE B 308 -14.00 -7.19 33.03
CA ILE B 308 -12.95 -6.18 33.06
C ILE B 308 -11.85 -6.63 32.12
N GLN B 309 -11.35 -5.71 31.32
CA GLN B 309 -10.24 -5.97 30.44
C GLN B 309 -9.23 -4.86 30.60
N ILE B 310 -7.97 -5.22 30.84
CA ILE B 310 -6.92 -4.24 30.94
C ILE B 310 -6.04 -4.42 29.71
N ASP B 311 -5.83 -3.33 28.96
CA ASP B 311 -5.00 -3.34 27.79
C ASP B 311 -4.33 -2.06 27.46
N ILE B 312 -3.14 -2.12 26.88
CA ILE B 312 -2.31 -0.96 26.55
C ILE B 312 -2.56 -0.41 25.19
N ASP B 313 -3.45 -1.06 24.46
CA ASP B 313 -3.80 -0.68 23.11
C ASP B 313 -5.30 -0.61 23.12
N PRO B 314 -5.86 0.55 22.81
CA PRO B 314 -7.32 0.72 22.93
C PRO B 314 -8.10 -0.19 22.00
N MET B 315 -7.51 -0.57 20.86
CA MET B 315 -8.25 -1.28 19.83
C MET B 315 -8.57 -2.71 20.20
N GLU B 316 -7.99 -3.24 21.27
CA GLU B 316 -8.34 -4.60 21.67
C GLU B 316 -9.52 -4.65 22.62
N ILE B 317 -9.82 -3.54 23.28
CA ILE B 317 -10.77 -3.56 24.39
C ILE B 317 -12.17 -3.71 23.83
N GLY B 318 -12.86 -4.75 24.30
CA GLY B 318 -14.21 -5.06 23.87
C GLY B 318 -14.36 -5.54 22.44
N LYS B 319 -13.27 -5.99 21.80
CA LYS B 319 -13.38 -6.47 20.41
C LYS B 319 -14.28 -7.68 20.29
N ASN B 320 -14.02 -8.73 21.07
CA ASN B 320 -14.76 -9.96 20.89
C ASN B 320 -15.73 -10.24 22.02
N TYR B 321 -15.65 -9.50 23.11
CA TYR B 321 -16.58 -9.65 24.20
C TYR B 321 -16.93 -8.25 24.70
N PRO B 322 -18.20 -7.99 25.02
CA PRO B 322 -18.55 -6.68 25.58
C PRO B 322 -17.97 -6.55 26.98
N VAL B 323 -17.37 -5.40 27.25
CA VAL B 323 -16.75 -5.14 28.54
C VAL B 323 -17.64 -4.23 29.37
N ASP B 324 -17.53 -4.42 30.68
CA ASP B 324 -18.13 -3.52 31.66
C ASP B 324 -17.12 -2.52 32.20
N VAL B 325 -15.84 -2.88 32.21
CA VAL B 325 -14.74 -1.98 32.55
C VAL B 325 -13.67 -2.12 31.47
N GLY B 326 -13.42 -1.05 30.74
CA GLY B 326 -12.36 -1.08 29.75
C GLY B 326 -11.22 -0.16 30.13
N ILE B 327 -10.11 -0.71 30.59
CA ILE B 327 -9.00 0.11 31.06
C ILE B 327 -7.95 0.19 29.96
N ASN B 328 -7.72 1.39 29.43
CA ASN B 328 -6.62 1.61 28.49
C ASN B 328 -5.43 2.03 29.35
N ALA B 329 -4.59 1.07 29.71
CA ALA B 329 -3.46 1.31 30.62
C ALA B 329 -2.48 0.16 30.56
N ASP B 330 -1.26 0.46 31.01
CA ASP B 330 -0.25 -0.58 31.15
C ASP B 330 -0.62 -1.56 32.27
N ALA B 331 -0.29 -2.83 32.06
CA ALA B 331 -0.65 -3.88 33.00
C ALA B 331 0.12 -3.77 34.31
N SER B 332 1.34 -3.24 34.28
CA SER B 332 2.12 -3.09 35.51
C SER B 332 1.67 -1.88 36.32
N GLU B 333 1.31 -0.80 35.64
CA GLU B 333 0.81 0.38 36.34
C GLU B 333 -0.61 0.17 36.83
N THR B 334 -1.39 -0.61 36.10
CA THR B 334 -2.73 -0.95 36.55
C THR B 334 -2.67 -1.87 37.74
N LEU B 335 -1.81 -2.89 37.69
CA LEU B 335 -1.74 -3.81 38.81
C LEU B 335 -1.21 -3.12 40.06
N LYS B 336 -0.28 -2.16 39.90
CA LYS B 336 0.24 -1.46 41.08
C LYS B 336 -0.80 -0.55 41.71
N ALA B 337 -1.69 0.03 40.90
CA ALA B 337 -2.77 0.88 41.42
C ALA B 337 -3.83 0.06 42.17
N LEU B 338 -4.22 -1.09 41.63
CA LEU B 338 -5.22 -1.90 42.31
C LEU B 338 -4.68 -2.42 43.63
N ILE B 339 -3.43 -2.87 43.64
CA ILE B 339 -2.85 -3.33 44.91
C ILE B 339 -2.81 -2.18 45.90
N LEU B 340 -2.45 -1.02 45.44
CA LEU B 340 -2.32 0.13 46.28
C LEU B 340 -3.58 0.74 46.80
N CYS B 341 -4.70 0.40 46.17
CA CYS B 341 -5.99 0.94 46.57
C CYS B 341 -6.71 -0.07 47.44
N ILE B 342 -6.51 -1.33 47.13
CA ILE B 342 -7.13 -2.42 47.89
C ILE B 342 -6.40 -2.63 49.21
N ARG B 343 -5.08 -2.38 49.23
CA ARG B 343 -4.32 -2.48 50.47
C ARG B 343 -4.72 -1.35 51.40
N SER B 344 -4.77 -0.15 50.85
CA SER B 344 -5.13 1.00 51.63
C SER B 344 -6.54 0.86 52.13
N SER B 345 -7.30 -0.06 51.57
CA SER B 345 -8.64 -0.24 52.01
C SER B 345 -8.61 -0.81 53.38
N GLY B 346 -8.15 -2.04 53.45
CA GLY B 346 -8.05 -2.78 54.69
C GLY B 346 -8.71 -4.15 54.59
N LYS B 347 -9.51 -4.38 53.58
CA LYS B 347 -10.19 -5.66 53.48
C LYS B 347 -9.23 -6.83 53.40
N GLY B 375 7.84 -45.62 19.70
CA GLY B 375 8.94 -44.86 20.25
C GLY B 375 8.65 -44.40 21.69
N ILE B 376 9.20 -43.28 22.13
CA ILE B 376 8.91 -42.75 23.47
C ILE B 376 7.68 -41.86 23.36
N HIS B 377 6.83 -41.95 24.35
CA HIS B 377 5.64 -41.11 24.42
C HIS B 377 5.99 -39.70 24.87
N PRO B 378 5.62 -38.67 24.11
CA PRO B 378 6.08 -37.31 24.46
C PRO B 378 5.69 -36.88 25.86
N ALA B 379 4.58 -37.41 26.39
CA ALA B 379 4.17 -37.03 27.74
C ALA B 379 5.29 -37.32 28.74
N MET B 380 6.06 -38.37 28.52
CA MET B 380 7.15 -38.74 29.40
C MET B 380 8.47 -38.07 29.03
N VAL B 381 8.56 -37.42 27.88
CA VAL B 381 9.74 -36.64 27.56
C VAL B 381 9.75 -35.32 28.32
N VAL B 382 8.62 -34.61 28.34
CA VAL B 382 8.53 -33.43 29.20
C VAL B 382 8.64 -33.84 30.66
N GLU B 383 7.97 -34.93 31.05
CA GLU B 383 8.06 -35.39 32.43
C GLU B 383 9.52 -35.62 32.83
N ALA B 384 10.30 -36.26 31.94
CA ALA B 384 11.72 -36.41 32.18
C ALA B 384 12.43 -35.07 32.19
N MET B 385 12.01 -34.08 31.42
CA MET B 385 12.75 -32.79 31.44
C MET B 385 12.46 -31.97 32.64
N GLN B 386 11.28 -32.17 33.14
CA GLN B 386 10.85 -31.50 34.32
C GLN B 386 11.71 -31.87 35.48
N ASN B 387 11.73 -33.17 35.79
CA ASN B 387 12.45 -33.64 36.96
C ASN B 387 13.95 -33.44 36.86
N ARG B 388 14.45 -32.90 35.75
CA ARG B 388 15.88 -32.79 35.53
C ARG B 388 16.34 -31.36 35.21
N LEU B 389 15.50 -30.60 34.53
CA LEU B 389 15.88 -29.24 34.14
C LEU B 389 15.81 -28.28 35.34
N PRO B 390 16.85 -27.48 35.57
CA PRO B 390 16.82 -26.51 36.68
C PRO B 390 15.55 -25.68 36.69
N ALA B 391 15.24 -25.07 37.84
CA ALA B 391 14.04 -24.25 37.95
C ALA B 391 14.10 -23.00 37.06
N ASP B 392 15.29 -22.44 36.88
CA ASP B 392 15.47 -21.19 36.15
C ASP B 392 15.63 -21.39 34.66
N THR B 393 15.39 -22.60 34.15
CA THR B 393 15.57 -22.80 32.71
C THR B 393 14.47 -22.06 31.92
N ILE B 394 14.91 -21.32 30.93
CA ILE B 394 14.02 -20.73 29.95
C ILE B 394 13.76 -21.76 28.87
N LEU B 395 12.51 -22.19 28.76
CA LEU B 395 12.10 -23.22 27.80
C LEU B 395 11.42 -22.53 26.61
N PHE B 396 12.03 -22.66 25.42
CA PHE B 396 11.44 -22.23 24.17
C PHE B 396 10.69 -23.40 23.56
N VAL B 397 9.52 -23.13 23.02
CA VAL B 397 8.77 -24.17 22.37
C VAL B 397 8.49 -23.68 20.97
N ASP B 398 8.51 -24.59 20.01
CA ASP B 398 8.22 -24.23 18.64
C ASP B 398 6.77 -24.55 18.34
N ASN B 399 6.40 -24.57 17.07
CA ASN B 399 5.06 -24.78 16.68
C ASN B 399 4.98 -26.09 16.04
N GLY B 400 3.93 -26.78 16.34
CA GLY B 400 3.76 -28.17 16.01
C GLY B 400 3.10 -28.84 17.19
N SER B 401 3.12 -30.18 17.19
CA SER B 401 2.53 -30.87 18.33
C SER B 401 3.28 -30.56 19.61
N CYS B 402 4.52 -30.07 19.47
CA CYS B 402 5.31 -29.63 20.62
C CYS B 402 4.61 -28.54 21.41
N ILE B 403 3.71 -27.78 20.77
CA ILE B 403 2.93 -26.77 21.49
C ILE B 403 2.00 -27.44 22.47
N ASN B 404 1.32 -28.51 22.04
CA ASN B 404 0.42 -29.23 22.93
C ASN B 404 1.16 -29.82 24.10
N TRP B 405 2.31 -30.44 23.85
CA TRP B 405 3.05 -31.02 24.96
C TRP B 405 3.58 -29.94 25.90
N GLY B 406 4.10 -28.83 25.33
CA GLY B 406 4.71 -27.82 26.17
C GLY B 406 3.72 -27.13 27.08
N VAL B 407 2.65 -26.57 26.49
CA VAL B 407 1.68 -25.82 27.29
C VAL B 407 0.89 -26.76 28.20
N HIS B 408 0.60 -27.99 27.75
CA HIS B 408 -0.25 -28.82 28.59
C HIS B 408 0.55 -29.49 29.70
N CYS B 409 1.72 -30.06 29.40
CA CYS B 409 2.33 -31.03 30.29
C CYS B 409 3.44 -30.49 31.17
N TYR B 410 4.02 -29.38 30.78
CA TYR B 410 5.11 -28.79 31.51
C TYR B 410 4.55 -27.82 32.50
N LEU B 411 5.25 -27.61 33.59
CA LEU B 411 4.83 -26.69 34.57
C LEU B 411 5.91 -25.66 34.58
N ALA B 412 5.55 -24.40 34.38
CA ALA B 412 6.52 -23.31 34.36
C ALA B 412 6.35 -22.48 35.57
N GLN B 413 7.29 -22.50 36.46
CA GLN B 413 7.11 -21.83 37.73
C GLN B 413 7.79 -20.46 37.80
N THR B 414 8.81 -20.22 36.99
CA THR B 414 9.56 -18.96 37.02
C THR B 414 9.00 -17.97 35.99
N PRO B 415 8.92 -16.69 36.35
CA PRO B 415 8.28 -15.71 35.46
C PRO B 415 9.00 -15.58 34.13
N GLY B 416 8.24 -15.71 33.04
CA GLY B 416 8.71 -15.51 31.68
C GLY B 416 9.59 -16.62 31.14
N ALA B 417 9.70 -17.74 31.86
CA ALA B 417 10.58 -18.82 31.45
C ALA B 417 9.96 -19.76 30.42
N PHE B 418 8.75 -19.48 29.93
CA PHE B 418 8.12 -20.28 28.89
C PHE B 418 7.90 -19.38 27.69
N GLN B 419 8.64 -19.62 26.62
CA GLN B 419 8.66 -18.77 25.43
C GLN B 419 8.11 -19.57 24.27
N ILE B 420 6.95 -19.18 23.81
CA ILE B 420 6.31 -19.76 22.67
C ILE B 420 5.81 -18.60 21.84
N GLY B 421 5.84 -18.74 20.53
CA GLY B 421 5.43 -17.68 19.65
C GLY B 421 4.16 -18.20 19.08
N LEU B 422 3.05 -17.83 19.68
CA LEU B 422 1.74 -18.19 19.21
C LEU B 422 1.04 -17.15 18.44
N GLY B 423 1.60 -15.97 18.42
CA GLY B 423 0.96 -14.91 17.65
C GLY B 423 0.85 -15.30 16.19
N LEU B 424 1.97 -15.69 15.58
CA LEU B 424 2.03 -16.19 14.20
C LEU B 424 2.24 -17.69 14.15
N ALA B 425 2.79 -18.27 15.20
CA ALA B 425 3.01 -19.71 15.28
C ALA B 425 3.80 -20.23 14.08
N ALA B 426 4.87 -19.51 13.73
CA ALA B 426 5.74 -19.91 12.62
C ALA B 426 6.65 -21.09 13.00
N MET B 427 6.59 -22.17 12.20
CA MET B 427 7.56 -23.24 12.41
C MET B 427 8.98 -22.71 12.29
N GLY B 428 9.85 -23.16 13.19
CA GLY B 428 11.24 -22.78 13.21
C GLY B 428 11.56 -21.58 14.06
N HIS B 429 10.56 -20.85 14.52
CA HIS B 429 10.74 -19.71 15.41
C HIS B 429 11.54 -20.09 16.67
N ALA B 430 11.09 -21.11 17.42
CA ALA B 430 11.79 -21.46 18.66
C ALA B 430 13.20 -21.99 18.40
N VAL B 431 13.38 -22.67 17.26
CA VAL B 431 14.71 -23.19 16.95
C VAL B 431 15.74 -22.07 16.97
N ALA B 432 15.46 -20.97 16.25
CA ALA B 432 16.44 -19.89 16.15
C ALA B 432 16.31 -18.87 17.28
N ALA B 433 15.10 -18.55 17.70
CA ALA B 433 14.94 -17.59 18.78
C ALA B 433 15.67 -18.04 20.04
N ALA B 434 15.71 -19.35 20.31
CA ALA B 434 16.34 -19.84 21.53
C ALA B 434 17.79 -19.42 21.63
N ILE B 435 18.45 -19.21 20.49
CA ILE B 435 19.81 -18.69 20.49
C ILE B 435 19.86 -17.25 20.98
N GLY B 436 18.93 -16.41 20.52
CA GLY B 436 18.84 -15.06 21.06
C GLY B 436 18.54 -15.05 22.55
N GLY B 437 17.73 -16.01 23.00
CA GLY B 437 17.42 -16.09 24.42
C GLY B 437 18.64 -16.32 25.29
N LYS B 438 19.58 -17.17 24.84
CA LYS B 438 20.72 -17.46 25.69
C LYS B 438 21.77 -16.36 25.65
N LEU B 439 21.78 -15.57 24.57
CA LEU B 439 22.60 -14.36 24.55
C LEU B 439 22.03 -13.29 25.48
N ALA B 440 20.72 -13.30 25.72
CA ALA B 440 20.18 -12.31 26.63
C ALA B 440 20.27 -12.75 28.07
N ALA B 441 20.21 -14.04 28.33
CA ALA B 441 20.27 -14.59 29.68
C ALA B 441 21.34 -15.68 29.74
N PRO B 442 22.61 -15.29 29.54
CA PRO B 442 23.69 -16.28 29.44
C PRO B 442 23.84 -17.14 30.69
N ASP B 443 23.24 -16.74 31.80
CA ASP B 443 23.47 -17.33 33.11
C ASP B 443 22.43 -18.35 33.51
N ARG B 444 21.41 -18.57 32.69
CA ARG B 444 20.42 -19.60 32.95
C ARG B 444 20.40 -20.63 31.83
N PRO B 445 19.99 -21.85 32.12
CA PRO B 445 19.84 -22.84 31.06
C PRO B 445 18.69 -22.48 30.14
N VAL B 446 18.91 -22.62 28.83
CA VAL B 446 17.87 -22.37 27.84
C VAL B 446 17.74 -23.60 26.96
N VAL B 447 16.51 -24.09 26.82
CA VAL B 447 16.23 -25.34 26.12
C VAL B 447 15.05 -25.10 25.19
N ALA B 448 15.17 -25.59 23.96
CA ALA B 448 14.16 -25.49 22.90
C ALA B 448 13.59 -26.87 22.60
N LEU B 449 12.27 -26.98 22.58
CA LEU B 449 11.59 -28.23 22.26
C LEU B 449 10.89 -28.05 20.93
N VAL B 450 11.40 -28.70 19.90
CA VAL B 450 11.03 -28.40 18.54
C VAL B 450 10.71 -29.69 17.80
N GLY B 451 9.84 -29.58 16.83
CA GLY B 451 9.56 -30.71 15.96
C GLY B 451 10.62 -30.84 14.89
N ASP B 452 10.57 -31.99 14.21
CA ASP B 452 11.60 -32.34 13.22
C ASP B 452 11.47 -31.50 11.96
N ALA B 453 10.23 -31.23 11.52
CA ALA B 453 10.01 -30.37 10.36
C ALA B 453 10.36 -28.93 10.67
N ALA B 454 10.07 -28.48 11.89
CA ALA B 454 10.45 -27.14 12.28
C ALA B 454 11.97 -26.97 12.25
N PHE B 455 12.70 -28.01 12.70
CA PHE B 455 14.17 -27.97 12.67
C PHE B 455 14.72 -28.00 11.27
N ALA B 456 14.06 -28.70 10.35
CA ALA B 456 14.49 -28.66 8.97
C ALA B 456 14.41 -27.26 8.36
N MET B 457 13.65 -26.35 8.93
CA MET B 457 13.58 -25.07 8.28
C MET B 457 14.63 -24.10 8.73
N ASN B 458 15.08 -24.26 9.95
CA ASN B 458 15.99 -23.33 10.61
C ASN B 458 17.00 -24.04 11.49
N GLY B 459 17.05 -25.37 11.45
CA GLY B 459 18.02 -26.08 12.27
C GLY B 459 19.46 -25.75 11.88
N MET B 460 19.66 -25.14 10.76
CA MET B 460 21.01 -24.87 10.38
C MET B 460 21.60 -23.76 11.17
N GLU B 461 20.90 -23.25 12.16
CA GLU B 461 21.48 -22.16 12.91
C GLU B 461 22.32 -22.66 14.04
N ILE B 462 22.18 -23.95 14.35
CA ILE B 462 22.96 -24.54 15.38
C ILE B 462 24.39 -24.32 15.03
N HIS B 463 24.65 -24.19 13.75
CA HIS B 463 26.03 -23.86 13.38
C HIS B 463 26.43 -22.48 13.87
N THR B 464 25.47 -21.54 13.91
CA THR B 464 25.79 -20.23 14.47
C THR B 464 26.03 -20.34 15.96
N ALA B 465 25.23 -21.17 16.66
CA ALA B 465 25.52 -21.46 18.06
C ALA B 465 26.86 -22.15 18.20
N ALA B 466 27.16 -23.09 17.31
CA ALA B 466 28.47 -23.73 17.37
C ALA B 466 29.58 -22.72 17.14
N GLU B 467 29.37 -21.75 16.25
CA GLU B 467 30.43 -20.80 15.95
C GLU B 467 30.76 -19.87 17.11
N TYR B 468 29.72 -19.38 17.80
CA TYR B 468 29.92 -18.41 18.88
C TYR B 468 29.90 -19.05 20.25
N LYS B 469 29.83 -20.37 20.32
CA LYS B 469 29.84 -21.06 21.59
C LYS B 469 28.68 -20.64 22.50
N ILE B 470 27.48 -20.71 21.94
CA ILE B 470 26.26 -20.32 22.66
C ILE B 470 25.56 -21.60 23.10
N PRO B 471 25.64 -21.94 24.37
CA PRO B 471 25.12 -23.24 24.84
C PRO B 471 23.62 -23.28 24.93
N VAL B 472 23.01 -23.89 23.93
CA VAL B 472 21.57 -24.16 23.91
C VAL B 472 21.39 -25.65 23.72
N THR B 473 20.37 -26.21 24.33
CA THR B 473 20.06 -27.61 24.12
C THR B 473 18.69 -27.71 23.47
N TRP B 474 18.68 -28.20 22.23
CA TRP B 474 17.49 -28.48 21.46
C TRP B 474 17.08 -29.93 21.67
N ILE B 475 15.80 -30.14 21.94
CA ILE B 475 15.23 -31.47 22.03
C ILE B 475 14.29 -31.61 20.83
N VAL B 476 14.72 -32.37 19.83
CA VAL B 476 13.95 -32.48 18.59
C VAL B 476 12.99 -33.66 18.72
N LEU B 477 11.68 -33.38 18.57
CA LEU B 477 10.68 -34.44 18.58
C LEU B 477 10.59 -35.02 17.18
N ASN B 478 11.38 -36.05 16.90
CA ASN B 478 11.51 -36.60 15.56
C ASN B 478 10.40 -37.63 15.38
N ASN B 479 9.32 -37.23 14.73
CA ASN B 479 8.27 -38.15 14.40
C ASN B 479 8.30 -38.53 12.93
N GLY B 480 9.27 -38.02 12.22
CA GLY B 480 9.39 -38.34 10.82
C GLY B 480 8.39 -37.55 10.01
N GLY B 481 8.27 -36.26 10.28
CA GLY B 481 7.43 -35.41 9.47
C GLY B 481 6.57 -34.48 10.29
N HIS B 482 5.47 -34.07 9.65
CA HIS B 482 4.59 -33.01 10.12
C HIS B 482 3.51 -33.65 10.98
N GLY B 483 3.76 -33.68 12.28
CA GLY B 483 2.90 -34.34 13.25
C GLY B 483 1.45 -33.95 13.14
N LEU B 484 1.17 -32.65 13.28
CA LEU B 484 -0.22 -32.20 13.36
C LEU B 484 -0.93 -32.36 12.02
N VAL B 485 -0.21 -32.19 10.90
CA VAL B 485 -0.83 -32.36 9.59
C VAL B 485 -1.25 -33.81 9.39
N HIS B 486 -0.41 -34.75 9.84
CA HIS B 486 -0.80 -36.15 9.84
C HIS B 486 -2.06 -36.36 10.65
N LEU B 487 -2.24 -35.58 11.71
CA LEU B 487 -3.42 -35.71 12.55
C LEU B 487 -4.65 -35.10 11.89
N PHE B 488 -4.47 -34.04 11.10
CA PHE B 488 -5.62 -33.46 10.40
C PHE B 488 -6.10 -34.37 9.28
N GLU B 489 -5.17 -34.94 8.51
CA GLU B 489 -5.58 -35.90 7.49
C GLU B 489 -6.33 -37.07 8.11
N GLN B 490 -5.79 -37.64 9.19
CA GLN B 490 -6.42 -38.84 9.75
C GLN B 490 -7.85 -38.55 10.21
N HIS B 491 -8.02 -37.41 10.90
CA HIS B 491 -9.18 -37.02 11.68
C HIS B 491 -10.17 -36.14 10.91
N GLN B 492 -9.80 -35.70 9.70
CA GLN B 492 -10.75 -34.93 8.90
C GLN B 492 -10.76 -35.23 7.40
N PHE B 493 -9.84 -36.02 6.91
CA PHE B 493 -9.94 -36.33 5.52
C PHE B 493 -9.99 -37.82 5.35
N ASP B 494 -10.29 -38.55 6.43
CA ASP B 494 -10.37 -40.01 6.45
C ASP B 494 -9.09 -40.72 5.98
N SER B 495 -7.95 -40.10 6.24
CA SER B 495 -6.65 -40.57 5.80
C SER B 495 -6.67 -40.99 4.35
N LYS B 496 -7.17 -40.15 3.45
CA LYS B 496 -7.22 -40.61 2.09
C LYS B 496 -5.89 -40.34 1.45
N PHE B 497 -5.27 -39.21 1.75
CA PHE B 497 -3.95 -38.89 1.26
C PHE B 497 -3.00 -38.74 2.43
N ASP B 498 -1.71 -38.69 2.12
CA ASP B 498 -0.66 -38.44 3.10
C ASP B 498 0.25 -37.37 2.51
N ILE B 499 0.22 -36.18 3.09
CA ILE B 499 1.15 -35.11 2.76
C ILE B 499 2.01 -34.76 3.98
N SER B 500 2.05 -35.65 4.97
CA SER B 500 2.59 -35.36 6.30
C SER B 500 3.88 -36.11 6.60
N SER B 501 3.93 -37.42 6.34
CA SER B 501 5.06 -38.26 6.75
C SER B 501 6.16 -38.31 5.70
N PHE B 502 7.40 -38.22 6.17
CA PHE B 502 8.58 -38.39 5.32
C PHE B 502 8.78 -39.84 4.94
N ARG B 503 9.40 -40.06 3.77
CA ARG B 503 9.73 -41.42 3.33
C ARG B 503 10.88 -42.01 4.15
N LYS B 504 11.84 -41.18 4.55
CA LYS B 504 12.92 -41.60 5.46
C LYS B 504 13.22 -40.43 6.40
N SER B 505 13.00 -40.65 7.70
CA SER B 505 13.35 -39.70 8.75
C SER B 505 14.75 -39.09 8.60
N ILE B 506 14.87 -37.80 8.95
CA ILE B 506 16.18 -37.15 9.02
C ILE B 506 16.94 -37.61 10.26
N ASP B 507 18.28 -37.71 10.13
CA ASP B 507 19.17 -38.04 11.25
C ASP B 507 19.79 -36.74 11.78
N PHE B 508 19.21 -36.20 12.84
CA PHE B 508 19.71 -34.95 13.39
C PHE B 508 20.98 -35.16 14.18
N CYS B 509 21.36 -36.40 14.47
CA CYS B 509 22.64 -36.59 15.13
C CYS B 509 23.78 -36.51 14.12
N LYS B 510 23.60 -37.05 12.93
CA LYS B 510 24.55 -36.77 11.87
C LYS B 510 24.50 -35.31 11.46
N MET B 511 23.31 -34.71 11.45
CA MET B 511 23.22 -33.30 11.10
C MET B 511 23.97 -32.46 12.12
N ALA B 512 23.89 -32.76 13.39
CA ALA B 512 24.58 -31.95 14.36
C ALA B 512 26.07 -31.95 14.15
N GLU B 513 26.57 -33.11 13.79
CA GLU B 513 27.98 -33.31 13.56
C GLU B 513 28.57 -32.44 12.46
N SER B 514 27.78 -32.18 11.44
CA SER B 514 28.09 -31.35 10.30
C SER B 514 28.37 -29.95 10.70
N LEU B 515 27.65 -29.47 11.69
CA LEU B 515 27.89 -28.15 12.16
C LEU B 515 28.76 -28.12 13.38
N GLY B 516 29.20 -29.27 13.90
CA GLY B 516 30.09 -29.19 15.04
C GLY B 516 29.39 -29.08 16.37
N VAL B 517 28.23 -29.72 16.51
CA VAL B 517 27.38 -29.65 17.69
C VAL B 517 27.27 -31.06 18.28
N LYS B 518 27.43 -31.17 19.60
CA LYS B 518 27.31 -32.46 20.25
C LYS B 518 25.86 -32.94 20.24
N SER B 519 25.68 -34.25 20.02
CA SER B 519 24.36 -34.80 19.70
C SER B 519 24.18 -36.10 20.45
N TYR B 520 22.91 -36.41 20.76
CA TYR B 520 22.54 -37.66 21.39
C TYR B 520 21.29 -38.20 20.71
N ARG B 521 21.26 -39.50 20.51
CA ARG B 521 20.06 -40.16 20.03
C ARG B 521 19.36 -40.81 21.21
N ALA B 522 18.04 -40.71 21.25
CA ALA B 522 17.29 -41.24 22.38
C ALA B 522 16.11 -42.06 21.85
N GLU B 523 16.19 -43.34 22.11
CA GLU B 523 15.16 -44.23 21.69
C GLU B 523 14.39 -44.74 22.87
N THR B 524 14.83 -44.41 24.07
CA THR B 524 14.15 -44.83 25.27
C THR B 524 14.29 -43.77 26.33
N VAL B 525 13.34 -43.72 27.25
CA VAL B 525 13.34 -42.68 28.31
C VAL B 525 14.65 -42.50 29.04
N GLU B 526 15.20 -43.62 29.43
CA GLU B 526 16.45 -43.66 30.13
C GLU B 526 17.54 -43.03 29.29
N ASP B 527 17.58 -43.35 28.00
CA ASP B 527 18.53 -42.76 27.10
C ASP B 527 18.24 -41.28 27.06
N PHE B 528 16.97 -40.90 26.93
CA PHE B 528 16.65 -39.48 26.92
C PHE B 528 17.18 -38.86 28.18
N ASP B 529 16.81 -39.44 29.29
CA ASP B 529 17.28 -38.95 30.57
C ASP B 529 18.74 -38.71 30.74
N ALA B 530 19.57 -39.59 30.24
CA ALA B 530 20.99 -39.42 30.39
C ALA B 530 21.55 -38.37 29.49
N ALA B 531 20.96 -38.24 28.33
CA ALA B 531 21.44 -37.26 27.40
C ALA B 531 21.30 -35.88 28.00
N LEU B 532 20.14 -35.60 28.57
CA LEU B 532 19.86 -34.33 29.17
C LEU B 532 20.87 -33.95 30.17
N LYS B 533 21.14 -34.86 31.10
CA LYS B 533 22.11 -34.57 32.12
C LYS B 533 23.44 -34.31 31.50
N GLY B 534 23.84 -35.12 30.53
CA GLY B 534 25.04 -34.90 29.78
C GLY B 534 24.96 -33.53 29.19
N ALA B 535 23.88 -33.22 28.50
CA ALA B 535 23.73 -31.92 27.89
C ALA B 535 23.88 -30.76 28.82
N LEU B 536 23.31 -30.85 30.02
CA LEU B 536 23.38 -29.70 30.94
C LEU B 536 24.72 -29.46 31.60
N ALA B 537 25.57 -30.46 31.58
CA ALA B 537 26.83 -30.37 32.23
C ALA B 537 27.94 -29.81 31.41
N MET B 538 27.78 -29.90 30.09
CA MET B 538 28.84 -29.50 29.18
C MET B 538 29.02 -28.06 28.66
N ASN B 539 28.15 -27.11 29.03
CA ASN B 539 28.30 -25.75 28.55
C ASN B 539 28.57 -25.56 27.07
N THR B 540 27.88 -26.30 26.26
CA THR B 540 28.03 -26.15 24.86
C THR B 540 26.81 -26.69 24.21
N PRO B 541 26.58 -26.25 23.00
CA PRO B 541 25.48 -26.60 22.15
C PRO B 541 25.30 -28.06 22.08
N CYS B 542 24.07 -28.46 22.17
CA CYS B 542 23.80 -29.85 22.11
C CYS B 542 22.44 -30.06 21.54
N LEU B 543 22.25 -31.21 20.92
CA LEU B 543 21.01 -31.62 20.28
C LEU B 543 20.65 -33.01 20.77
N ILE B 544 19.37 -33.23 21.02
CA ILE B 544 18.89 -34.54 21.42
C ILE B 544 17.84 -34.97 20.41
N ASP B 545 18.11 -36.05 19.68
CA ASP B 545 17.23 -36.55 18.63
C ASP B 545 16.38 -37.65 19.26
N VAL B 546 15.13 -37.30 19.57
CA VAL B 546 14.21 -38.15 20.34
C VAL B 546 13.23 -38.78 19.38
N GLN B 547 13.12 -40.11 19.40
CA GLN B 547 12.17 -40.82 18.53
C GLN B 547 10.77 -40.78 19.10
N VAL B 548 9.81 -40.38 18.26
CA VAL B 548 8.44 -40.18 18.68
C VAL B 548 7.50 -40.73 17.60
N ASP B 549 6.42 -41.38 18.03
CA ASP B 549 5.43 -41.90 17.10
C ASP B 549 4.56 -40.74 16.60
N ILE B 550 4.42 -40.62 15.28
CA ILE B 550 3.70 -39.47 14.71
C ILE B 550 2.20 -39.62 14.84
N ASP B 551 1.71 -40.76 15.32
CA ASP B 551 0.29 -41.00 15.47
C ASP B 551 -0.22 -40.72 16.88
N VAL B 552 0.66 -40.30 17.79
CA VAL B 552 0.25 -39.89 19.13
C VAL B 552 -0.65 -38.67 19.08
N LEU B 553 -1.84 -38.77 19.69
CA LEU B 553 -2.79 -37.66 19.73
C LEU B 553 -2.46 -36.74 20.90
N PRO B 554 -2.00 -35.53 20.63
CA PRO B 554 -1.61 -34.61 21.70
C PRO B 554 -2.70 -34.10 22.59
N PRO B 555 -2.29 -33.36 23.59
CA PRO B 555 -3.21 -32.83 24.59
C PRO B 555 -4.14 -31.79 24.08
N GLY B 556 -5.34 -32.14 23.70
CA GLY B 556 -6.25 -31.11 23.29
C GLY B 556 -6.72 -31.14 21.88
N MET B 557 -6.19 -32.03 21.09
CA MET B 557 -6.60 -32.06 19.72
C MET B 557 -7.99 -32.59 19.63
N LYS B 558 -8.32 -33.56 20.44
CA LYS B 558 -9.65 -34.10 20.31
C LYS B 558 -10.61 -33.06 20.76
N GLN B 559 -10.26 -32.29 21.77
CA GLN B 559 -11.15 -31.24 22.20
C GLN B 559 -11.29 -30.26 21.07
N ARG B 560 -10.18 -29.98 20.43
CA ARG B 560 -10.14 -28.99 19.41
C ARG B 560 -10.57 -29.49 18.06
N PHE B 561 -10.72 -30.77 17.92
CA PHE B 561 -11.11 -31.36 16.66
C PHE B 561 -12.61 -31.35 16.50
N ASP B 562 -13.32 -31.01 17.56
CA ASP B 562 -14.75 -30.95 17.57
C ASP B 562 -15.24 -29.50 17.56
N LYS C 5 -22.70 -29.70 -13.88
CA LYS C 5 -22.12 -30.31 -12.70
C LYS C 5 -21.78 -29.25 -11.70
N THR C 6 -21.25 -29.66 -10.55
CA THR C 6 -20.87 -28.74 -9.53
C THR C 6 -19.73 -29.38 -8.81
N VAL C 7 -18.69 -28.60 -8.55
CA VAL C 7 -17.53 -29.05 -7.82
C VAL C 7 -17.16 -28.04 -6.78
N THR C 8 -16.15 -28.34 -6.01
CA THR C 8 -15.71 -27.41 -5.01
C THR C 8 -14.90 -26.39 -5.72
N ALA C 9 -14.93 -25.18 -5.20
CA ALA C 9 -14.21 -24.06 -5.80
C ALA C 9 -12.75 -24.40 -5.98
N VAL C 10 -12.17 -25.10 -5.02
CA VAL C 10 -10.75 -25.39 -5.09
C VAL C 10 -10.48 -26.54 -6.06
N GLU C 11 -11.44 -27.44 -6.30
CA GLU C 11 -11.24 -28.41 -7.38
C GLU C 11 -11.29 -27.73 -8.73
N LEU C 12 -12.15 -26.71 -8.91
CA LEU C 12 -12.19 -26.03 -10.18
C LEU C 12 -10.90 -25.25 -10.42
N LEU C 13 -10.30 -24.74 -9.35
CA LEU C 13 -8.98 -24.13 -9.45
C LEU C 13 -7.96 -25.13 -9.99
N VAL C 14 -7.89 -26.32 -9.40
CA VAL C 14 -6.93 -27.33 -9.86
C VAL C 14 -7.20 -27.71 -11.32
N ARG C 15 -8.47 -27.93 -11.67
CA ARG C 15 -8.81 -28.36 -13.04
C ARG C 15 -8.38 -27.32 -14.05
N GLN C 16 -8.51 -26.04 -13.71
CA GLN C 16 -8.01 -24.97 -14.58
C GLN C 16 -6.49 -24.95 -14.64
N MET C 17 -5.83 -25.25 -13.52
CA MET C 17 -4.38 -25.40 -13.56
C MET C 17 -3.98 -26.57 -14.44
N GLU C 18 -4.80 -27.57 -14.49
CA GLU C 18 -4.45 -28.66 -15.34
C GLU C 18 -4.53 -28.24 -16.75
N ALA C 19 -5.51 -27.44 -17.08
CA ALA C 19 -5.64 -27.00 -18.46
C ALA C 19 -4.40 -26.25 -18.93
N GLU C 20 -3.69 -25.61 -18.01
CA GLU C 20 -2.48 -24.89 -18.37
C GLU C 20 -1.22 -25.74 -18.25
N GLY C 21 -1.36 -27.05 -18.02
CA GLY C 21 -0.21 -27.93 -18.02
C GLY C 21 0.65 -27.93 -16.77
N VAL C 22 0.22 -27.30 -15.68
CA VAL C 22 1.01 -27.40 -14.46
C VAL C 22 1.08 -28.86 -14.06
N SER C 23 2.28 -29.34 -13.77
CA SER C 23 2.43 -30.74 -13.42
C SER C 23 2.78 -30.96 -11.96
N TYR C 24 3.16 -29.88 -11.26
CA TYR C 24 3.51 -29.97 -9.86
C TYR C 24 3.07 -28.72 -9.15
N VAL C 25 2.78 -28.90 -7.86
CA VAL C 25 2.57 -27.82 -6.92
C VAL C 25 3.55 -28.05 -5.80
N PHE C 26 4.44 -27.10 -5.59
CA PHE C 26 5.42 -27.15 -4.52
C PHE C 26 4.89 -26.36 -3.34
N GLY C 27 5.05 -26.89 -2.13
CA GLY C 27 4.61 -26.16 -0.96
C GLY C 27 4.58 -27.03 0.28
N ILE C 28 4.04 -26.43 1.35
CA ILE C 28 3.91 -27.09 2.65
C ILE C 28 2.46 -26.97 3.13
N PRO C 29 1.82 -28.06 3.58
CA PRO C 29 0.41 -27.97 3.97
C PRO C 29 0.21 -27.18 5.25
N GLY C 30 -1.07 -26.96 5.54
CA GLY C 30 -1.50 -26.27 6.74
C GLY C 30 -2.99 -26.49 6.91
N GLY C 31 -3.46 -26.20 8.12
CA GLY C 31 -4.87 -26.36 8.46
C GLY C 31 -5.83 -25.82 7.42
N PRO C 32 -5.75 -24.51 7.14
CA PRO C 32 -6.72 -23.89 6.21
C PRO C 32 -6.47 -24.22 4.74
N LEU C 33 -5.28 -24.70 4.39
CA LEU C 33 -4.95 -25.05 3.02
C LEU C 33 -5.16 -26.54 2.71
N MET C 34 -5.63 -27.31 3.68
CA MET C 34 -5.82 -28.74 3.44
C MET C 34 -6.95 -29.01 2.44
N PRO C 35 -7.95 -28.14 2.24
CA PRO C 35 -8.92 -28.36 1.15
C PRO C 35 -8.27 -28.45 -0.22
N LEU C 36 -7.27 -27.62 -0.50
CA LEU C 36 -6.57 -27.67 -1.78
C LEU C 36 -5.90 -29.04 -1.97
N TYR C 37 -5.19 -29.52 -0.94
CA TYR C 37 -4.54 -30.82 -1.08
C TYR C 37 -5.55 -31.93 -1.28
N GLU C 38 -6.69 -31.86 -0.59
CA GLU C 38 -7.74 -32.83 -0.82
C GLU C 38 -8.12 -32.87 -2.30
N ALA C 39 -8.14 -31.70 -2.94
CA ALA C 39 -8.54 -31.63 -4.35
C ALA C 39 -7.46 -32.20 -5.27
N ILE C 40 -6.20 -31.88 -5.02
CA ILE C 40 -5.15 -32.36 -5.92
C ILE C 40 -5.10 -33.89 -5.90
N PHE C 41 -5.13 -34.47 -4.69
CA PHE C 41 -5.10 -35.93 -4.58
C PHE C 41 -6.36 -36.56 -5.12
N SER C 42 -7.42 -35.80 -5.17
CA SER C 42 -8.63 -36.32 -5.69
C SER C 42 -8.64 -36.23 -7.20
N ARG C 43 -7.59 -35.70 -7.79
CA ARG C 43 -7.58 -35.55 -9.23
C ARG C 43 -6.63 -36.44 -10.00
N LYS C 44 -5.55 -36.82 -9.37
CA LYS C 44 -4.52 -37.65 -9.96
C LYS C 44 -4.08 -37.12 -11.29
N LYS C 45 -3.52 -35.94 -11.33
CA LYS C 45 -3.04 -35.39 -12.58
C LYS C 45 -1.93 -34.39 -12.31
N ILE C 46 -1.97 -33.82 -11.14
CA ILE C 46 -0.96 -32.91 -10.65
C ILE C 46 -0.41 -33.60 -9.43
N GLN C 47 0.88 -33.51 -9.18
CA GLN C 47 1.39 -34.15 -7.99
C GLN C 47 1.95 -33.13 -7.08
N PRO C 48 1.64 -33.26 -5.80
CA PRO C 48 2.19 -32.30 -4.83
C PRO C 48 3.57 -32.72 -4.36
N ILE C 49 4.44 -31.73 -4.18
CA ILE C 49 5.81 -31.94 -3.71
C ILE C 49 5.94 -31.23 -2.37
N LEU C 50 6.10 -32.00 -1.30
CA LEU C 50 6.27 -31.43 0.03
C LEU C 50 7.73 -31.09 0.25
N THR C 51 8.01 -29.80 0.45
CA THR C 51 9.35 -29.27 0.60
C THR C 51 9.63 -29.02 2.07
N LYS C 52 10.84 -28.58 2.37
CA LYS C 52 11.26 -28.39 3.75
C LYS C 52 11.09 -26.96 4.23
N HIS C 53 10.82 -26.01 3.32
CA HIS C 53 10.64 -24.60 3.63
C HIS C 53 9.87 -23.97 2.47
N GLU C 54 8.96 -23.04 2.77
CA GLU C 54 8.14 -22.46 1.71
C GLU C 54 8.96 -21.63 0.74
N GLU C 55 10.12 -21.13 1.14
CA GLU C 55 11.02 -20.50 0.19
C GLU C 55 11.57 -21.53 -0.78
N GLY C 56 11.80 -22.75 -0.30
CA GLY C 56 12.16 -23.84 -1.18
C GLY C 56 11.07 -24.17 -2.17
N ALA C 57 9.82 -24.16 -1.72
CA ALA C 57 8.70 -24.38 -2.63
C ALA C 57 8.61 -23.29 -3.71
N ALA C 58 8.82 -22.03 -3.33
CA ALA C 58 8.80 -20.95 -4.32
C ALA C 58 9.98 -21.05 -5.28
N PHE C 59 11.16 -21.36 -4.73
CA PHE C 59 12.36 -21.55 -5.56
C PHE C 59 12.20 -22.69 -6.55
N MET C 60 11.66 -23.83 -6.09
CA MET C 60 11.46 -24.95 -7.00
C MET C 60 10.47 -24.60 -8.08
N ALA C 61 9.37 -23.93 -7.72
CA ALA C 61 8.38 -23.50 -8.69
C ALA C 61 9.00 -22.54 -9.71
N GLU C 62 9.81 -21.58 -9.24
CA GLU C 62 10.49 -20.68 -10.17
C GLU C 62 11.39 -21.47 -11.13
N GLY C 63 12.16 -22.41 -10.59
CA GLY C 63 13.03 -23.21 -11.43
C GLY C 63 12.25 -24.04 -12.42
N TYR C 64 11.20 -24.72 -11.95
CA TYR C 64 10.37 -25.49 -12.87
C TYR C 64 9.83 -24.60 -13.98
N ALA C 65 9.34 -23.41 -13.65
CA ALA C 65 8.80 -22.53 -14.68
C ALA C 65 9.85 -22.20 -15.73
N ARG C 66 11.05 -21.83 -15.29
CA ARG C 66 12.05 -21.33 -16.23
C ARG C 66 12.46 -22.37 -17.27
N VAL C 67 12.65 -23.63 -16.87
CA VAL C 67 13.07 -24.61 -17.87
C VAL C 67 11.87 -25.23 -18.59
N SER C 68 10.79 -25.48 -17.83
CA SER C 68 9.52 -25.87 -18.41
C SER C 68 9.03 -24.81 -19.41
N GLY C 69 9.17 -23.55 -19.07
CA GLY C 69 8.58 -22.55 -19.94
C GLY C 69 7.07 -22.48 -19.71
N LYS C 70 6.59 -23.15 -18.69
CA LYS C 70 5.19 -23.01 -18.38
C LYS C 70 5.03 -22.30 -17.03
N LEU C 71 3.90 -22.50 -16.43
CA LEU C 71 3.56 -21.88 -15.15
C LEU C 71 4.04 -22.74 -13.96
N GLY C 72 4.75 -22.10 -13.04
CA GLY C 72 5.10 -22.74 -11.79
C GLY C 72 4.05 -22.42 -10.74
N VAL C 73 3.72 -23.42 -9.93
CA VAL C 73 2.70 -23.24 -8.91
C VAL C 73 3.24 -23.77 -7.59
N CYS C 74 3.14 -22.94 -6.55
CA CYS C 74 3.41 -23.34 -5.18
C CYS C 74 2.27 -22.88 -4.29
N CYS C 75 2.10 -23.58 -3.17
CA CYS C 75 1.08 -23.29 -2.18
C CYS C 75 1.73 -23.19 -0.80
N ALA C 76 1.18 -22.33 0.04
CA ALA C 76 1.63 -22.21 1.42
C ALA C 76 0.42 -21.82 2.26
N THR C 77 0.47 -22.13 3.55
CA THR C 77 -0.70 -21.86 4.38
C THR C 77 -0.66 -20.43 4.92
N THR C 78 -1.65 -20.13 5.77
CA THR C 78 -1.84 -18.77 6.28
C THR C 78 -0.60 -18.27 7.03
N GLY C 79 -0.41 -16.96 6.99
CA GLY C 79 0.57 -16.31 7.82
C GLY C 79 1.99 -16.77 7.55
N PRO C 80 2.60 -17.47 8.53
CA PRO C 80 4.03 -17.75 8.42
C PRO C 80 4.35 -18.64 7.25
N GLY C 81 3.42 -19.52 6.87
CA GLY C 81 3.58 -20.24 5.62
C GLY C 81 3.83 -19.30 4.45
N ALA C 82 2.95 -18.30 4.26
CA ALA C 82 3.03 -17.45 3.07
C ALA C 82 4.24 -16.52 3.11
N THR C 83 4.46 -15.84 4.24
CA THR C 83 5.58 -14.92 4.34
C THR C 83 6.91 -15.61 4.03
N ASN C 84 7.00 -16.92 4.27
CA ASN C 84 8.22 -17.68 3.98
C ASN C 84 8.48 -17.71 2.48
N ALA C 85 7.42 -17.82 1.68
CA ALA C 85 7.55 -17.89 0.24
C ALA C 85 7.98 -16.58 -0.38
N LEU C 86 8.04 -15.50 0.41
CA LEU C 86 8.21 -14.17 -0.19
C LEU C 86 9.46 -14.07 -1.08
N THR C 87 10.64 -14.45 -0.58
CA THR C 87 11.86 -14.19 -1.35
C THR C 87 11.94 -15.00 -2.63
N GLY C 88 11.36 -16.20 -2.66
CA GLY C 88 11.33 -16.94 -3.91
C GLY C 88 10.40 -16.29 -4.93
N ILE C 89 9.26 -15.77 -4.47
CA ILE C 89 8.33 -15.10 -5.35
C ILE C 89 8.94 -13.81 -5.88
N ALA C 90 9.74 -13.12 -5.05
CA ALA C 90 10.39 -11.88 -5.49
C ALA C 90 11.48 -12.14 -6.54
N CYS C 91 12.14 -13.32 -6.52
CA CYS C 91 13.08 -13.56 -7.61
C CYS C 91 12.35 -13.90 -8.90
N ALA C 92 11.23 -14.60 -8.82
CA ALA C 92 10.38 -14.77 -10.00
C ALA C 92 9.94 -13.43 -10.56
N TYR C 93 9.73 -12.43 -9.69
CA TYR C 93 9.29 -11.12 -10.15
C TYR C 93 10.40 -10.36 -10.86
N SER C 94 11.64 -10.48 -10.40
CA SER C 94 12.74 -9.75 -11.00
C SER C 94 13.37 -10.52 -12.17
N ASP C 95 13.03 -11.80 -12.30
CA ASP C 95 13.50 -12.63 -13.40
C ASP C 95 12.43 -12.80 -14.48
N SER C 96 11.26 -12.22 -14.29
CA SER C 96 10.21 -12.31 -15.27
C SER C 96 9.73 -13.76 -15.42
N THR C 97 9.54 -14.44 -14.28
CA THR C 97 9.13 -15.84 -14.35
C THR C 97 7.70 -16.01 -13.86
N PRO C 98 6.85 -16.74 -14.62
CA PRO C 98 5.45 -16.94 -14.21
C PRO C 98 5.27 -17.99 -13.13
N VAL C 99 5.10 -17.55 -11.88
CA VAL C 99 4.85 -18.43 -10.73
C VAL C 99 3.54 -18.02 -10.08
N LEU C 100 2.68 -19.00 -9.80
CA LEU C 100 1.44 -18.76 -9.08
C LEU C 100 1.57 -19.34 -7.68
N LEU C 101 1.47 -18.48 -6.67
CA LEU C 101 1.51 -18.85 -5.27
C LEU C 101 0.11 -18.85 -4.68
N LEU C 102 -0.34 -20.01 -4.22
CA LEU C 102 -1.62 -20.16 -3.54
C LEU C 102 -1.40 -20.08 -2.03
N THR C 103 -2.12 -19.19 -1.38
CA THR C 103 -2.02 -19.04 0.05
C THR C 103 -3.38 -19.29 0.67
N ALA C 104 -3.41 -19.97 1.81
CA ALA C 104 -4.69 -20.15 2.48
C ALA C 104 -5.03 -18.90 3.29
N GLN C 105 -6.31 -18.76 3.60
CA GLN C 105 -6.80 -17.70 4.47
C GLN C 105 -7.75 -18.33 5.48
N VAL C 106 -7.83 -17.73 6.67
CA VAL C 106 -8.83 -18.20 7.61
C VAL C 106 -10.22 -17.98 7.01
N GLY C 107 -11.20 -18.72 7.54
CA GLY C 107 -12.57 -18.54 7.07
C GLY C 107 -13.10 -17.16 7.39
N THR C 108 -14.00 -16.68 6.52
CA THR C 108 -14.50 -15.32 6.65
C THR C 108 -15.11 -15.05 8.03
N ALA C 109 -15.78 -16.05 8.60
CA ALA C 109 -16.51 -15.83 9.84
C ALA C 109 -15.64 -15.36 11.01
N ALA C 110 -14.31 -15.39 10.86
CA ALA C 110 -13.40 -15.01 11.93
C ALA C 110 -12.57 -13.77 11.62
N PHE C 111 -12.74 -13.12 10.47
CA PHE C 111 -11.96 -11.92 10.18
C PHE C 111 -12.16 -10.88 11.29
N GLY C 112 -11.07 -10.22 11.65
CA GLY C 112 -11.09 -9.19 12.68
C GLY C 112 -11.17 -9.68 14.11
N LYS C 113 -11.35 -10.99 14.34
CA LYS C 113 -11.50 -11.56 15.67
C LYS C 113 -10.19 -12.03 16.28
N GLY C 114 -9.11 -12.07 15.51
CA GLY C 114 -7.88 -12.64 16.02
C GLY C 114 -7.82 -14.13 15.77
N ALA C 115 -8.06 -14.57 14.55
CA ALA C 115 -7.99 -15.98 14.31
C ALA C 115 -6.58 -16.44 14.12
N LEU C 116 -6.43 -17.74 14.15
CA LEU C 116 -5.18 -18.43 13.97
C LEU C 116 -4.46 -17.96 12.73
N GLN C 117 -3.32 -17.35 12.90
CA GLN C 117 -2.53 -16.81 11.83
C GLN C 117 -3.34 -15.99 10.88
N GLU C 118 -4.19 -15.15 11.44
CA GLU C 118 -5.04 -14.26 10.65
C GLU C 118 -4.20 -13.49 9.64
N SER C 119 -4.57 -13.62 8.37
CA SER C 119 -3.77 -13.01 7.30
C SER C 119 -4.60 -12.01 6.51
N THR C 120 -5.40 -11.23 7.23
CA THR C 120 -6.20 -10.16 6.68
C THR C 120 -5.56 -8.81 7.01
N VAL C 121 -6.27 -7.73 6.69
CA VAL C 121 -5.78 -6.40 7.07
C VAL C 121 -5.62 -6.27 8.57
N HIS C 122 -6.38 -7.04 9.35
CA HIS C 122 -6.31 -6.97 10.82
C HIS C 122 -5.17 -7.78 11.42
N GLY C 123 -4.55 -8.65 10.63
CA GLY C 123 -3.43 -9.39 11.14
C GLY C 123 -2.23 -9.14 10.27
N VAL C 124 -1.75 -10.22 9.65
CA VAL C 124 -0.63 -10.20 8.70
C VAL C 124 -1.25 -10.15 7.30
N ASP C 125 -1.21 -8.98 6.66
CA ASP C 125 -1.94 -8.78 5.41
C ASP C 125 -1.16 -9.38 4.24
N LEU C 126 -1.50 -10.61 3.92
CA LEU C 126 -0.81 -11.29 2.84
C LEU C 126 -1.04 -10.57 1.51
N VAL C 127 -2.27 -10.11 1.28
CA VAL C 127 -2.55 -9.49 0.00
C VAL C 127 -1.76 -8.19 -0.19
N SER C 128 -1.47 -7.45 0.89
CA SER C 128 -0.68 -6.25 0.69
C SER C 128 0.81 -6.47 0.79
N ILE C 129 1.24 -7.48 1.54
CA ILE C 129 2.66 -7.78 1.63
C ILE C 129 3.23 -8.17 0.27
N PHE C 130 2.48 -8.95 -0.49
CA PHE C 130 2.93 -9.55 -1.74
C PHE C 130 2.69 -8.65 -2.92
N SER C 131 2.08 -7.58 -2.64
CA SER C 131 1.39 -6.85 -3.66
C SER C 131 2.49 -6.14 -4.48
N PRO C 132 3.54 -5.62 -3.82
CA PRO C 132 4.63 -4.95 -4.55
C PRO C 132 5.55 -5.87 -5.35
N ILE C 133 5.43 -7.20 -5.21
CA ILE C 133 6.36 -8.11 -5.91
C ILE C 133 5.56 -9.18 -6.64
N THR C 134 4.39 -8.81 -7.11
CA THR C 134 3.60 -9.65 -8.01
C THR C 134 2.88 -8.76 -9.02
N LYS C 135 2.55 -9.37 -10.17
CA LYS C 135 1.68 -8.71 -11.14
C LYS C 135 0.26 -8.61 -10.59
N LEU C 136 -0.10 -9.47 -9.64
CA LEU C 136 -1.44 -9.46 -9.07
C LEU C 136 -1.45 -10.17 -7.72
N SER C 137 -2.12 -9.54 -6.73
CA SER C 137 -2.34 -10.10 -5.39
C SER C 137 -3.76 -9.72 -4.98
N VAL C 138 -4.63 -10.72 -4.77
CA VAL C 138 -6.04 -10.42 -4.55
C VAL C 138 -6.58 -11.54 -3.71
N MET C 139 -7.54 -11.23 -2.87
CA MET C 139 -8.22 -12.30 -2.14
C MET C 139 -9.49 -12.66 -2.89
N ILE C 140 -9.67 -13.96 -3.14
CA ILE C 140 -10.86 -14.46 -3.81
C ILE C 140 -12.05 -14.08 -2.92
N PRO C 141 -13.02 -13.25 -3.38
CA PRO C 141 -14.06 -12.79 -2.45
C PRO C 141 -15.13 -13.82 -2.15
N THR C 142 -15.56 -14.58 -3.14
CA THR C 142 -16.62 -15.56 -2.96
C THR C 142 -16.36 -16.75 -3.85
N ALA C 143 -17.06 -17.82 -3.56
CA ALA C 143 -16.92 -19.05 -4.24
C ALA C 143 -17.13 -18.85 -5.69
N GLU C 144 -18.21 -18.22 -6.06
CA GLU C 144 -18.53 -18.01 -7.45
C GLU C 144 -17.44 -17.37 -8.30
N LYS C 145 -16.72 -16.40 -7.77
CA LYS C 145 -15.72 -15.76 -8.56
C LYS C 145 -14.46 -16.54 -8.66
N MET C 146 -14.48 -17.81 -8.33
CA MET C 146 -13.25 -18.60 -8.39
C MET C 146 -12.75 -18.78 -9.82
N GLY C 147 -13.64 -19.14 -10.74
CA GLY C 147 -13.23 -19.31 -12.12
C GLY C 147 -12.59 -18.05 -12.67
N GLU C 148 -13.28 -16.92 -12.55
CA GLU C 148 -12.82 -15.70 -13.22
C GLU C 148 -11.52 -15.19 -12.63
N MET C 149 -11.35 -15.31 -11.31
CA MET C 149 -10.07 -14.87 -10.74
C MET C 149 -9.00 -15.89 -11.05
N THR C 150 -9.43 -17.12 -11.29
CA THR C 150 -8.43 -18.13 -11.45
C THR C 150 -7.92 -18.14 -12.91
N ARG C 151 -8.78 -17.80 -13.87
CA ARG C 151 -8.34 -17.54 -15.24
C ARG C 151 -7.64 -16.19 -15.35
N ARG C 152 -8.03 -15.25 -14.50
CA ARG C 152 -7.34 -13.96 -14.41
C ARG C 152 -5.88 -14.14 -14.03
N ALA C 153 -5.60 -15.00 -13.04
CA ALA C 153 -4.22 -15.19 -12.59
C ALA C 153 -3.37 -15.82 -13.68
N LEU C 154 -3.91 -16.85 -14.33
CA LEU C 154 -3.20 -17.48 -15.43
C LEU C 154 -2.99 -16.49 -16.58
N ARG C 155 -4.00 -15.67 -16.86
CA ARG C 155 -3.87 -14.67 -17.90
C ARG C 155 -2.76 -13.66 -17.57
N THR C 156 -2.72 -13.16 -16.32
CA THR C 156 -1.76 -12.10 -15.99
C THR C 156 -0.33 -12.63 -15.89
N ALA C 157 -0.14 -13.82 -15.31
CA ALA C 157 1.23 -14.30 -15.10
C ALA C 157 1.97 -14.51 -16.42
N GLN C 158 1.27 -14.88 -17.50
CA GLN C 158 1.95 -15.27 -18.72
C GLN C 158 1.77 -14.30 -19.88
N SER C 159 1.17 -13.12 -19.66
CA SER C 159 1.04 -12.11 -20.71
C SER C 159 1.93 -10.91 -20.41
N GLY C 160 2.17 -10.10 -21.44
CA GLY C 160 3.10 -9.02 -21.30
C GLY C 160 4.43 -9.58 -20.82
N ARG C 161 5.08 -8.82 -19.96
CA ARG C 161 6.25 -9.33 -19.25
C ARG C 161 5.81 -10.34 -18.20
N PRO C 162 6.20 -11.62 -18.29
CA PRO C 162 5.66 -12.61 -17.35
C PRO C 162 6.14 -12.32 -15.94
N GLY C 163 5.38 -12.83 -14.96
CA GLY C 163 5.67 -12.58 -13.57
C GLY C 163 4.72 -13.35 -12.66
N PRO C 164 4.91 -13.26 -11.35
CA PRO C 164 4.17 -14.15 -10.45
C PRO C 164 2.84 -13.55 -9.99
N ILE C 165 1.97 -14.44 -9.52
CA ILE C 165 0.62 -14.10 -9.09
C ILE C 165 0.40 -14.66 -7.70
N HIS C 166 -0.24 -13.88 -6.83
CA HIS C 166 -0.59 -14.30 -5.47
C HIS C 166 -2.11 -14.38 -5.34
N LEU C 167 -2.61 -15.58 -5.07
CA LEU C 167 -4.04 -15.83 -4.88
C LEU C 167 -4.29 -16.29 -3.45
N ASN C 168 -5.10 -15.52 -2.73
CA ASN C 168 -5.41 -15.79 -1.34
C ASN C 168 -6.82 -16.37 -1.26
N ILE C 169 -6.96 -17.48 -0.55
CA ILE C 169 -8.21 -18.24 -0.59
C ILE C 169 -8.76 -18.48 0.81
N PRO C 170 -9.86 -17.80 1.18
CA PRO C 170 -10.54 -18.09 2.45
C PRO C 170 -10.93 -19.55 2.57
N ALA C 171 -10.73 -20.11 3.79
CA ALA C 171 -10.85 -21.56 3.94
C ALA C 171 -12.27 -22.03 3.73
N ASP C 172 -13.23 -21.25 4.19
CA ASP C 172 -14.60 -21.64 4.10
C ASP C 172 -15.18 -21.59 2.71
N ILE C 173 -14.65 -20.75 1.85
CA ILE C 173 -15.22 -20.67 0.56
C ILE C 173 -14.59 -21.69 -0.34
N ALA C 174 -13.45 -22.21 0.09
CA ALA C 174 -12.72 -23.23 -0.67
C ALA C 174 -13.61 -24.39 -1.10
N LYS C 175 -14.55 -24.79 -0.24
CA LYS C 175 -15.31 -26.00 -0.53
C LYS C 175 -16.78 -25.74 -0.80
N HIS C 176 -17.14 -24.52 -1.19
CA HIS C 176 -18.47 -24.24 -1.70
C HIS C 176 -18.62 -24.76 -3.13
N PRO C 177 -19.83 -25.17 -3.52
CA PRO C 177 -20.02 -25.69 -4.89
C PRO C 177 -20.01 -24.58 -5.92
N VAL C 178 -19.44 -24.87 -7.10
CA VAL C 178 -19.45 -23.93 -8.21
C VAL C 178 -19.71 -24.68 -9.50
N PRO C 179 -20.24 -23.99 -10.51
CA PRO C 179 -20.39 -24.62 -11.83
C PRO C 179 -19.02 -25.00 -12.37
N LEU C 180 -18.96 -26.15 -13.05
CA LEU C 180 -17.68 -26.59 -13.63
C LEU C 180 -17.57 -26.05 -15.06
N GLU C 181 -16.70 -25.06 -15.22
CA GLU C 181 -16.47 -24.30 -16.44
C GLU C 181 -14.98 -24.07 -16.49
N VAL C 182 -14.29 -24.93 -17.20
CA VAL C 182 -12.84 -24.81 -17.36
C VAL C 182 -12.58 -24.62 -18.84
N PHE C 183 -11.70 -23.67 -19.19
CA PHE C 183 -11.53 -23.37 -20.59
C PHE C 183 -10.07 -23.57 -20.97
N PRO C 184 -9.82 -23.85 -22.25
CA PRO C 184 -8.44 -23.95 -22.72
C PRO C 184 -7.77 -22.60 -22.67
N PRO C 185 -6.46 -22.57 -22.46
CA PRO C 185 -5.77 -21.28 -22.26
C PRO C 185 -6.05 -20.22 -23.33
N MET C 186 -6.26 -20.61 -24.61
CA MET C 186 -6.37 -19.62 -25.67
C MET C 186 -7.75 -18.96 -25.73
N ASN C 187 -8.64 -19.31 -24.81
CA ASN C 187 -9.93 -18.66 -24.65
C ASN C 187 -9.88 -17.50 -23.66
N TYR C 188 -8.94 -17.54 -22.72
CA TYR C 188 -8.86 -16.49 -21.77
C TYR C 188 -7.54 -15.76 -21.77
N ARG C 189 -6.79 -15.83 -22.85
CA ARG C 189 -5.50 -15.19 -22.89
C ARG C 189 -5.13 -14.89 -24.32
N GLY C 190 -4.70 -13.69 -24.66
CA GLY C 190 -4.29 -13.50 -26.04
C GLY C 190 -2.86 -13.86 -26.37
N GLY C 191 -2.54 -13.70 -27.66
CA GLY C 191 -1.22 -13.96 -28.17
C GLY C 191 -0.29 -12.79 -27.89
N LYS C 192 0.88 -12.81 -28.53
CA LYS C 192 1.92 -11.84 -28.18
C LYS C 192 2.12 -10.76 -29.22
N PRO C 193 2.64 -9.59 -28.81
CA PRO C 193 2.79 -8.46 -29.73
C PRO C 193 3.94 -8.65 -30.71
N ALA C 194 3.69 -8.26 -31.95
CA ALA C 194 4.67 -8.25 -33.02
C ALA C 194 5.14 -6.83 -33.29
N PRO C 195 6.24 -6.65 -34.02
CA PRO C 195 6.66 -5.30 -34.37
C PRO C 195 5.82 -4.76 -35.50
N THR C 196 5.74 -3.43 -35.57
CA THR C 196 5.14 -2.83 -36.74
C THR C 196 6.04 -3.06 -37.94
N ILE C 197 5.43 -3.19 -39.12
CA ILE C 197 6.24 -3.32 -40.31
C ILE C 197 7.25 -2.18 -40.38
N MET C 198 6.86 -0.98 -39.94
CA MET C 198 7.80 0.12 -40.09
C MET C 198 9.10 -0.08 -39.30
N ASP C 199 9.05 -0.69 -38.12
CA ASP C 199 10.29 -0.86 -37.36
C ASP C 199 11.21 -1.93 -37.97
N VAL C 200 10.65 -3.03 -38.47
CA VAL C 200 11.53 -4.04 -39.02
C VAL C 200 12.19 -3.54 -40.30
N VAL C 201 11.51 -2.66 -41.04
CA VAL C 201 12.14 -2.16 -42.25
C VAL C 201 13.21 -1.13 -41.88
N ARG C 202 13.06 -0.47 -40.73
CA ARG C 202 14.09 0.44 -40.23
C ARG C 202 15.31 -0.34 -39.75
N VAL C 203 15.09 -1.52 -39.15
CA VAL C 203 16.23 -2.29 -38.68
C VAL C 203 16.91 -3.01 -39.83
N ALA C 204 16.14 -3.54 -40.77
CA ALA C 204 16.71 -4.14 -41.97
C ALA C 204 17.67 -3.18 -42.65
N GLU C 205 17.27 -1.90 -42.72
CA GLU C 205 18.00 -0.88 -43.47
C GLU C 205 19.22 -0.33 -42.71
N LEU C 206 19.16 -0.33 -41.37
CA LEU C 206 20.32 0.00 -40.53
C LEU C 206 21.28 -1.20 -40.41
N ILE C 207 20.75 -2.41 -40.53
CA ILE C 207 21.60 -3.62 -40.55
C ILE C 207 22.44 -3.66 -41.83
N PHE C 208 21.81 -3.37 -42.98
CA PHE C 208 22.51 -3.50 -44.26
C PHE C 208 23.68 -2.54 -44.37
N HIS C 209 23.55 -1.35 -43.79
CA HIS C 209 24.56 -0.32 -44.01
C HIS C 209 25.48 -0.14 -42.81
N ALA C 210 25.35 -1.00 -41.81
CA ALA C 210 26.14 -0.89 -40.61
C ALA C 210 27.55 -1.44 -40.87
N LYS C 211 28.54 -0.72 -40.37
CA LYS C 211 29.94 -1.11 -40.55
C LYS C 211 30.35 -2.19 -39.56
N ARG C 212 30.05 -1.99 -38.28
CA ARG C 212 30.41 -2.94 -37.22
C ARG C 212 29.15 -3.12 -36.37
N PRO C 213 28.23 -3.97 -36.82
CA PRO C 213 27.03 -4.24 -36.04
C PRO C 213 27.32 -5.21 -34.90
N ALA C 214 26.39 -5.22 -33.93
CA ALA C 214 26.52 -6.09 -32.78
C ALA C 214 25.14 -6.38 -32.20
N ILE C 215 24.99 -7.56 -31.60
CA ILE C 215 23.79 -7.95 -30.87
C ILE C 215 24.15 -8.20 -29.41
N LEU C 216 23.33 -7.70 -28.48
CA LEU C 216 23.44 -8.03 -27.06
C LEU C 216 22.13 -8.66 -26.60
N ALA C 217 22.14 -9.98 -26.41
CA ALA C 217 20.94 -10.73 -26.04
C ALA C 217 20.89 -11.00 -24.52
N GLY C 218 19.76 -10.65 -23.91
CA GLY C 218 19.54 -10.82 -22.49
C GLY C 218 18.59 -11.96 -22.17
N HIS C 219 18.12 -11.97 -20.93
CA HIS C 219 17.26 -13.05 -20.46
C HIS C 219 15.94 -13.14 -21.24
N GLY C 220 15.48 -12.06 -21.88
CA GLY C 220 14.22 -12.12 -22.61
C GLY C 220 14.16 -13.21 -23.67
N ILE C 221 15.31 -13.60 -24.23
CA ILE C 221 15.31 -14.63 -25.27
C ILE C 221 14.79 -15.96 -24.74
N GLU C 222 15.08 -16.27 -23.49
CA GLU C 222 14.53 -17.47 -22.88
C GLU C 222 13.04 -17.32 -22.58
N CYS C 223 12.61 -16.12 -22.13
CA CYS C 223 11.20 -15.95 -21.88
C CYS C 223 10.39 -16.02 -23.17
N ALA C 224 10.99 -15.57 -24.28
CA ALA C 224 10.35 -15.65 -25.58
C ALA C 224 10.59 -16.98 -26.28
N LYS C 225 11.45 -17.84 -25.74
CA LYS C 225 11.86 -19.07 -26.42
C LYS C 225 12.30 -18.78 -27.86
N ALA C 226 13.25 -17.84 -27.97
CA ALA C 226 13.66 -17.27 -29.25
C ALA C 226 15.06 -17.70 -29.65
N TRP C 227 15.54 -18.82 -29.10
CA TRP C 227 16.90 -19.25 -29.39
C TRP C 227 17.04 -19.59 -30.87
N GLU C 228 16.03 -20.26 -31.42
CA GLU C 228 16.13 -20.74 -32.80
C GLU C 228 16.29 -19.59 -33.77
N GLU C 229 15.47 -18.54 -33.65
CA GLU C 229 15.60 -17.44 -34.60
C GLU C 229 16.67 -16.44 -34.20
N LEU C 230 17.08 -16.40 -32.94
CA LEU C 230 18.26 -15.60 -32.65
C LEU C 230 19.48 -16.24 -33.31
N LEU C 231 19.56 -17.57 -33.25
CA LEU C 231 20.64 -18.33 -33.87
C LEU C 231 20.62 -18.20 -35.40
N ASP C 232 19.42 -18.20 -35.98
CA ASP C 232 19.28 -18.10 -37.42
C ASP C 232 19.36 -16.66 -37.90
N PHE C 233 18.94 -15.70 -37.09
CA PHE C 233 19.07 -14.29 -37.45
C PHE C 233 20.53 -13.83 -37.39
N ALA C 234 21.27 -14.26 -36.37
CA ALA C 234 22.68 -13.90 -36.31
C ALA C 234 23.44 -14.51 -37.48
N GLU C 235 23.11 -15.76 -37.81
CA GLU C 235 23.79 -16.43 -38.92
C GLU C 235 23.45 -15.77 -40.25
N LEU C 236 22.21 -15.37 -40.46
CA LEU C 236 21.87 -14.77 -41.74
C LEU C 236 22.52 -13.41 -41.93
N THR C 237 22.76 -12.69 -40.85
CA THR C 237 23.27 -11.33 -40.92
C THR C 237 24.79 -11.23 -40.79
N GLY C 238 25.41 -12.24 -40.22
CA GLY C 238 26.79 -12.15 -39.80
C GLY C 238 27.03 -11.21 -38.64
N ILE C 239 26.01 -10.91 -37.84
CA ILE C 239 26.27 -9.96 -36.75
C ILE C 239 26.61 -10.72 -35.47
N PRO C 240 27.74 -10.43 -34.84
CA PRO C 240 28.10 -11.19 -33.63
C PRO C 240 27.20 -10.79 -32.46
N VAL C 241 26.91 -11.76 -31.59
CA VAL C 241 25.97 -11.58 -30.48
C VAL C 241 26.66 -11.86 -29.15
N ALA C 242 26.60 -10.88 -28.22
CA ALA C 242 26.99 -11.04 -26.83
C ALA C 242 25.74 -11.23 -25.97
N THR C 243 25.89 -11.94 -24.86
CA THR C 243 24.77 -12.06 -23.95
C THR C 243 25.07 -11.30 -22.66
N THR C 244 23.99 -10.92 -21.98
CA THR C 244 24.08 -10.46 -20.62
C THR C 244 24.42 -11.65 -19.74
N PRO C 245 25.00 -11.43 -18.57
CA PRO C 245 25.38 -12.49 -17.67
C PRO C 245 24.26 -13.42 -17.39
N LYS C 246 23.06 -12.89 -17.29
CA LYS C 246 21.94 -13.72 -17.04
C LYS C 246 21.44 -14.32 -18.32
N GLY C 247 21.73 -13.65 -19.41
CA GLY C 247 21.32 -14.11 -20.71
C GLY C 247 22.11 -15.30 -21.19
N LYS C 248 23.30 -15.60 -20.67
CA LYS C 248 24.08 -16.79 -21.04
C LYS C 248 23.23 -18.05 -21.08
N SER C 249 23.38 -18.79 -22.19
CA SER C 249 22.68 -20.01 -22.68
C SER C 249 21.67 -19.61 -23.75
N SER C 250 21.79 -18.38 -24.23
CA SER C 250 20.89 -17.83 -25.24
C SER C 250 21.48 -18.00 -26.58
N PHE C 251 22.77 -17.80 -26.64
CA PHE C 251 23.48 -18.01 -27.89
C PHE C 251 24.64 -18.94 -27.58
N PRO C 252 24.94 -19.90 -28.46
CA PRO C 252 26.02 -20.86 -28.18
C PRO C 252 27.38 -20.18 -28.18
N GLU C 253 28.11 -20.32 -27.07
CA GLU C 253 29.37 -19.60 -26.89
C GLU C 253 30.56 -20.26 -27.59
N ASN C 254 30.43 -21.49 -28.09
CA ASN C 254 31.42 -22.08 -29.00
C ASN C 254 31.31 -21.57 -30.44
N HIS C 255 30.22 -20.87 -30.79
CA HIS C 255 29.89 -20.50 -32.16
C HIS C 255 30.81 -19.38 -32.64
N ALA C 256 31.14 -19.40 -33.93
CA ALA C 256 32.11 -18.43 -34.43
C ALA C 256 31.65 -16.99 -34.19
N LEU C 257 30.33 -16.76 -34.13
CA LEU C 257 29.78 -15.42 -34.03
C LEU C 257 29.51 -15.00 -32.60
N SER C 258 29.92 -15.80 -31.62
CA SER C 258 29.62 -15.53 -30.23
C SER C 258 30.74 -14.71 -29.61
N LEU C 259 30.36 -13.66 -28.89
CA LEU C 259 31.32 -12.82 -28.19
C LEU C 259 31.41 -13.13 -26.69
N GLY C 260 30.69 -14.15 -26.22
CA GLY C 260 30.68 -14.43 -24.80
C GLY C 260 29.69 -13.58 -24.04
N VAL C 261 30.00 -13.29 -22.77
CA VAL C 261 29.12 -12.48 -21.93
C VAL C 261 29.67 -11.06 -21.82
N PHE C 262 28.78 -10.09 -21.94
CA PHE C 262 29.15 -8.70 -21.71
C PHE C 262 28.56 -8.23 -20.37
N GLY C 263 29.42 -7.66 -19.53
CA GLY C 263 29.05 -7.16 -18.23
C GLY C 263 29.81 -7.90 -17.14
N PHE C 264 29.14 -8.11 -16.00
CA PHE C 264 29.79 -8.62 -14.81
C PHE C 264 30.36 -10.03 -15.02
N ALA C 265 31.62 -10.20 -14.65
CA ALA C 265 32.30 -11.48 -14.87
C ALA C 265 32.31 -11.85 -16.35
N GLY C 266 32.29 -10.84 -17.23
CA GLY C 266 32.16 -11.04 -18.65
C GLY C 266 33.49 -11.31 -19.34
N HIS C 267 33.43 -11.37 -20.66
CA HIS C 267 34.57 -11.80 -21.46
C HIS C 267 35.21 -10.61 -22.13
N GLN C 268 36.52 -10.66 -22.33
CA GLN C 268 37.17 -9.51 -22.96
C GLN C 268 36.73 -9.36 -24.40
N LYS C 269 36.20 -10.43 -24.98
CA LYS C 269 35.78 -10.40 -26.38
C LYS C 269 34.53 -9.56 -26.55
N ALA C 270 33.73 -9.43 -25.48
CA ALA C 270 32.56 -8.57 -25.52
C ALA C 270 32.90 -7.13 -25.15
N THR C 271 33.71 -6.93 -24.09
CA THR C 271 34.06 -5.56 -23.72
C THR C 271 34.71 -4.81 -24.89
N ASP C 272 35.76 -5.37 -25.47
CA ASP C 272 36.42 -4.65 -26.55
C ASP C 272 35.50 -4.37 -27.71
N TYR C 273 34.68 -5.33 -28.06
CA TYR C 273 33.78 -5.12 -29.15
C TYR C 273 32.79 -4.00 -28.93
N LEU C 274 32.16 -3.95 -27.78
CA LEU C 274 31.14 -2.93 -27.57
C LEU C 274 31.67 -1.77 -26.84
N LEU C 275 32.68 -1.99 -26.05
CA LEU C 275 33.20 -0.93 -25.28
C LEU C 275 33.76 0.14 -26.14
N SER C 276 34.74 -0.22 -26.94
CA SER C 276 35.39 0.75 -27.81
C SER C 276 34.41 1.19 -28.86
N GLY C 277 34.48 2.47 -29.16
CA GLY C 277 33.54 3.04 -30.10
C GLY C 277 33.47 2.56 -31.52
N ASP C 278 33.56 1.26 -31.81
CA ASP C 278 33.49 0.98 -33.21
C ASP C 278 32.08 0.69 -33.60
N VAL C 279 31.37 -0.04 -32.75
CA VAL C 279 30.00 -0.39 -33.03
C VAL C 279 29.19 0.86 -33.27
N ASP C 280 28.42 0.85 -34.34
CA ASP C 280 27.59 1.97 -34.72
C ASP C 280 26.15 1.56 -34.76
N VAL C 281 25.88 0.26 -34.71
CA VAL C 281 24.54 -0.26 -34.67
C VAL C 281 24.46 -1.47 -33.77
N LEU C 282 23.82 -1.31 -32.62
CA LEU C 282 23.66 -2.37 -31.62
C LEU C 282 22.24 -2.85 -31.60
N ILE C 283 22.00 -4.09 -31.24
CA ILE C 283 20.63 -4.53 -31.17
C ILE C 283 20.36 -5.19 -29.85
N VAL C 284 19.73 -4.49 -28.91
CA VAL C 284 19.46 -5.09 -27.64
C VAL C 284 18.21 -5.93 -27.68
N ILE C 285 18.28 -7.15 -27.25
CA ILE C 285 17.10 -7.98 -27.27
C ILE C 285 16.75 -8.73 -26.00
N GLY C 286 15.86 -8.19 -25.20
CA GLY C 286 15.48 -8.90 -24.01
C GLY C 286 16.37 -8.54 -22.86
N SER C 287 16.47 -7.27 -22.58
CA SER C 287 17.30 -6.87 -21.50
C SER C 287 16.86 -5.62 -20.86
N SER C 288 17.07 -5.54 -19.56
CA SER C 288 16.72 -4.38 -18.80
C SER C 288 17.77 -3.36 -18.82
N LEU C 289 18.95 -3.74 -19.22
CA LEU C 289 20.07 -2.85 -19.27
C LEU C 289 20.30 -2.22 -17.94
N GLY C 290 20.50 -3.07 -16.95
CA GLY C 290 20.79 -2.66 -15.61
C GLY C 290 22.27 -2.59 -15.37
N ASP C 291 22.68 -2.56 -14.12
CA ASP C 291 24.08 -2.45 -13.78
C ASP C 291 24.98 -3.54 -14.32
N TRP C 292 24.68 -4.76 -13.98
CA TRP C 292 25.48 -5.86 -14.41
C TRP C 292 25.52 -5.99 -15.91
N GLN C 293 24.39 -5.80 -16.56
CA GLN C 293 24.30 -5.88 -17.98
C GLN C 293 24.99 -4.77 -18.73
N THR C 294 25.30 -3.66 -18.11
CA THR C 294 25.90 -2.59 -18.83
C THR C 294 27.16 -2.12 -18.22
N ASN C 295 27.72 -2.90 -17.32
CA ASN C 295 28.96 -2.56 -16.62
C ASN C 295 28.79 -1.20 -16.00
N SER C 296 27.74 -1.07 -15.21
CA SER C 296 27.36 0.18 -14.52
C SER C 296 26.98 1.39 -15.35
N TRP C 297 26.16 1.16 -16.37
CA TRP C 297 25.66 2.20 -17.21
C TRP C 297 26.77 2.98 -17.79
N ASP C 298 27.61 2.24 -18.47
CA ASP C 298 28.78 2.74 -19.16
C ASP C 298 28.32 3.36 -20.43
N PRO C 299 28.67 4.59 -20.61
CA PRO C 299 28.33 5.44 -21.72
C PRO C 299 28.95 5.01 -23.01
N ARG C 300 30.12 4.44 -22.89
CA ARG C 300 30.83 4.00 -24.04
C ARG C 300 30.03 2.95 -24.77
N LEU C 301 28.93 2.56 -24.19
CA LEU C 301 28.11 1.54 -24.86
C LEU C 301 27.15 2.08 -25.93
N THR C 302 26.80 3.37 -25.90
CA THR C 302 25.98 3.92 -26.95
C THR C 302 26.68 3.73 -28.30
N PRO C 303 25.97 3.23 -29.31
CA PRO C 303 26.57 3.05 -30.64
C PRO C 303 26.70 4.38 -31.38
N SER C 304 27.51 4.35 -32.44
CA SER C 304 27.85 5.58 -33.15
C SER C 304 26.69 6.12 -33.98
N VAL C 305 25.84 5.25 -34.53
CA VAL C 305 24.81 5.70 -35.47
C VAL C 305 23.41 5.44 -34.89
N ALA C 306 23.12 4.18 -34.53
CA ALA C 306 21.78 3.81 -34.06
C ALA C 306 21.83 2.69 -33.03
N LEU C 307 21.06 2.88 -31.96
CA LEU C 307 20.81 1.85 -30.96
C LEU C 307 19.41 1.30 -31.15
N ILE C 308 19.29 -0.02 -31.33
CA ILE C 308 18.01 -0.70 -31.46
C ILE C 308 17.75 -1.49 -30.19
N GLN C 309 16.55 -1.33 -29.63
CA GLN C 309 16.17 -2.08 -28.43
C GLN C 309 14.81 -2.69 -28.64
N ILE C 310 14.70 -4.00 -28.38
CA ILE C 310 13.47 -4.76 -28.57
C ILE C 310 13.05 -5.32 -27.23
N ASP C 311 11.79 -5.09 -26.86
CA ASP C 311 11.39 -5.49 -25.52
C ASP C 311 9.89 -5.62 -25.42
N ILE C 312 9.46 -6.65 -24.68
CA ILE C 312 8.03 -6.91 -24.49
C ILE C 312 7.39 -5.98 -23.47
N ASP C 313 8.17 -5.33 -22.61
CA ASP C 313 7.64 -4.33 -21.69
C ASP C 313 8.01 -2.95 -22.19
N PRO C 314 7.05 -2.11 -22.57
CA PRO C 314 7.42 -0.81 -23.15
C PRO C 314 8.18 0.09 -22.19
N MET C 315 7.93 -0.03 -20.89
CA MET C 315 8.50 0.93 -19.96
C MET C 315 9.99 0.73 -19.76
N GLU C 316 10.56 -0.37 -20.26
CA GLU C 316 12.00 -0.58 -20.21
C GLU C 316 12.73 0.07 -21.37
N ILE C 317 12.02 0.28 -22.46
CA ILE C 317 12.57 0.82 -23.67
C ILE C 317 13.04 2.20 -23.53
N GLY C 318 14.33 2.39 -23.57
CA GLY C 318 14.91 3.70 -23.47
C GLY C 318 15.12 4.11 -22.05
N LYS C 319 15.01 3.17 -21.14
CA LYS C 319 15.16 3.44 -19.72
C LYS C 319 16.51 4.02 -19.28
N ASN C 320 17.61 3.51 -19.85
CA ASN C 320 18.90 3.98 -19.45
C ASN C 320 19.69 4.61 -20.54
N TYR C 321 19.40 4.26 -21.79
CA TYR C 321 20.10 4.86 -22.90
C TYR C 321 19.12 5.26 -23.92
N PRO C 322 19.41 6.31 -24.66
CA PRO C 322 18.51 6.74 -25.73
C PRO C 322 18.56 5.74 -26.87
N VAL C 323 17.38 5.37 -27.36
CA VAL C 323 17.22 4.42 -28.45
C VAL C 323 16.91 5.18 -29.72
N ASP C 324 17.29 4.61 -30.87
CA ASP C 324 16.89 5.17 -32.15
C ASP C 324 15.66 4.49 -32.75
N VAL C 325 15.50 3.19 -32.51
CA VAL C 325 14.29 2.44 -32.82
C VAL C 325 13.98 1.58 -31.59
N GLY C 326 12.83 1.84 -30.96
CA GLY C 326 12.42 1.10 -29.78
C GLY C 326 11.22 0.25 -30.09
N ILE C 327 11.42 -1.06 -30.19
CA ILE C 327 10.38 -1.98 -30.63
C ILE C 327 9.73 -2.62 -29.41
N ASN C 328 8.44 -2.35 -29.23
CA ASN C 328 7.64 -2.99 -28.19
C ASN C 328 6.99 -4.21 -28.85
N ALA C 329 7.58 -5.38 -28.62
CA ALA C 329 7.15 -6.60 -29.30
C ALA C 329 7.80 -7.82 -28.64
N ASP C 330 7.23 -8.99 -28.94
CA ASP C 330 7.86 -10.23 -28.51
C ASP C 330 9.15 -10.45 -29.29
N ALA C 331 10.15 -10.99 -28.60
CA ALA C 331 11.44 -11.17 -29.25
C ALA C 331 11.38 -12.27 -30.30
N SER C 332 10.53 -13.27 -30.10
CA SER C 332 10.47 -14.37 -31.06
C SER C 332 9.72 -13.94 -32.31
N GLU C 333 8.68 -13.13 -32.13
CA GLU C 333 7.88 -12.62 -33.24
C GLU C 333 8.58 -11.48 -33.98
N THR C 334 9.40 -10.70 -33.28
CA THR C 334 10.21 -9.68 -33.92
C THR C 334 11.31 -10.31 -34.77
N LEU C 335 12.04 -11.26 -34.18
CA LEU C 335 13.14 -11.86 -34.91
C LEU C 335 12.63 -12.59 -36.14
N LYS C 336 11.46 -13.23 -36.04
CA LYS C 336 10.92 -13.95 -37.19
C LYS C 336 10.48 -12.98 -38.27
N ALA C 337 10.02 -11.80 -37.88
CA ALA C 337 9.71 -10.80 -38.90
C ALA C 337 10.99 -10.31 -39.55
N LEU C 338 12.04 -10.08 -38.75
CA LEU C 338 13.30 -9.62 -39.32
C LEU C 338 13.94 -10.68 -40.20
N ILE C 339 13.85 -11.94 -39.80
CA ILE C 339 14.38 -13.01 -40.62
C ILE C 339 13.66 -13.04 -41.97
N LEU C 340 12.35 -12.84 -41.95
CA LEU C 340 11.60 -12.94 -43.20
C LEU C 340 11.90 -11.79 -44.12
N CYS C 341 12.13 -10.59 -43.58
CA CYS C 341 12.23 -9.42 -44.43
C CYS C 341 13.63 -9.21 -45.00
N ILE C 342 14.66 -9.75 -44.37
CA ILE C 342 15.96 -9.70 -45.00
C ILE C 342 16.14 -10.89 -45.94
N ARG C 343 15.53 -12.03 -45.63
CA ARG C 343 15.56 -13.16 -46.55
C ARG C 343 14.82 -12.80 -47.84
N SER C 344 13.65 -12.17 -47.72
CA SER C 344 12.98 -11.65 -48.92
C SER C 344 13.84 -10.58 -49.59
N SER C 345 14.54 -9.77 -48.80
CA SER C 345 15.48 -8.79 -49.35
C SER C 345 16.50 -9.41 -50.29
N GLY C 346 17.24 -10.42 -49.83
CA GLY C 346 18.29 -11.03 -50.62
C GLY C 346 19.61 -10.29 -50.58
N LYS C 347 19.65 -9.10 -49.97
CA LYS C 347 20.85 -8.26 -49.85
C LYS C 347 21.83 -8.83 -48.81
N GLY C 375 43.67 -25.66 -1.04
CA GLY C 375 42.67 -26.44 -1.76
C GLY C 375 42.68 -26.40 -3.29
N ILE C 376 41.50 -26.56 -3.89
CA ILE C 376 41.37 -26.50 -5.34
C ILE C 376 41.17 -25.06 -5.78
N HIS C 377 41.82 -24.70 -6.88
CA HIS C 377 41.53 -23.43 -7.53
C HIS C 377 40.25 -23.59 -8.31
N PRO C 378 39.24 -22.75 -8.10
CA PRO C 378 37.95 -23.01 -8.75
C PRO C 378 38.03 -23.09 -10.27
N ALA C 379 38.98 -22.38 -10.89
CA ALA C 379 39.09 -22.43 -12.35
C ALA C 379 39.23 -23.85 -12.85
N MET C 380 39.83 -24.74 -12.04
CA MET C 380 40.00 -26.12 -12.42
C MET C 380 38.80 -26.98 -12.07
N VAL C 381 37.90 -26.49 -11.22
CA VAL C 381 36.69 -27.26 -10.97
C VAL C 381 35.75 -27.11 -12.15
N VAL C 382 35.62 -25.88 -12.66
CA VAL C 382 34.77 -25.64 -13.82
C VAL C 382 35.28 -26.40 -15.05
N GLU C 383 36.61 -26.36 -15.28
CA GLU C 383 37.17 -27.05 -16.45
C GLU C 383 36.83 -28.53 -16.44
N ALA C 384 36.97 -29.19 -15.29
CA ALA C 384 36.68 -30.62 -15.20
C ALA C 384 35.22 -30.93 -15.46
N MET C 385 34.30 -30.12 -14.93
CA MET C 385 32.90 -30.38 -15.24
C MET C 385 32.65 -30.18 -16.72
N GLN C 386 33.42 -29.30 -17.36
CA GLN C 386 33.23 -29.03 -18.77
C GLN C 386 33.62 -30.23 -19.64
N ASN C 387 34.67 -30.91 -19.24
CA ASN C 387 35.12 -32.07 -19.99
C ASN C 387 34.40 -33.32 -19.55
N ARG C 388 33.42 -33.22 -18.70
CA ARG C 388 32.78 -34.44 -18.22
C ARG C 388 31.27 -34.49 -18.22
N LEU C 389 30.64 -33.33 -18.27
CA LEU C 389 29.21 -33.28 -18.25
C LEU C 389 28.66 -33.33 -19.61
N PRO C 390 27.63 -34.13 -19.81
CA PRO C 390 26.87 -34.33 -21.05
C PRO C 390 26.43 -33.03 -21.62
N ALA C 391 26.47 -32.91 -22.94
CA ALA C 391 26.17 -31.66 -23.64
C ALA C 391 24.83 -31.03 -23.23
N ASP C 392 23.83 -31.86 -22.92
CA ASP C 392 22.49 -31.40 -22.61
C ASP C 392 22.31 -31.05 -21.13
N THR C 393 23.39 -30.92 -20.36
CA THR C 393 23.25 -30.63 -18.93
C THR C 393 22.76 -29.21 -18.67
N ILE C 394 21.74 -29.10 -17.86
CA ILE C 394 21.28 -27.82 -17.33
C ILE C 394 22.05 -27.52 -16.06
N LEU C 395 22.81 -26.42 -16.08
CA LEU C 395 23.67 -25.98 -14.99
C LEU C 395 23.01 -24.84 -14.23
N PHE C 396 22.70 -25.07 -12.95
CA PHE C 396 22.20 -24.03 -12.06
C PHE C 396 23.36 -23.43 -11.28
N VAL C 397 23.42 -22.14 -11.23
CA VAL C 397 24.45 -21.50 -10.51
C VAL C 397 23.84 -20.60 -9.45
N ASP C 398 24.33 -20.67 -8.23
CA ASP C 398 23.78 -19.81 -7.20
C ASP C 398 24.50 -18.50 -7.11
N ASN C 399 24.34 -17.84 -6.01
CA ASN C 399 24.94 -16.55 -5.88
C ASN C 399 26.14 -16.67 -5.00
N GLY C 400 27.10 -15.78 -5.19
CA GLY C 400 28.34 -15.96 -4.48
C GLY C 400 29.47 -15.98 -5.49
N SER C 401 30.63 -16.46 -5.07
CA SER C 401 31.73 -16.48 -6.02
C SER C 401 31.43 -17.40 -7.20
N CYS C 402 30.45 -18.29 -7.04
CA CYS C 402 30.05 -19.18 -8.13
C CYS C 402 29.53 -18.43 -9.37
N ILE C 403 29.01 -17.20 -9.21
CA ILE C 403 28.58 -16.51 -10.42
C ILE C 403 29.78 -16.10 -11.25
N ASN C 404 30.82 -15.55 -10.63
CA ASN C 404 31.99 -15.18 -11.40
C ASN C 404 32.57 -16.38 -12.12
N TRP C 405 32.67 -17.52 -11.43
CA TRP C 405 33.22 -18.70 -12.10
C TRP C 405 32.26 -19.21 -13.17
N GLY C 406 30.96 -19.25 -12.86
CA GLY C 406 30.02 -19.84 -13.80
C GLY C 406 29.89 -19.05 -15.07
N VAL C 407 29.64 -17.74 -14.96
CA VAL C 407 29.47 -16.99 -16.21
C VAL C 407 30.82 -16.79 -16.89
N HIS C 408 31.92 -16.73 -16.13
CA HIS C 408 33.16 -16.43 -16.83
C HIS C 408 33.78 -17.68 -17.45
N CYS C 409 33.87 -18.79 -16.72
CA CYS C 409 34.75 -19.89 -17.12
C CYS C 409 34.04 -21.06 -17.80
N TYR C 410 32.74 -21.25 -17.55
CA TYR C 410 31.97 -22.32 -18.17
C TYR C 410 31.47 -21.87 -19.53
N LEU C 411 31.51 -22.77 -20.50
CA LEU C 411 30.99 -22.49 -21.83
C LEU C 411 29.66 -23.21 -22.01
N ALA C 412 28.60 -22.44 -22.24
CA ALA C 412 27.25 -22.99 -22.35
C ALA C 412 26.89 -23.00 -23.83
N GLN C 413 26.80 -24.19 -24.41
CA GLN C 413 26.53 -24.32 -25.83
C GLN C 413 25.08 -24.57 -26.17
N THR C 414 24.32 -25.18 -25.25
CA THR C 414 22.93 -25.56 -25.47
C THR C 414 21.97 -24.48 -24.97
N PRO C 415 20.87 -24.15 -25.67
CA PRO C 415 19.84 -23.24 -25.23
C PRO C 415 18.96 -23.63 -24.00
N GLY C 416 18.80 -22.74 -23.02
CA GLY C 416 17.96 -23.05 -21.85
C GLY C 416 18.68 -23.92 -20.85
N ALA C 417 20.01 -23.75 -20.72
CA ALA C 417 20.84 -24.64 -19.90
C ALA C 417 21.63 -24.02 -18.79
N PHE C 418 21.87 -22.72 -18.85
CA PHE C 418 22.52 -21.96 -17.80
C PHE C 418 21.43 -21.24 -17.01
N GLN C 419 21.24 -21.65 -15.75
CA GLN C 419 20.15 -21.16 -14.92
C GLN C 419 20.73 -20.39 -13.75
N ILE C 420 20.71 -19.09 -13.86
CA ILE C 420 21.21 -18.22 -12.84
C ILE C 420 20.17 -17.17 -12.58
N GLY C 421 19.94 -16.82 -11.33
CA GLY C 421 18.95 -15.85 -10.99
C GLY C 421 19.80 -14.68 -10.68
N LEU C 422 19.98 -13.80 -11.62
CA LEU C 422 20.61 -12.57 -11.32
C LEU C 422 19.69 -11.43 -11.10
N GLY C 423 18.39 -11.64 -11.22
CA GLY C 423 17.52 -10.52 -10.99
C GLY C 423 17.59 -10.05 -9.55
N LEU C 424 17.32 -10.98 -8.64
CA LEU C 424 17.46 -10.68 -7.23
C LEU C 424 18.70 -11.30 -6.62
N ALA C 425 19.27 -12.32 -7.26
CA ALA C 425 20.50 -12.93 -6.79
C ALA C 425 20.37 -13.34 -5.31
N ALA C 426 19.29 -14.07 -5.03
CA ALA C 426 19.08 -14.64 -3.71
C ALA C 426 19.97 -15.84 -3.47
N MET C 427 20.78 -15.79 -2.40
CA MET C 427 21.49 -16.99 -2.00
C MET C 427 20.49 -18.13 -1.78
N GLY C 428 20.88 -19.33 -2.22
CA GLY C 428 20.06 -20.51 -2.06
C GLY C 428 19.09 -20.76 -3.20
N HIS C 429 18.90 -19.77 -4.08
CA HIS C 429 18.02 -19.92 -5.23
C HIS C 429 18.39 -21.15 -6.06
N ALA C 430 19.64 -21.24 -6.51
CA ALA C 430 20.04 -22.38 -7.33
C ALA C 430 19.95 -23.68 -6.55
N VAL C 431 20.24 -23.63 -5.24
CA VAL C 431 20.25 -24.84 -4.41
C VAL C 431 18.91 -25.56 -4.52
N ALA C 432 17.81 -24.82 -4.37
CA ALA C 432 16.48 -25.45 -4.47
C ALA C 432 15.92 -25.45 -5.90
N ALA C 433 16.12 -24.36 -6.65
CA ALA C 433 15.50 -24.25 -7.96
C ALA C 433 15.88 -25.42 -8.86
N ALA C 434 17.12 -25.92 -8.76
CA ALA C 434 17.55 -27.03 -9.59
C ALA C 434 16.67 -28.26 -9.39
N ILE C 435 16.11 -28.42 -8.19
CA ILE C 435 15.21 -29.55 -7.96
C ILE C 435 13.98 -29.45 -8.85
N GLY C 436 13.34 -28.27 -8.90
CA GLY C 436 12.25 -28.10 -9.82
C GLY C 436 12.69 -28.17 -11.27
N GLY C 437 13.86 -27.60 -11.57
CA GLY C 437 14.34 -27.59 -12.93
C GLY C 437 14.46 -28.98 -13.51
N LYS C 438 14.92 -29.94 -12.70
CA LYS C 438 15.03 -31.29 -13.25
C LYS C 438 13.72 -32.05 -13.17
N LEU C 439 12.78 -31.62 -12.35
CA LEU C 439 11.46 -32.23 -12.48
C LEU C 439 10.84 -31.91 -13.83
N ALA C 440 11.24 -30.78 -14.43
CA ALA C 440 10.80 -30.28 -15.72
C ALA C 440 11.56 -30.88 -16.90
N ALA C 441 12.74 -31.41 -16.68
CA ALA C 441 13.48 -32.03 -17.74
C ALA C 441 13.98 -33.29 -17.13
N PRO C 442 13.10 -34.26 -16.91
CA PRO C 442 13.45 -35.53 -16.29
C PRO C 442 14.64 -36.18 -16.91
N ASP C 443 14.64 -36.28 -18.23
CA ASP C 443 15.72 -36.94 -18.91
C ASP C 443 16.91 -36.11 -19.29
N ARG C 444 17.26 -35.12 -18.49
CA ARG C 444 18.45 -34.35 -18.79
C ARG C 444 19.33 -34.23 -17.57
N PRO C 445 20.64 -34.13 -17.77
CA PRO C 445 21.43 -33.98 -16.56
C PRO C 445 21.21 -32.62 -15.94
N VAL C 446 21.06 -32.58 -14.61
CA VAL C 446 20.88 -31.31 -13.92
C VAL C 446 21.82 -31.24 -12.72
N VAL C 447 22.60 -30.16 -12.68
CA VAL C 447 23.65 -29.94 -11.69
C VAL C 447 23.54 -28.50 -11.24
N ALA C 448 23.75 -28.28 -9.94
CA ALA C 448 23.78 -26.96 -9.33
C ALA C 448 25.19 -26.68 -8.84
N LEU C 449 25.69 -25.47 -9.12
CA LEU C 449 27.01 -25.03 -8.65
C LEU C 449 26.79 -23.91 -7.64
N VAL C 450 27.09 -24.20 -6.37
CA VAL C 450 26.64 -23.37 -5.25
C VAL C 450 27.78 -23.05 -4.29
N GLY C 451 27.64 -21.93 -3.58
CA GLY C 451 28.54 -21.62 -2.49
C GLY C 451 28.08 -22.27 -1.18
N ASP C 452 29.00 -22.26 -0.19
CA ASP C 452 28.77 -22.99 1.07
C ASP C 452 27.78 -22.27 1.97
N ALA C 453 27.86 -20.94 2.05
CA ALA C 453 26.87 -20.23 2.85
C ALA C 453 25.50 -20.30 2.21
N ALA C 454 25.45 -20.27 0.87
CA ALA C 454 24.21 -20.43 0.14
C ALA C 454 23.54 -21.75 0.44
N PHE C 455 24.33 -22.82 0.53
CA PHE C 455 23.75 -24.12 0.85
C PHE C 455 23.20 -24.11 2.27
N ALA C 456 23.85 -23.37 3.18
CA ALA C 456 23.38 -23.27 4.55
C ALA C 456 22.00 -22.63 4.64
N MET C 457 21.57 -21.84 3.64
CA MET C 457 20.25 -21.24 3.70
C MET C 457 19.16 -22.17 3.19
N ASN C 458 19.48 -23.04 2.23
CA ASN C 458 18.45 -23.84 1.59
C ASN C 458 18.88 -25.26 1.30
N GLY C 459 20.08 -25.68 1.71
CA GLY C 459 20.54 -27.02 1.38
C GLY C 459 19.66 -28.12 1.93
N MET C 460 18.85 -27.83 2.94
CA MET C 460 18.01 -28.88 3.51
C MET C 460 17.04 -29.44 2.50
N GLU C 461 16.85 -28.75 1.36
CA GLU C 461 15.94 -29.25 0.35
C GLU C 461 16.52 -30.43 -0.43
N ILE C 462 17.80 -30.76 -0.26
CA ILE C 462 18.26 -31.98 -0.88
C ILE C 462 17.59 -33.19 -0.25
N HIS C 463 17.03 -33.02 0.96
CA HIS C 463 16.19 -34.08 1.53
C HIS C 463 14.95 -34.31 0.66
N THR C 464 14.39 -33.23 0.12
CA THR C 464 13.22 -33.36 -0.74
C THR C 464 13.56 -34.05 -2.05
N ALA C 465 14.72 -33.71 -2.63
CA ALA C 465 15.20 -34.48 -3.76
C ALA C 465 15.50 -35.91 -3.33
N ALA C 466 16.09 -36.07 -2.16
CA ALA C 466 16.28 -37.42 -1.63
C ALA C 466 14.96 -38.13 -1.42
N GLU C 467 13.96 -37.40 -0.92
CA GLU C 467 12.67 -38.01 -0.64
C GLU C 467 11.99 -38.49 -1.92
N TYR C 468 12.04 -37.69 -2.98
CA TYR C 468 11.35 -37.99 -4.22
C TYR C 468 12.25 -38.62 -5.30
N LYS C 469 13.50 -38.97 -4.98
CA LYS C 469 14.41 -39.62 -5.92
C LYS C 469 14.60 -38.78 -7.18
N ILE C 470 14.96 -37.55 -6.96
CA ILE C 470 15.18 -36.60 -8.00
C ILE C 470 16.65 -36.43 -8.24
N PRO C 471 17.12 -36.90 -9.37
CA PRO C 471 18.59 -36.86 -9.54
C PRO C 471 19.14 -35.47 -9.86
N VAL C 472 19.64 -34.80 -8.83
CA VAL C 472 20.36 -33.54 -8.96
C VAL C 472 21.73 -33.72 -8.31
N THR C 473 22.73 -33.09 -8.91
CA THR C 473 24.08 -33.11 -8.36
C THR C 473 24.48 -31.71 -7.93
N TRP C 474 24.66 -31.52 -6.63
CA TRP C 474 25.10 -30.24 -6.09
C TRP C 474 26.61 -30.23 -5.95
N ILE C 475 27.23 -29.15 -6.43
CA ILE C 475 28.67 -28.93 -6.32
C ILE C 475 28.87 -27.75 -5.37
N VAL C 476 29.25 -28.04 -4.15
CA VAL C 476 29.40 -27.00 -3.14
C VAL C 476 30.84 -26.53 -3.13
N LEU C 477 31.04 -25.23 -3.41
CA LEU C 477 32.34 -24.59 -3.28
C LEU C 477 32.46 -24.20 -1.80
N ASN C 478 33.05 -25.10 -1.02
CA ASN C 478 33.17 -24.92 0.42
C ASN C 478 34.50 -24.22 0.68
N ASN C 479 34.47 -22.90 0.81
CA ASN C 479 35.65 -22.14 1.22
C ASN C 479 35.58 -21.71 2.68
N GLY C 480 34.61 -22.23 3.43
CA GLY C 480 34.49 -21.97 4.85
C GLY C 480 34.04 -20.56 5.17
N GLY C 481 32.97 -20.10 4.51
CA GLY C 481 32.34 -18.84 4.78
C GLY C 481 31.87 -18.13 3.51
N HIS C 482 31.71 -16.81 3.63
CA HIS C 482 31.04 -15.99 2.62
C HIS C 482 32.09 -15.41 1.67
N GLY C 483 32.26 -16.08 0.53
CA GLY C 483 33.34 -15.75 -0.38
C GLY C 483 33.52 -14.28 -0.70
N LEU C 484 32.51 -13.63 -1.28
CA LEU C 484 32.76 -12.28 -1.77
C LEU C 484 32.91 -11.28 -0.65
N VAL C 485 32.16 -11.43 0.44
CA VAL C 485 32.27 -10.44 1.49
C VAL C 485 33.67 -10.46 2.09
N HIS C 486 34.27 -11.65 2.20
CA HIS C 486 35.68 -11.70 2.54
C HIS C 486 36.50 -10.92 1.53
N LEU C 487 36.05 -10.96 0.29
CA LEU C 487 36.70 -10.21 -0.75
C LEU C 487 36.35 -8.74 -0.60
N PHE C 488 35.17 -8.39 -0.09
CA PHE C 488 34.91 -6.98 0.19
C PHE C 488 35.77 -6.45 1.34
N GLU C 489 35.91 -7.23 2.42
CA GLU C 489 36.68 -6.80 3.59
C GLU C 489 38.12 -6.44 3.23
N GLN C 490 38.84 -7.38 2.61
CA GLN C 490 40.25 -7.16 2.31
C GLN C 490 40.42 -5.98 1.38
N HIS C 491 39.62 -5.93 0.33
CA HIS C 491 39.94 -5.02 -0.75
C HIS C 491 39.20 -3.68 -0.65
N GLN C 492 38.36 -3.50 0.38
CA GLN C 492 37.64 -2.24 0.56
C GLN C 492 37.54 -1.81 2.00
N PHE C 493 38.05 -2.59 2.96
CA PHE C 493 38.05 -2.20 4.35
C PHE C 493 39.34 -2.63 5.07
N ASP C 494 40.43 -2.74 4.30
CA ASP C 494 41.77 -3.00 4.80
C ASP C 494 41.84 -4.16 5.79
N SER C 495 41.07 -5.23 5.59
CA SER C 495 41.22 -6.39 6.45
C SER C 495 41.06 -6.00 7.91
N LYS C 496 40.23 -4.97 8.21
CA LYS C 496 40.10 -4.47 9.57
C LYS C 496 38.99 -5.11 10.38
N PHE C 497 38.22 -6.01 9.78
CA PHE C 497 37.30 -6.88 10.51
C PHE C 497 37.00 -8.08 9.63
N ASP C 498 36.44 -9.12 10.24
CA ASP C 498 36.07 -10.34 9.52
C ASP C 498 34.66 -10.72 9.93
N ILE C 499 33.72 -10.62 8.99
CA ILE C 499 32.37 -11.08 9.21
C ILE C 499 32.00 -12.15 8.21
N SER C 500 33.00 -12.72 7.55
CA SER C 500 32.82 -13.59 6.39
C SER C 500 33.17 -15.05 6.65
N SER C 501 34.29 -15.37 7.26
CA SER C 501 34.67 -16.76 7.41
C SER C 501 34.18 -17.37 8.73
N PHE C 502 33.81 -18.64 8.62
CA PHE C 502 33.45 -19.51 9.71
C PHE C 502 34.71 -19.94 10.47
N ARG C 503 34.56 -20.10 11.79
CA ARG C 503 35.63 -20.70 12.57
C ARG C 503 35.69 -22.21 12.31
N LYS C 504 34.56 -22.82 11.94
CA LYS C 504 34.51 -24.23 11.58
C LYS C 504 33.68 -24.38 10.30
N SER C 505 34.35 -24.74 9.20
CA SER C 505 33.68 -25.12 7.96
C SER C 505 32.59 -26.14 8.22
N ILE C 506 31.48 -26.02 7.50
CA ILE C 506 30.45 -27.06 7.59
C ILE C 506 30.94 -28.31 6.88
N ASP C 507 30.53 -29.47 7.39
CA ASP C 507 30.83 -30.77 6.77
C ASP C 507 29.62 -31.19 5.95
N PHE C 508 29.64 -30.90 4.64
CA PHE C 508 28.44 -31.13 3.84
C PHE C 508 28.24 -32.60 3.44
N CYS C 509 29.26 -33.46 3.59
CA CYS C 509 29.07 -34.86 3.33
C CYS C 509 28.41 -35.55 4.52
N LYS C 510 28.72 -35.10 5.72
CA LYS C 510 27.92 -35.48 6.89
C LYS C 510 26.49 -35.00 6.72
N MET C 511 26.33 -33.76 6.24
CA MET C 511 25.00 -33.23 6.00
C MET C 511 24.28 -33.98 4.87
N ALA C 512 25.03 -34.44 3.84
CA ALA C 512 24.37 -35.22 2.79
C ALA C 512 23.82 -36.52 3.37
N GLU C 513 24.66 -37.21 4.12
CA GLU C 513 24.28 -38.49 4.70
C GLU C 513 23.20 -38.38 5.71
N SER C 514 23.10 -37.22 6.32
CA SER C 514 22.07 -36.99 7.29
C SER C 514 20.76 -36.90 6.60
N LEU C 515 20.75 -36.30 5.43
CA LEU C 515 19.55 -36.20 4.67
C LEU C 515 19.35 -37.41 3.81
N GLY C 516 20.38 -38.21 3.62
CA GLY C 516 20.17 -39.42 2.87
C GLY C 516 20.47 -39.39 1.40
N VAL C 517 21.47 -38.60 1.09
CA VAL C 517 22.04 -38.35 -0.23
C VAL C 517 23.49 -38.80 -0.21
N LYS C 518 23.88 -39.59 -1.20
CA LYS C 518 25.26 -40.06 -1.28
C LYS C 518 26.16 -38.86 -1.59
N SER C 519 27.33 -38.86 -0.98
CA SER C 519 28.16 -37.66 -0.87
C SER C 519 29.62 -38.03 -1.15
N TYR C 520 30.34 -37.07 -1.73
CA TYR C 520 31.78 -37.17 -1.97
C TYR C 520 32.45 -35.88 -1.53
N ARG C 521 33.65 -36.00 -0.96
CA ARG C 521 34.53 -34.86 -0.77
C ARG C 521 35.71 -34.95 -1.73
N ALA C 522 36.11 -33.80 -2.27
CA ALA C 522 37.21 -33.74 -3.22
C ALA C 522 38.08 -32.57 -2.83
N GLU C 523 39.37 -32.83 -2.56
CA GLU C 523 40.31 -31.76 -2.29
C GLU C 523 41.42 -31.66 -3.33
N THR C 524 41.39 -32.49 -4.38
CA THR C 524 42.21 -32.28 -5.58
C THR C 524 41.35 -32.46 -6.83
N VAL C 525 41.87 -31.94 -7.95
CA VAL C 525 41.11 -31.93 -9.20
C VAL C 525 40.63 -33.32 -9.61
N GLU C 526 41.44 -34.37 -9.42
CA GLU C 526 40.99 -35.67 -9.92
C GLU C 526 40.12 -36.41 -8.90
N ASP C 527 40.18 -36.05 -7.63
CA ASP C 527 39.12 -36.50 -6.74
C ASP C 527 37.79 -35.88 -7.15
N PHE C 528 37.83 -34.63 -7.60
CA PHE C 528 36.61 -34.02 -8.11
C PHE C 528 36.12 -34.76 -9.34
N ASP C 529 37.03 -35.06 -10.26
CA ASP C 529 36.56 -35.62 -11.53
C ASP C 529 36.01 -37.01 -11.35
N ALA C 530 36.62 -37.82 -10.49
CA ALA C 530 36.05 -39.12 -10.19
C ALA C 530 34.68 -38.95 -9.55
N ALA C 531 34.56 -38.00 -8.61
CA ALA C 531 33.26 -37.73 -7.99
C ALA C 531 32.22 -37.37 -9.05
N LEU C 532 32.61 -36.59 -10.05
CA LEU C 532 31.65 -36.13 -11.05
C LEU C 532 31.12 -37.29 -11.89
N LYS C 533 31.96 -38.31 -12.16
CA LYS C 533 31.52 -39.45 -12.96
C LYS C 533 30.79 -40.51 -12.13
N GLY C 534 30.97 -40.51 -10.82
CA GLY C 534 30.07 -41.28 -9.98
C GLY C 534 28.71 -40.62 -9.86
N ALA C 535 28.70 -39.31 -9.63
CA ALA C 535 27.45 -38.59 -9.45
C ALA C 535 26.54 -38.77 -10.67
N LEU C 536 27.08 -38.56 -11.87
CA LEU C 536 26.25 -38.63 -13.07
C LEU C 536 25.81 -40.05 -13.37
N ALA C 537 26.49 -41.02 -12.82
CA ALA C 537 26.11 -42.35 -13.15
C ALA C 537 25.07 -42.89 -12.20
N MET C 538 25.02 -42.32 -11.01
CA MET C 538 24.16 -42.86 -9.97
C MET C 538 22.65 -42.75 -10.12
N ASN C 539 22.20 -41.67 -10.74
CA ASN C 539 20.79 -41.38 -10.93
C ASN C 539 19.95 -41.20 -9.66
N THR C 540 20.61 -40.68 -8.65
CA THR C 540 19.97 -40.24 -7.42
C THR C 540 20.65 -38.97 -7.00
N PRO C 541 20.02 -38.21 -6.10
CA PRO C 541 20.62 -36.93 -5.72
C PRO C 541 22.03 -37.20 -5.21
N CYS C 542 22.90 -36.22 -5.40
CA CYS C 542 24.24 -36.43 -4.87
C CYS C 542 24.90 -35.07 -4.69
N LEU C 543 25.82 -35.02 -3.71
CA LEU C 543 26.51 -33.80 -3.34
C LEU C 543 28.01 -34.03 -3.40
N ILE C 544 28.73 -33.03 -3.90
CA ILE C 544 30.17 -33.02 -3.96
C ILE C 544 30.66 -31.78 -3.21
N ASP C 545 31.40 -31.98 -2.13
CA ASP C 545 31.89 -30.89 -1.28
C ASP C 545 33.34 -30.62 -1.65
N VAL C 546 33.60 -29.48 -2.27
CA VAL C 546 34.92 -29.18 -2.83
C VAL C 546 35.64 -28.18 -1.93
N GLN C 547 36.86 -28.52 -1.54
CA GLN C 547 37.65 -27.62 -0.72
C GLN C 547 38.21 -26.52 -1.62
N VAL C 548 37.95 -25.28 -1.24
CA VAL C 548 38.33 -24.14 -2.07
C VAL C 548 38.91 -23.07 -1.16
N ASP C 549 39.92 -22.37 -1.67
CA ASP C 549 40.53 -21.29 -0.91
C ASP C 549 39.60 -20.08 -0.91
N ILE C 550 39.39 -19.48 0.26
CA ILE C 550 38.44 -18.37 0.33
C ILE C 550 39.03 -17.07 -0.19
N ASP C 551 40.34 -17.01 -0.44
CA ASP C 551 40.98 -15.78 -0.88
C ASP C 551 41.17 -15.69 -2.38
N VAL C 552 40.80 -16.73 -3.14
CA VAL C 552 40.94 -16.70 -4.59
C VAL C 552 40.14 -15.52 -5.14
N LEU C 553 40.80 -14.66 -5.91
CA LEU C 553 40.14 -13.49 -6.47
C LEU C 553 39.41 -13.89 -7.75
N PRO C 554 38.08 -13.94 -7.74
CA PRO C 554 37.35 -14.46 -8.92
C PRO C 554 37.42 -13.52 -10.11
N PRO C 555 37.12 -14.03 -11.31
CA PRO C 555 37.22 -13.20 -12.52
C PRO C 555 36.19 -12.07 -12.54
N GLY C 556 36.63 -10.93 -13.04
CA GLY C 556 35.79 -9.78 -13.16
C GLY C 556 35.62 -9.00 -11.89
N MET C 557 36.19 -9.46 -10.81
CA MET C 557 35.98 -8.76 -9.58
C MET C 557 36.78 -7.51 -9.36
N LYS C 558 38.02 -7.42 -9.82
CA LYS C 558 38.75 -6.18 -9.56
C LYS C 558 38.34 -5.04 -10.45
N GLN C 559 37.76 -5.39 -11.59
CA GLN C 559 37.25 -4.40 -12.53
C GLN C 559 36.04 -3.75 -11.88
N ARG C 560 35.26 -4.53 -11.16
CA ARG C 560 34.15 -3.98 -10.42
C ARG C 560 34.72 -3.06 -9.37
N PHE C 561 35.75 -3.49 -8.66
CA PHE C 561 36.32 -2.60 -7.66
C PHE C 561 36.93 -1.39 -8.38
N LYS D 5 26.66 23.19 -18.76
CA LYS D 5 25.65 24.22 -18.63
C LYS D 5 24.53 23.70 -17.77
N THR D 6 24.14 24.44 -16.77
CA THR D 6 23.13 23.93 -15.89
C THR D 6 21.84 24.66 -15.77
N VAL D 7 20.91 23.92 -15.19
CA VAL D 7 19.59 24.39 -14.91
C VAL D 7 19.17 23.83 -13.60
N THR D 8 18.12 24.44 -13.10
CA THR D 8 17.51 24.01 -11.88
C THR D 8 16.72 22.78 -12.24
N ALA D 9 16.62 21.83 -11.31
CA ALA D 9 15.96 20.55 -11.60
C ALA D 9 14.56 20.75 -12.14
N VAL D 10 13.80 21.68 -11.55
CA VAL D 10 12.43 21.92 -12.01
C VAL D 10 12.41 22.71 -13.30
N GLU D 11 13.45 23.51 -13.56
CA GLU D 11 13.54 24.17 -14.86
C GLU D 11 13.75 23.15 -15.98
N LEU D 12 14.51 22.10 -15.72
CA LEU D 12 14.75 21.07 -16.73
C LEU D 12 13.53 20.20 -16.98
N LEU D 13 12.62 20.11 -16.02
CA LEU D 13 11.42 19.30 -16.19
C LEU D 13 10.40 19.95 -17.08
N VAL D 14 10.29 21.26 -17.02
CA VAL D 14 9.35 21.90 -17.89
C VAL D 14 9.91 21.84 -19.30
N ARG D 15 11.21 22.00 -19.43
CA ARG D 15 11.84 21.93 -20.75
C ARG D 15 11.67 20.54 -21.35
N GLN D 16 11.71 19.53 -20.52
CA GLN D 16 11.42 18.19 -21.02
C GLN D 16 9.95 18.05 -21.33
N MET D 17 9.10 18.66 -20.52
CA MET D 17 7.68 18.65 -20.84
C MET D 17 7.42 19.40 -22.15
N GLU D 18 8.13 20.51 -22.39
CA GLU D 18 7.96 21.20 -23.67
C GLU D 18 8.19 20.24 -24.83
N ALA D 19 9.19 19.39 -24.71
CA ALA D 19 9.55 18.46 -25.78
C ALA D 19 8.43 17.48 -26.10
N GLU D 20 7.51 17.25 -25.17
CA GLU D 20 6.37 16.37 -25.42
C GLU D 20 5.18 17.12 -25.98
N GLY D 21 5.36 18.37 -26.32
CA GLY D 21 4.27 19.11 -26.92
C GLY D 21 3.13 19.41 -25.99
N VAL D 22 3.48 19.62 -24.75
CA VAL D 22 2.55 19.93 -23.73
C VAL D 22 2.48 21.42 -23.78
N SER D 23 1.28 21.98 -23.85
CA SER D 23 1.16 23.41 -23.97
C SER D 23 0.54 24.13 -22.80
N TYR D 24 -0.23 23.44 -21.98
CA TYR D 24 -0.80 24.16 -20.86
C TYR D 24 -0.61 23.33 -19.60
N VAL D 25 -0.49 23.99 -18.45
CA VAL D 25 -0.52 23.29 -17.16
C VAL D 25 -1.57 23.94 -16.25
N PHE D 26 -2.57 23.15 -15.87
CA PHE D 26 -3.67 23.59 -15.03
C PHE D 26 -3.38 23.23 -13.58
N GLY D 27 -3.70 24.16 -12.67
CA GLY D 27 -3.51 23.88 -11.26
C GLY D 27 -3.68 25.12 -10.39
N ILE D 28 -3.36 24.94 -9.12
CA ILE D 28 -3.40 26.00 -8.10
C ILE D 28 -2.03 26.06 -7.41
N PRO D 29 -1.46 27.25 -7.27
CA PRO D 29 -0.11 27.35 -6.68
C PRO D 29 -0.10 27.07 -5.17
N GLY D 30 1.12 27.06 -4.65
CA GLY D 30 1.35 26.84 -3.25
C GLY D 30 2.78 27.23 -2.92
N GLY D 31 3.03 27.40 -1.64
CA GLY D 31 4.35 27.75 -1.17
C GLY D 31 5.43 26.88 -1.81
N PRO D 32 5.34 25.56 -1.58
CA PRO D 32 6.39 24.68 -2.10
C PRO D 32 6.32 24.46 -3.60
N LEU D 33 5.24 24.84 -4.23
CA LEU D 33 5.08 24.61 -5.64
C LEU D 33 5.34 25.82 -6.51
N MET D 34 5.92 26.85 -5.92
CA MET D 34 6.17 28.07 -6.63
C MET D 34 7.36 27.97 -7.55
N PRO D 35 8.36 27.22 -7.12
CA PRO D 35 9.55 27.03 -7.97
C PRO D 35 9.19 26.56 -9.37
N LEU D 36 8.19 25.69 -9.47
CA LEU D 36 7.66 25.25 -10.76
C LEU D 36 7.09 26.42 -11.56
N TYR D 37 6.29 27.29 -10.91
CA TYR D 37 5.73 28.44 -11.64
C TYR D 37 6.81 29.40 -12.07
N GLU D 38 7.81 29.63 -11.26
CA GLU D 38 8.86 30.52 -11.71
C GLU D 38 9.60 29.91 -12.86
N ALA D 39 9.42 28.63 -13.08
CA ALA D 39 10.10 27.99 -14.16
C ALA D 39 9.24 27.98 -15.38
N ILE D 40 7.96 27.75 -15.23
CA ILE D 40 7.13 27.73 -16.40
C ILE D 40 7.04 29.10 -16.99
N PHE D 41 7.19 30.10 -16.13
CA PHE D 41 7.15 31.49 -16.47
C PHE D 41 8.52 32.01 -16.84
N SER D 42 9.52 31.18 -16.94
CA SER D 42 10.81 31.70 -17.29
C SER D 42 10.87 31.39 -18.72
N ARG D 43 10.30 30.26 -19.05
CA ARG D 43 10.35 29.84 -20.44
C ARG D 43 9.40 30.40 -21.45
N LYS D 44 8.18 30.64 -21.02
CA LYS D 44 7.16 31.20 -21.85
C LYS D 44 6.89 30.47 -23.13
N LYS D 45 6.75 29.18 -22.99
CA LYS D 45 6.40 28.31 -24.11
C LYS D 45 5.20 27.50 -23.63
N ILE D 46 5.21 27.20 -22.34
CA ILE D 46 4.14 26.47 -21.67
C ILE D 46 3.40 27.54 -20.91
N GLN D 47 2.10 27.42 -20.77
CA GLN D 47 1.40 28.47 -20.05
C GLN D 47 0.63 27.90 -18.86
N PRO D 48 0.66 28.59 -17.72
CA PRO D 48 -0.08 28.10 -16.55
C PRO D 48 -1.52 28.62 -16.52
N ILE D 49 -2.43 27.73 -16.16
CA ILE D 49 -3.86 28.03 -16.10
C ILE D 49 -4.31 27.93 -14.64
N LEU D 50 -4.68 29.06 -14.06
CA LEU D 50 -5.17 29.11 -12.69
C LEU D 50 -6.63 28.73 -12.67
N THR D 51 -6.95 27.63 -12.00
CA THR D 51 -8.31 27.19 -11.86
C THR D 51 -8.84 27.50 -10.44
N LYS D 52 -10.09 27.14 -10.20
CA LYS D 52 -10.74 27.44 -8.94
C LYS D 52 -10.74 26.26 -7.99
N HIS D 53 -10.38 25.07 -8.47
CA HIS D 53 -10.33 23.86 -7.66
C HIS D 53 -9.38 22.87 -8.34
N GLU D 54 -8.60 22.14 -7.55
CA GLU D 54 -7.60 21.27 -8.16
C GLU D 54 -8.22 20.08 -8.90
N GLU D 55 -9.43 19.64 -8.54
CA GLU D 55 -10.05 18.61 -9.37
C GLU D 55 -10.49 19.20 -10.70
N GLY D 56 -10.86 20.48 -10.70
CA GLY D 56 -11.17 21.13 -11.95
C GLY D 56 -9.97 21.18 -12.89
N ALA D 57 -8.78 21.49 -12.36
CA ALA D 57 -7.59 21.46 -13.21
C ALA D 57 -7.35 20.05 -13.74
N ALA D 58 -7.46 19.05 -12.86
CA ALA D 58 -7.23 17.69 -13.30
C ALA D 58 -8.23 17.30 -14.38
N PHE D 59 -9.44 17.76 -14.24
CA PHE D 59 -10.43 17.44 -15.20
C PHE D 59 -10.08 18.15 -16.48
N MET D 60 -9.43 19.28 -16.40
CA MET D 60 -9.11 19.98 -17.59
C MET D 60 -7.95 19.33 -18.32
N ALA D 61 -6.90 18.99 -17.59
CA ALA D 61 -5.78 18.29 -18.15
C ALA D 61 -6.25 17.03 -18.84
N GLU D 62 -7.20 16.30 -18.22
CA GLU D 62 -7.76 15.11 -18.85
C GLU D 62 -8.47 15.46 -20.14
N GLY D 63 -9.27 16.53 -20.12
CA GLY D 63 -9.98 16.99 -21.31
C GLY D 63 -9.03 17.46 -22.40
N TYR D 64 -8.01 18.23 -22.03
CA TYR D 64 -6.98 18.61 -23.00
C TYR D 64 -6.36 17.37 -23.63
N ALA D 65 -6.03 16.38 -22.80
CA ALA D 65 -5.35 15.18 -23.28
C ALA D 65 -6.19 14.42 -24.32
N ARG D 66 -7.42 14.11 -24.00
CA ARG D 66 -8.25 13.29 -24.87
C ARG D 66 -8.54 13.84 -26.21
N VAL D 67 -8.54 15.15 -26.34
CA VAL D 67 -8.80 15.69 -27.62
C VAL D 67 -7.50 16.06 -28.21
N SER D 68 -6.59 16.67 -27.46
CA SER D 68 -5.27 16.95 -28.00
C SER D 68 -4.63 15.71 -28.59
N GLY D 69 -4.86 14.54 -28.00
CA GLY D 69 -4.02 13.40 -28.25
C GLY D 69 -2.61 13.49 -27.71
N LYS D 70 -2.32 14.46 -26.86
CA LYS D 70 -1.01 14.62 -26.25
C LYS D 70 -1.13 14.38 -24.75
N LEU D 71 -0.08 14.74 -24.01
CA LEU D 71 0.00 14.48 -22.59
C LEU D 71 -0.58 15.68 -21.83
N GLY D 72 -1.50 15.39 -20.91
CA GLY D 72 -2.04 16.43 -20.04
C GLY D 72 -1.25 16.57 -18.75
N VAL D 73 -1.12 17.82 -18.29
CA VAL D 73 -0.33 18.15 -17.11
C VAL D 73 -1.15 19.05 -16.19
N CYS D 74 -1.21 18.68 -14.91
CA CYS D 74 -1.77 19.54 -13.87
C CYS D 74 -0.80 19.62 -12.71
N CYS D 75 -0.92 20.69 -11.94
CA CYS D 75 -0.07 20.91 -10.79
C CYS D 75 -0.95 21.18 -9.55
N ALA D 76 -0.40 20.82 -8.41
CA ALA D 76 -1.02 21.06 -7.12
C ALA D 76 0.06 21.17 -6.04
N THR D 77 -0.29 21.83 -4.93
CA THR D 77 0.64 22.03 -3.83
C THR D 77 0.61 20.83 -2.88
N THR D 78 1.37 20.94 -1.79
CA THR D 78 1.46 19.86 -0.81
C THR D 78 0.09 19.55 -0.22
N GLY D 79 -0.08 18.30 0.20
CA GLY D 79 -1.24 17.91 0.98
C GLY D 79 -2.57 18.07 0.26
N PRO D 80 -3.38 19.00 0.73
CA PRO D 80 -4.76 19.09 0.24
C PRO D 80 -4.85 19.59 -1.20
N GLY D 81 -3.88 20.38 -1.66
CA GLY D 81 -3.81 20.65 -3.08
C GLY D 81 -3.80 19.36 -3.88
N ALA D 82 -2.94 18.42 -3.46
CA ALA D 82 -2.81 17.15 -4.17
C ALA D 82 -4.06 16.29 -4.00
N THR D 83 -4.51 16.11 -2.75
CA THR D 83 -5.71 15.30 -2.52
C THR D 83 -6.91 15.84 -3.26
N ASN D 84 -6.94 17.14 -3.54
CA ASN D 84 -8.08 17.69 -4.26
C ASN D 84 -8.15 17.14 -5.67
N ALA D 85 -7.00 16.98 -6.31
CA ALA D 85 -7.00 16.56 -7.71
C ALA D 85 -7.39 15.11 -7.89
N LEU D 86 -7.42 14.32 -6.82
CA LEU D 86 -7.45 12.87 -6.95
C LEU D 86 -8.59 12.40 -7.86
N THR D 87 -9.78 12.96 -7.69
CA THR D 87 -10.88 12.40 -8.44
C THR D 87 -10.68 12.55 -9.94
N GLY D 88 -9.98 13.62 -10.35
CA GLY D 88 -9.68 13.79 -11.76
C GLY D 88 -8.63 12.82 -12.24
N ILE D 89 -7.63 12.54 -11.39
CA ILE D 89 -6.62 11.56 -11.72
C ILE D 89 -7.24 10.18 -11.77
N ALA D 90 -8.27 9.93 -10.95
CA ALA D 90 -8.94 8.64 -10.99
C ALA D 90 -9.78 8.48 -12.25
N CYS D 91 -10.24 9.59 -12.84
CA CYS D 91 -10.98 9.48 -14.10
C CYS D 91 -10.03 9.26 -15.28
N ALA D 92 -8.89 9.97 -15.29
CA ALA D 92 -7.86 9.70 -16.29
C ALA D 92 -7.38 8.25 -16.20
N TYR D 93 -7.40 7.67 -15.00
CA TYR D 93 -6.95 6.30 -14.83
C TYR D 93 -7.94 5.30 -15.43
N SER D 94 -9.24 5.58 -15.31
CA SER D 94 -10.26 4.64 -15.79
C SER D 94 -10.58 4.83 -17.26
N ASP D 95 -10.17 5.96 -17.85
CA ASP D 95 -10.39 6.25 -19.27
C ASP D 95 -9.13 6.09 -20.13
N SER D 96 -8.02 5.64 -19.53
CA SER D 96 -6.79 5.33 -20.25
C SER D 96 -6.20 6.56 -20.93
N THR D 97 -6.21 7.69 -20.22
CA THR D 97 -5.68 8.88 -20.85
C THR D 97 -4.45 9.37 -20.10
N PRO D 98 -3.39 9.78 -20.82
CA PRO D 98 -2.13 10.18 -20.19
C PRO D 98 -2.15 11.56 -19.54
N VAL D 99 -2.25 11.59 -18.21
CA VAL D 99 -2.19 12.83 -17.43
C VAL D 99 -0.99 12.71 -16.51
N LEU D 100 -0.20 13.78 -16.45
CA LEU D 100 0.90 13.90 -15.51
C LEU D 100 0.49 14.92 -14.44
N LEU D 101 0.41 14.49 -13.17
CA LEU D 101 0.09 15.35 -12.04
C LEU D 101 1.37 15.68 -11.28
N LEU D 102 1.72 16.95 -11.25
CA LEU D 102 2.87 17.41 -10.49
C LEU D 102 2.41 17.92 -9.13
N THR D 103 2.99 17.36 -8.07
CA THR D 103 2.70 17.76 -6.70
C THR D 103 4.00 18.13 -6.01
N ALA D 104 3.93 19.15 -5.17
CA ALA D 104 5.08 19.59 -4.39
C ALA D 104 5.23 18.74 -3.13
N GLN D 105 6.42 18.81 -2.55
CA GLN D 105 6.70 18.22 -1.26
C GLN D 105 7.48 19.21 -0.40
N VAL D 106 7.32 19.08 0.93
CA VAL D 106 8.15 19.87 1.81
C VAL D 106 9.61 19.46 1.65
N GLY D 107 10.53 20.34 2.05
CA GLY D 107 11.94 20.02 1.95
C GLY D 107 12.31 18.84 2.83
N THR D 108 13.29 18.05 2.37
CA THR D 108 13.67 16.85 3.11
C THR D 108 14.07 17.18 4.55
N ALA D 109 14.62 18.37 4.79
CA ALA D 109 15.05 18.79 6.13
C ALA D 109 13.90 18.85 7.15
N ALA D 110 12.66 18.75 6.70
CA ALA D 110 11.49 18.79 7.57
C ALA D 110 10.76 17.45 7.63
N PHE D 111 11.28 16.40 6.97
CA PHE D 111 10.64 15.10 7.03
C PHE D 111 10.56 14.58 8.48
N GLY D 112 9.38 14.05 8.82
CA GLY D 112 9.12 13.54 10.15
C GLY D 112 8.93 14.57 11.24
N LYS D 113 9.11 15.87 10.93
CA LYS D 113 9.06 16.90 11.94
C LYS D 113 7.66 17.49 12.15
N GLY D 114 6.72 17.22 11.25
CA GLY D 114 5.43 17.89 11.33
C GLY D 114 5.44 19.16 10.51
N ALA D 115 5.99 19.07 9.31
CA ALA D 115 6.05 20.22 8.41
C ALA D 115 4.65 20.65 7.99
N LEU D 116 4.56 21.88 7.52
CA LEU D 116 3.27 22.41 7.10
C LEU D 116 2.78 21.62 5.90
N GLN D 117 1.59 21.03 6.04
CA GLN D 117 0.99 20.18 5.00
C GLN D 117 1.97 19.10 4.52
N GLU D 118 2.63 18.45 5.46
CA GLU D 118 3.59 17.40 5.12
C GLU D 118 2.93 16.24 4.37
N SER D 119 3.49 15.88 3.20
CA SER D 119 2.90 14.80 2.40
C SER D 119 3.84 13.61 2.26
N THR D 120 4.47 13.20 3.37
CA THR D 120 5.30 12.01 3.39
C THR D 120 4.56 10.87 4.10
N VAL D 121 5.27 9.76 4.30
CA VAL D 121 4.69 8.65 5.07
C VAL D 121 4.32 9.13 6.48
N HIS D 122 5.01 10.15 7.00
CA HIS D 122 4.75 10.67 8.35
C HIS D 122 3.58 11.64 8.41
N GLY D 123 3.10 12.15 7.28
CA GLY D 123 1.94 13.03 7.24
C GLY D 123 0.83 12.51 6.36
N VAL D 124 0.50 13.26 5.31
CA VAL D 124 -0.47 12.84 4.30
C VAL D 124 0.32 12.30 3.12
N ASP D 125 0.46 10.97 3.03
CA ASP D 125 1.39 10.34 2.07
C ASP D 125 0.78 10.33 0.69
N LEU D 126 1.12 11.33 -0.12
CA LEU D 126 0.53 11.44 -1.46
C LEU D 126 0.88 10.25 -2.31
N VAL D 127 2.15 9.82 -2.28
CA VAL D 127 2.58 8.78 -3.21
C VAL D 127 1.80 7.48 -2.99
N SER D 128 1.38 7.17 -1.76
CA SER D 128 0.58 5.96 -1.62
C SER D 128 -0.92 6.20 -1.74
N ILE D 129 -1.37 7.42 -1.48
CA ILE D 129 -2.75 7.76 -1.76
C ILE D 129 -3.00 7.68 -3.26
N PHE D 130 -2.02 8.09 -4.07
CA PHE D 130 -2.13 8.17 -5.53
C PHE D 130 -1.66 6.90 -6.26
N SER D 131 -1.10 5.89 -5.55
CA SER D 131 -0.61 4.68 -6.23
C SER D 131 -1.69 3.85 -6.85
N PRO D 132 -2.79 3.58 -6.17
CA PRO D 132 -3.74 2.62 -6.72
C PRO D 132 -4.43 3.11 -7.96
N ILE D 133 -4.26 4.38 -8.31
CA ILE D 133 -4.95 5.02 -9.43
C ILE D 133 -3.96 5.78 -10.30
N THR D 134 -2.72 5.32 -10.37
CA THR D 134 -1.78 5.83 -11.34
C THR D 134 -0.92 4.68 -11.85
N LYS D 135 -0.37 4.84 -13.06
CA LYS D 135 0.60 3.88 -13.58
C LYS D 135 1.91 3.96 -12.83
N LEU D 136 2.17 5.11 -12.22
CA LEU D 136 3.41 5.36 -11.49
C LEU D 136 3.16 6.48 -10.50
N SER D 137 3.64 6.29 -9.27
CA SER D 137 3.53 7.30 -8.22
C SER D 137 4.85 7.29 -7.45
N VAL D 138 5.61 8.39 -7.53
CA VAL D 138 6.98 8.36 -7.01
C VAL D 138 7.40 9.77 -6.62
N MET D 139 8.17 9.86 -5.53
CA MET D 139 8.81 11.11 -5.13
C MET D 139 10.23 11.12 -5.70
N ILE D 140 10.58 12.20 -6.40
CA ILE D 140 11.94 12.34 -6.92
C ILE D 140 12.86 12.45 -5.72
N PRO D 141 13.82 11.52 -5.58
CA PRO D 141 14.70 11.51 -4.40
C PRO D 141 15.79 12.58 -4.44
N THR D 142 16.34 12.87 -5.61
CA THR D 142 17.45 13.79 -5.74
C THR D 142 17.27 14.65 -6.99
N ALA D 143 17.93 15.78 -7.07
CA ALA D 143 17.76 16.60 -8.25
C ALA D 143 18.29 15.91 -9.43
N GLU D 144 19.41 15.25 -9.25
CA GLU D 144 20.08 14.57 -10.30
C GLU D 144 19.20 13.61 -10.99
N LYS D 145 18.26 13.06 -10.26
CA LYS D 145 17.37 12.06 -10.81
C LYS D 145 16.13 12.64 -11.47
N MET D 146 16.09 13.96 -11.70
CA MET D 146 14.88 14.54 -12.28
C MET D 146 14.74 14.21 -13.76
N GLY D 147 15.78 14.34 -14.54
CA GLY D 147 15.68 14.01 -15.94
C GLY D 147 15.21 12.61 -16.23
N GLU D 148 15.88 11.63 -15.62
CA GLU D 148 15.52 10.23 -15.83
C GLU D 148 14.13 9.84 -15.29
N MET D 149 13.64 10.58 -14.28
CA MET D 149 12.37 10.30 -13.70
C MET D 149 11.28 10.84 -14.53
N THR D 150 11.42 12.08 -14.93
CA THR D 150 10.35 12.64 -15.73
C THR D 150 10.29 11.99 -17.11
N ARG D 151 11.43 11.54 -17.66
CA ARG D 151 11.33 10.74 -18.87
C ARG D 151 10.71 9.39 -18.56
N ARG D 152 10.99 8.87 -17.37
CA ARG D 152 10.31 7.65 -16.93
C ARG D 152 8.82 7.89 -16.86
N ALA D 153 8.41 9.05 -16.33
CA ALA D 153 7.00 9.39 -16.20
C ALA D 153 6.34 9.53 -17.56
N LEU D 154 6.96 10.30 -18.46
CA LEU D 154 6.36 10.52 -19.78
C LEU D 154 6.24 9.20 -20.55
N ARG D 155 7.28 8.36 -20.47
CA ARG D 155 7.27 7.04 -21.10
C ARG D 155 6.14 6.15 -20.56
N THR D 156 5.92 6.18 -19.24
CA THR D 156 4.89 5.31 -18.66
C THR D 156 3.48 5.78 -18.97
N ALA D 157 3.27 7.10 -19.03
CA ALA D 157 1.93 7.61 -19.26
C ALA D 157 1.40 7.29 -20.64
N GLN D 158 2.27 7.23 -21.65
CA GLN D 158 1.84 7.15 -23.04
C GLN D 158 2.22 5.83 -23.72
N SER D 159 2.68 4.84 -22.96
CA SER D 159 2.95 3.51 -23.47
C SER D 159 1.89 2.55 -22.96
N GLY D 160 1.82 1.39 -23.60
CA GLY D 160 0.78 0.44 -23.28
C GLY D 160 -0.59 1.05 -23.34
N ARG D 161 -1.43 0.65 -22.41
CA ARG D 161 -2.67 1.34 -22.14
C ARG D 161 -2.31 2.64 -21.42
N PRO D 162 -2.60 3.80 -22.01
CA PRO D 162 -2.18 5.06 -21.39
C PRO D 162 -2.89 5.31 -20.07
N GLY D 163 -2.29 6.17 -19.26
CA GLY D 163 -2.83 6.50 -17.96
C GLY D 163 -2.08 7.61 -17.23
N PRO D 164 -2.56 7.94 -16.03
CA PRO D 164 -2.04 9.10 -15.30
C PRO D 164 -0.82 8.77 -14.45
N ILE D 165 -0.07 9.83 -14.12
CA ILE D 165 1.18 9.72 -13.38
C ILE D 165 1.22 10.78 -12.27
N HIS D 166 1.73 10.39 -11.10
CA HIS D 166 1.92 11.29 -9.98
C HIS D 166 3.41 11.47 -9.71
N LEU D 167 3.91 12.70 -9.85
CA LEU D 167 5.32 13.01 -9.55
C LEU D 167 5.36 13.97 -8.36
N ASN D 168 6.07 13.58 -7.31
CA ASN D 168 6.17 14.37 -6.10
C ASN D 168 7.56 15.00 -6.02
N ILE D 169 7.61 16.32 -5.82
CA ILE D 169 8.85 17.05 -5.96
C ILE D 169 9.14 17.81 -4.66
N PRO D 170 10.12 17.37 -3.87
CA PRO D 170 10.48 18.13 -2.67
C PRO D 170 10.97 19.51 -3.07
N ALA D 171 10.53 20.51 -2.31
CA ALA D 171 10.74 21.87 -2.74
C ALA D 171 12.20 22.23 -2.76
N ASP D 172 13.01 21.55 -1.95
CA ASP D 172 14.42 21.92 -1.82
C ASP D 172 15.23 21.49 -3.04
N ILE D 173 15.04 20.25 -3.50
CA ILE D 173 15.73 19.82 -4.72
C ILE D 173 15.23 20.58 -5.94
N ALA D 174 14.04 21.19 -5.88
CA ALA D 174 13.45 21.78 -7.07
C ALA D 174 14.39 22.77 -7.77
N LYS D 175 15.24 23.49 -7.01
CA LYS D 175 16.27 24.42 -7.54
C LYS D 175 17.71 23.99 -7.30
N HIS D 176 17.92 22.73 -7.11
CA HIS D 176 19.33 22.36 -7.20
C HIS D 176 19.76 22.32 -8.66
N PRO D 177 21.02 22.68 -8.95
CA PRO D 177 21.47 22.66 -10.34
C PRO D 177 21.69 21.23 -10.83
N VAL D 178 21.34 20.99 -12.08
CA VAL D 178 21.64 19.71 -12.72
C VAL D 178 21.98 19.95 -14.18
N PRO D 179 22.74 19.03 -14.79
CA PRO D 179 23.03 19.18 -16.22
C PRO D 179 21.74 19.17 -17.02
N LEU D 180 21.73 19.93 -18.11
CA LEU D 180 20.56 20.09 -18.95
C LEU D 180 20.54 18.93 -19.97
N GLU D 181 19.55 18.04 -19.87
CA GLU D 181 19.59 16.82 -20.68
C GLU D 181 18.17 16.81 -21.21
N VAL D 182 17.90 17.29 -22.41
CA VAL D 182 16.53 17.18 -22.91
C VAL D 182 16.54 16.43 -24.23
N PHE D 183 15.65 15.46 -24.35
CA PHE D 183 15.61 14.47 -25.39
C PHE D 183 14.29 14.56 -26.14
N PRO D 184 14.28 14.28 -27.44
CA PRO D 184 13.00 14.15 -28.12
C PRO D 184 12.31 12.91 -27.69
N PRO D 185 10.98 12.88 -27.67
CA PRO D 185 10.25 11.75 -27.05
C PRO D 185 10.67 10.37 -27.53
N MET D 186 11.05 10.25 -28.79
CA MET D 186 11.23 8.92 -29.36
C MET D 186 12.62 8.31 -29.06
N ASN D 187 13.36 8.98 -28.20
CA ASN D 187 14.65 8.57 -27.77
C ASN D 187 14.61 7.92 -26.44
N TYR D 188 13.44 7.83 -25.83
CA TYR D 188 13.34 7.27 -24.52
C TYR D 188 12.00 6.73 -24.36
N ARG D 189 11.36 6.41 -25.46
CA ARG D 189 10.04 5.84 -25.40
C ARG D 189 9.87 4.96 -26.59
N GLY D 190 9.29 3.77 -26.48
CA GLY D 190 9.13 3.00 -27.71
C GLY D 190 7.82 3.24 -28.42
N GLY D 191 7.70 2.61 -29.60
CA GLY D 191 6.49 2.68 -30.38
C GLY D 191 5.48 1.63 -29.94
N LYS D 192 4.41 1.50 -30.71
CA LYS D 192 3.34 0.57 -30.38
C LYS D 192 3.49 -0.80 -31.03
N PRO D 193 2.90 -1.83 -30.40
CA PRO D 193 2.91 -3.21 -30.88
C PRO D 193 1.87 -3.46 -31.94
N ALA D 194 2.25 -4.26 -32.93
CA ALA D 194 1.39 -4.71 -34.01
C ALA D 194 0.98 -6.17 -33.79
N PRO D 195 -0.07 -6.62 -34.47
CA PRO D 195 -0.48 -8.02 -34.37
C PRO D 195 0.46 -8.91 -35.17
N THR D 196 0.56 -10.17 -34.75
CA THR D 196 1.32 -11.11 -35.57
C THR D 196 0.60 -11.33 -36.90
N ILE D 197 1.35 -11.73 -37.90
CA ILE D 197 0.77 -11.98 -39.19
C ILE D 197 -0.10 -13.19 -39.16
N MET D 198 0.10 -14.03 -38.17
CA MET D 198 -0.67 -15.23 -38.07
C MET D 198 -2.08 -14.98 -37.62
N ASP D 199 -2.25 -13.92 -36.87
CA ASP D 199 -3.55 -13.60 -36.38
C ASP D 199 -4.23 -12.70 -37.38
N VAL D 200 -3.49 -11.86 -38.09
CA VAL D 200 -4.11 -10.97 -39.07
C VAL D 200 -4.75 -11.78 -40.18
N VAL D 201 -4.08 -12.83 -40.64
CA VAL D 201 -4.62 -13.68 -41.69
C VAL D 201 -5.67 -14.66 -41.18
N ARG D 202 -5.65 -15.00 -39.88
CA ARG D 202 -6.68 -15.89 -39.37
C ARG D 202 -8.03 -15.17 -39.27
N VAL D 203 -8.02 -13.89 -38.89
CA VAL D 203 -9.29 -13.18 -38.83
C VAL D 203 -9.68 -12.69 -40.21
N ALA D 204 -8.71 -12.30 -41.04
CA ALA D 204 -9.04 -12.08 -42.45
C ALA D 204 -9.79 -13.28 -42.98
N GLU D 205 -9.36 -14.48 -42.59
CA GLU D 205 -10.00 -15.70 -43.06
C GLU D 205 -11.35 -15.89 -42.40
N LEU D 206 -11.53 -15.34 -41.19
CA LEU D 206 -12.83 -15.45 -40.54
C LEU D 206 -13.83 -14.46 -41.09
N ILE D 207 -13.37 -13.29 -41.57
CA ILE D 207 -14.26 -12.32 -42.20
C ILE D 207 -14.74 -12.83 -43.55
N PHE D 208 -13.82 -13.43 -44.33
CA PHE D 208 -14.16 -13.87 -45.68
C PHE D 208 -15.26 -14.93 -45.67
N HIS D 209 -15.36 -15.71 -44.59
CA HIS D 209 -16.32 -16.81 -44.54
C HIS D 209 -17.53 -16.49 -43.67
N ALA D 210 -17.67 -15.25 -43.21
CA ALA D 210 -18.70 -14.86 -42.23
C ALA D 210 -20.09 -14.54 -42.80
N LYS D 211 -21.12 -15.07 -42.18
CA LYS D 211 -22.43 -14.79 -42.70
C LYS D 211 -23.04 -13.58 -42.06
N ARG D 212 -22.45 -13.15 -40.96
CA ARG D 212 -22.95 -12.02 -40.19
C ARG D 212 -21.92 -11.59 -39.20
N PRO D 213 -20.96 -10.80 -39.63
CA PRO D 213 -19.90 -10.28 -38.79
C PRO D 213 -20.39 -8.95 -38.26
N ALA D 214 -19.77 -8.52 -37.18
CA ALA D 214 -20.14 -7.23 -36.61
C ALA D 214 -18.96 -6.75 -35.80
N ILE D 215 -18.78 -5.43 -35.77
CA ILE D 215 -17.68 -4.79 -35.07
C ILE D 215 -18.23 -4.00 -33.88
N LEU D 216 -17.58 -4.14 -32.73
CA LEU D 216 -17.90 -3.36 -31.53
C LEU D 216 -16.67 -2.54 -31.17
N ALA D 217 -16.77 -1.23 -31.44
CA ALA D 217 -15.66 -0.31 -31.26
C ALA D 217 -15.81 0.42 -29.93
N GLY D 218 -14.78 0.34 -29.09
CA GLY D 218 -14.77 1.02 -27.82
C GLY D 218 -13.78 2.17 -27.80
N HIS D 219 -13.57 2.68 -26.59
CA HIS D 219 -12.78 3.90 -26.39
C HIS D 219 -11.36 3.77 -26.94
N GLY D 220 -10.81 2.55 -26.99
CA GLY D 220 -9.47 2.35 -27.55
C GLY D 220 -9.29 2.89 -28.96
N ILE D 221 -10.38 3.01 -29.72
CA ILE D 221 -10.27 3.59 -31.05
C ILE D 221 -9.79 5.04 -30.97
N GLU D 222 -10.19 5.77 -29.92
CA GLU D 222 -9.74 7.16 -29.74
C GLU D 222 -8.31 7.27 -29.26
N CYS D 223 -7.89 6.40 -28.31
CA CYS D 223 -6.51 6.44 -27.83
C CYS D 223 -5.56 5.99 -28.92
N ALA D 224 -6.03 5.13 -29.80
CA ALA D 224 -5.23 4.71 -30.93
C ALA D 224 -5.36 5.66 -32.12
N LYS D 225 -6.24 6.66 -32.03
CA LYS D 225 -6.49 7.56 -33.16
C LYS D 225 -6.70 6.74 -34.44
N ALA D 226 -7.65 5.80 -34.34
CA ALA D 226 -7.85 4.73 -35.30
C ALA D 226 -9.12 4.91 -36.13
N TRP D 227 -9.66 6.13 -36.18
CA TRP D 227 -10.93 6.34 -36.85
C TRP D 227 -10.83 6.01 -38.34
N GLU D 228 -9.79 6.51 -39.01
CA GLU D 228 -9.70 6.35 -40.45
C GLU D 228 -9.56 4.89 -40.85
N GLU D 229 -8.70 4.15 -40.16
CA GLU D 229 -8.50 2.77 -40.56
C GLU D 229 -9.70 1.91 -40.15
N LEU D 230 -10.47 2.34 -39.13
CA LEU D 230 -11.74 1.70 -38.83
C LEU D 230 -12.77 2.00 -39.90
N LEU D 231 -12.80 3.24 -40.36
CA LEU D 231 -13.72 3.61 -41.43
C LEU D 231 -13.35 2.89 -42.73
N ASP D 232 -12.05 2.73 -42.99
CA ASP D 232 -11.69 2.07 -44.23
C ASP D 232 -11.89 0.58 -44.11
N PHE D 233 -11.68 0.03 -42.92
CA PHE D 233 -11.87 -1.40 -42.70
C PHE D 233 -13.34 -1.78 -42.74
N ALA D 234 -14.21 -0.96 -42.14
CA ALA D 234 -15.62 -1.27 -42.24
C ALA D 234 -16.11 -1.17 -43.68
N GLU D 235 -15.65 -0.14 -44.41
CA GLU D 235 -16.17 0.11 -45.77
C GLU D 235 -15.72 -0.98 -46.74
N LEU D 236 -14.51 -1.41 -46.57
CA LEU D 236 -13.94 -2.42 -47.39
C LEU D 236 -14.57 -3.74 -47.08
N THR D 237 -14.84 -3.98 -45.84
CA THR D 237 -15.38 -5.27 -45.46
C THR D 237 -16.91 -5.32 -45.51
N GLY D 238 -17.57 -4.17 -45.53
CA GLY D 238 -19.02 -4.14 -45.46
C GLY D 238 -19.61 -4.60 -44.14
N ILE D 239 -18.85 -4.56 -43.06
CA ILE D 239 -19.36 -5.03 -41.77
C ILE D 239 -19.91 -3.88 -40.93
N PRO D 240 -21.11 -4.03 -40.37
CA PRO D 240 -21.68 -2.94 -39.58
C PRO D 240 -20.95 -2.74 -38.24
N VAL D 241 -20.89 -1.49 -37.82
CA VAL D 241 -20.06 -1.06 -36.69
C VAL D 241 -20.96 -0.51 -35.58
N ALA D 242 -20.88 -1.11 -34.39
CA ALA D 242 -21.51 -0.56 -33.20
C ALA D 242 -20.45 0.04 -32.28
N THR D 243 -20.83 1.07 -31.53
CA THR D 243 -19.94 1.65 -30.56
C THR D 243 -20.42 1.32 -29.16
N THR D 244 -19.50 1.32 -28.21
CA THR D 244 -19.86 1.36 -26.81
C THR D 244 -20.41 2.75 -26.51
N PRO D 245 -21.09 2.91 -25.39
CA PRO D 245 -21.51 4.27 -25.02
C PRO D 245 -20.33 5.23 -24.98
N LYS D 246 -19.23 4.82 -24.33
CA LYS D 246 -18.05 5.67 -24.27
C LYS D 246 -17.34 5.75 -25.62
N GLY D 247 -17.49 4.71 -26.45
CA GLY D 247 -16.89 4.70 -27.77
C GLY D 247 -17.68 5.41 -28.86
N LYS D 248 -18.91 5.84 -28.56
CA LYS D 248 -19.64 6.72 -29.47
C LYS D 248 -18.73 7.89 -29.89
N SER D 249 -18.81 8.26 -31.17
CA SER D 249 -17.89 9.21 -31.80
C SER D 249 -16.82 8.53 -32.64
N SER D 250 -16.59 7.22 -32.42
CA SER D 250 -15.45 6.56 -33.06
C SER D 250 -15.80 6.06 -34.46
N PHE D 251 -17.09 6.02 -34.78
CA PHE D 251 -17.61 5.70 -36.08
C PHE D 251 -18.74 6.68 -36.40
N PRO D 252 -18.82 7.19 -37.63
CA PRO D 252 -19.86 8.18 -37.97
C PRO D 252 -21.26 7.56 -38.01
N GLU D 253 -22.16 8.09 -37.17
CA GLU D 253 -23.47 7.48 -36.96
C GLU D 253 -24.47 7.75 -38.10
N ASN D 254 -24.16 8.68 -39.01
CA ASN D 254 -24.89 8.90 -40.27
C ASN D 254 -24.59 7.85 -41.35
N HIS D 255 -23.55 7.04 -41.18
CA HIS D 255 -23.04 6.17 -42.23
C HIS D 255 -23.92 4.91 -42.37
N ALA D 256 -23.98 4.39 -43.60
CA ALA D 256 -24.85 3.25 -43.87
C ALA D 256 -24.50 2.04 -43.00
N LEU D 257 -23.23 1.90 -42.61
CA LEU D 257 -22.82 0.73 -41.87
C LEU D 257 -22.89 0.93 -40.37
N SER D 258 -23.44 2.06 -39.93
CA SER D 258 -23.47 2.39 -38.52
C SER D 258 -24.73 1.82 -37.87
N LEU D 259 -24.56 1.13 -36.74
CA LEU D 259 -25.67 0.63 -35.95
C LEU D 259 -25.89 1.45 -34.70
N GLY D 260 -25.15 2.54 -34.52
CA GLY D 260 -25.27 3.33 -33.30
C GLY D 260 -24.46 2.78 -32.13
N VAL D 261 -25.01 2.97 -30.94
CA VAL D 261 -24.38 2.59 -29.68
C VAL D 261 -24.96 1.27 -29.19
N PHE D 262 -24.09 0.37 -28.71
CA PHE D 262 -24.54 -0.85 -28.07
C PHE D 262 -24.33 -0.76 -26.56
N GLY D 263 -25.38 -1.05 -25.80
CA GLY D 263 -25.28 -1.03 -24.36
C GLY D 263 -26.16 0.04 -23.71
N PHE D 264 -25.65 0.67 -22.66
CA PHE D 264 -26.46 1.56 -21.85
C PHE D 264 -26.98 2.73 -22.67
N ALA D 265 -28.28 2.99 -22.55
CA ALA D 265 -28.93 4.09 -23.27
C ALA D 265 -28.74 3.95 -24.78
N GLY D 266 -28.54 2.71 -25.24
CA GLY D 266 -28.20 2.47 -26.62
C GLY D 266 -29.41 2.37 -27.52
N HIS D 267 -29.12 2.05 -28.78
CA HIS D 267 -30.05 2.02 -29.87
C HIS D 267 -30.37 0.57 -30.14
N GLN D 268 -31.60 0.27 -30.52
CA GLN D 268 -31.85 -1.14 -30.74
C GLN D 268 -31.62 -1.57 -32.18
N LYS D 269 -31.02 -0.70 -33.00
CA LYS D 269 -30.50 -1.23 -34.25
C LYS D 269 -29.17 -1.95 -33.97
N ALA D 270 -28.51 -1.60 -32.88
CA ALA D 270 -27.36 -2.33 -32.35
C ALA D 270 -27.78 -3.50 -31.47
N THR D 271 -28.77 -3.28 -30.60
CA THR D 271 -29.23 -4.35 -29.70
C THR D 271 -29.63 -5.60 -30.48
N ASP D 272 -30.45 -5.45 -31.52
CA ASP D 272 -30.92 -6.64 -32.22
C ASP D 272 -29.83 -7.36 -32.99
N TYR D 273 -29.03 -6.59 -33.71
CA TYR D 273 -28.00 -7.19 -34.51
C TYR D 273 -27.00 -7.92 -33.69
N LEU D 274 -26.65 -7.37 -32.55
CA LEU D 274 -25.60 -7.94 -31.75
C LEU D 274 -26.07 -8.82 -30.68
N LEU D 275 -27.33 -8.66 -30.28
CA LEU D 275 -27.89 -9.47 -29.20
C LEU D 275 -28.81 -10.56 -29.71
N SER D 276 -29.29 -10.49 -30.94
CA SER D 276 -30.16 -11.59 -31.41
C SER D 276 -29.31 -12.41 -32.31
N GLY D 277 -28.40 -13.09 -31.65
CA GLY D 277 -27.38 -13.93 -32.18
C GLY D 277 -27.46 -14.45 -33.57
N ASP D 278 -27.55 -13.56 -34.56
CA ASP D 278 -27.41 -14.13 -35.85
C ASP D 278 -25.96 -14.15 -35.92
N VAL D 279 -25.35 -13.13 -35.31
CA VAL D 279 -23.92 -12.92 -35.27
C VAL D 279 -23.12 -14.16 -35.05
N ASP D 280 -22.09 -14.30 -35.86
CA ASP D 280 -21.23 -15.44 -35.81
C ASP D 280 -19.79 -15.01 -35.62
N VAL D 281 -19.40 -13.89 -36.19
CA VAL D 281 -18.07 -13.35 -36.04
C VAL D 281 -18.22 -11.99 -35.39
N LEU D 282 -17.65 -11.86 -34.20
CA LEU D 282 -17.66 -10.65 -33.40
C LEU D 282 -16.24 -10.11 -33.29
N ILE D 283 -16.00 -8.89 -33.77
CA ILE D 283 -14.69 -8.25 -33.65
C ILE D 283 -14.85 -7.11 -32.65
N VAL D 284 -14.28 -7.27 -31.46
CA VAL D 284 -14.25 -6.26 -30.42
C VAL D 284 -12.89 -5.57 -30.48
N ILE D 285 -12.88 -4.27 -30.73
CA ILE D 285 -11.63 -3.52 -30.84
C ILE D 285 -11.70 -2.39 -29.81
N GLY D 286 -10.81 -2.46 -28.82
CA GLY D 286 -10.63 -1.40 -27.85
C GLY D 286 -11.81 -1.16 -26.91
N SER D 287 -12.29 -2.22 -26.27
CA SER D 287 -13.31 -2.10 -25.25
C SER D 287 -13.01 -3.01 -24.07
N SER D 288 -13.12 -2.45 -22.87
CA SER D 288 -13.00 -3.24 -21.65
C SER D 288 -14.02 -4.37 -21.61
N LEU D 289 -15.18 -4.19 -22.23
CA LEU D 289 -16.33 -5.07 -22.04
C LEU D 289 -16.79 -5.06 -20.58
N GLY D 290 -16.99 -3.86 -20.05
CA GLY D 290 -17.56 -3.67 -18.75
C GLY D 290 -19.09 -3.75 -18.75
N ASP D 291 -19.68 -3.22 -17.67
CA ASP D 291 -21.11 -3.40 -17.42
C ASP D 291 -21.95 -2.81 -18.55
N TRP D 292 -21.83 -1.53 -18.73
CA TRP D 292 -22.62 -0.85 -19.68
C TRP D 292 -22.41 -1.26 -21.11
N GLN D 293 -21.18 -1.57 -21.43
CA GLN D 293 -20.86 -1.95 -22.75
C GLN D 293 -21.38 -3.31 -23.16
N THR D 294 -21.88 -4.07 -22.24
CA THR D 294 -22.28 -5.44 -22.54
C THR D 294 -23.70 -5.74 -22.10
N ASN D 295 -24.46 -4.72 -21.72
CA ASN D 295 -25.78 -4.94 -21.13
C ASN D 295 -25.70 -5.98 -20.01
N SER D 296 -24.98 -5.58 -18.94
CA SER D 296 -24.63 -6.43 -17.80
C SER D 296 -24.17 -7.84 -18.23
N TRP D 297 -23.15 -7.87 -19.08
CA TRP D 297 -22.49 -9.11 -19.48
C TRP D 297 -23.51 -10.15 -19.92
N ASP D 298 -24.41 -9.70 -20.78
CA ASP D 298 -25.43 -10.56 -21.33
C ASP D 298 -24.78 -11.69 -22.12
N PRO D 299 -24.95 -12.95 -21.73
CA PRO D 299 -24.38 -14.09 -22.43
C PRO D 299 -24.80 -14.21 -23.87
N ARG D 300 -25.70 -13.35 -24.35
CA ARG D 300 -26.16 -13.45 -25.72
C ARG D 300 -25.35 -12.63 -26.67
N LEU D 301 -24.42 -11.89 -26.16
CA LEU D 301 -23.51 -11.10 -26.99
C LEU D 301 -22.44 -11.98 -27.62
N THR D 302 -22.17 -13.15 -27.02
CA THR D 302 -21.21 -14.10 -27.55
C THR D 302 -21.62 -14.58 -28.94
N PRO D 303 -20.71 -14.56 -29.92
CA PRO D 303 -21.04 -15.04 -31.26
C PRO D 303 -21.05 -16.56 -31.38
N SER D 304 -21.69 -17.04 -32.45
CA SER D 304 -21.85 -18.47 -32.67
C SER D 304 -20.58 -19.15 -33.19
N VAL D 305 -19.70 -18.43 -33.89
CA VAL D 305 -18.53 -19.03 -34.54
C VAL D 305 -17.23 -18.59 -33.87
N ALA D 306 -16.95 -17.29 -33.83
CA ALA D 306 -15.66 -16.81 -33.34
C ALA D 306 -15.82 -15.43 -32.70
N LEU D 307 -15.20 -15.25 -31.53
CA LEU D 307 -15.04 -13.93 -30.93
C LEU D 307 -13.59 -13.49 -31.03
N ILE D 308 -13.37 -12.37 -31.71
CA ILE D 308 -12.04 -11.78 -31.92
C ILE D 308 -11.94 -10.54 -31.06
N GLN D 309 -10.82 -10.38 -30.37
CA GLN D 309 -10.65 -9.17 -29.57
C GLN D 309 -9.26 -8.59 -29.74
N ILE D 310 -9.21 -7.29 -30.01
CA ILE D 310 -7.98 -6.54 -30.19
C ILE D 310 -7.89 -5.52 -29.08
N ASP D 311 -6.77 -5.50 -28.38
CA ASP D 311 -6.65 -4.61 -27.24
C ASP D 311 -5.18 -4.46 -26.91
N ILE D 312 -4.76 -3.23 -26.65
CA ILE D 312 -3.35 -2.98 -26.36
C ILE D 312 -2.93 -3.50 -24.99
N ASP D 313 -3.89 -3.77 -24.09
CA ASP D 313 -3.57 -4.35 -22.77
C ASP D 313 -3.88 -5.83 -22.76
N PRO D 314 -2.88 -6.69 -22.52
CA PRO D 314 -3.14 -8.13 -22.54
C PRO D 314 -4.13 -8.58 -21.49
N MET D 315 -4.25 -7.83 -20.37
CA MET D 315 -5.06 -8.33 -19.28
C MET D 315 -6.54 -8.23 -19.56
N GLU D 316 -6.93 -7.42 -20.54
CA GLU D 316 -8.34 -7.29 -20.88
C GLU D 316 -8.82 -8.38 -21.84
N ILE D 317 -7.91 -9.09 -22.48
CA ILE D 317 -8.29 -10.06 -23.50
C ILE D 317 -8.89 -11.30 -22.83
N GLY D 318 -10.09 -11.65 -23.25
CA GLY D 318 -10.81 -12.80 -22.74
C GLY D 318 -11.30 -12.67 -21.32
N LYS D 319 -11.36 -11.45 -20.78
CA LYS D 319 -11.70 -11.27 -19.37
C LYS D 319 -13.11 -11.75 -19.06
N ASN D 320 -14.11 -11.25 -19.79
CA ASN D 320 -15.49 -11.59 -19.50
C ASN D 320 -16.17 -12.43 -20.59
N TYR D 321 -15.54 -12.62 -21.74
CA TYR D 321 -16.09 -13.50 -22.75
C TYR D 321 -14.95 -14.33 -23.29
N PRO D 322 -15.17 -15.62 -23.58
CA PRO D 322 -14.09 -16.41 -24.17
C PRO D 322 -13.79 -15.87 -25.55
N VAL D 323 -12.50 -15.73 -25.85
CA VAL D 323 -12.07 -15.23 -27.15
C VAL D 323 -11.59 -16.42 -27.95
N ASP D 324 -11.73 -16.30 -29.27
CA ASP D 324 -11.15 -17.27 -30.20
C ASP D 324 -9.83 -16.79 -30.81
N VAL D 325 -9.69 -15.48 -31.02
CA VAL D 325 -8.42 -14.86 -31.38
C VAL D 325 -8.26 -13.59 -30.56
N GLY D 326 -7.23 -13.55 -29.71
CA GLY D 326 -6.97 -12.41 -28.86
C GLY D 326 -5.71 -11.67 -29.28
N ILE D 327 -5.87 -10.52 -29.92
CA ILE D 327 -4.76 -9.77 -30.50
C ILE D 327 -4.35 -8.72 -29.49
N ASN D 328 -3.12 -8.82 -28.99
CA ASN D 328 -2.53 -7.82 -28.11
C ASN D 328 -1.75 -6.86 -29.01
N ALA D 329 -2.38 -5.74 -29.36
CA ALA D 329 -1.74 -4.80 -30.27
C ALA D 329 -2.56 -3.51 -30.31
N ASP D 330 -1.94 -2.47 -30.89
CA ASP D 330 -2.64 -1.21 -31.14
C ASP D 330 -3.78 -1.45 -32.12
N ALA D 331 -4.90 -0.72 -31.92
CA ALA D 331 -6.07 -0.92 -32.77
C ALA D 331 -5.81 -0.36 -34.16
N SER D 332 -5.03 0.71 -34.22
CA SER D 332 -4.66 1.38 -35.45
C SER D 332 -3.58 0.64 -36.23
N GLU D 333 -2.63 0.03 -35.55
CA GLU D 333 -1.66 -0.81 -36.26
C GLU D 333 -2.26 -2.16 -36.65
N THR D 334 -3.21 -2.67 -35.86
CA THR D 334 -3.90 -3.90 -36.26
C THR D 334 -4.76 -3.68 -37.49
N LEU D 335 -5.54 -2.59 -37.49
CA LEU D 335 -6.46 -2.37 -38.62
C LEU D 335 -5.72 -2.08 -39.93
N LYS D 336 -4.62 -1.33 -39.89
CA LYS D 336 -3.99 -1.07 -41.19
C LYS D 336 -3.39 -2.34 -41.74
N ALA D 337 -2.95 -3.23 -40.85
CA ALA D 337 -2.49 -4.53 -41.31
C ALA D 337 -3.65 -5.34 -41.86
N LEU D 338 -4.83 -5.22 -41.25
CA LEU D 338 -5.98 -5.99 -41.74
C LEU D 338 -6.41 -5.52 -43.13
N ILE D 339 -6.47 -4.21 -43.33
CA ILE D 339 -6.78 -3.68 -44.66
C ILE D 339 -5.67 -4.02 -45.63
N LEU D 340 -4.42 -4.00 -45.18
CA LEU D 340 -3.32 -4.30 -46.10
C LEU D 340 -3.43 -5.72 -46.60
N CYS D 341 -3.96 -6.61 -45.78
CA CYS D 341 -4.07 -8.02 -46.10
C CYS D 341 -5.38 -8.39 -46.82
N ILE D 342 -6.44 -7.62 -46.66
CA ILE D 342 -7.66 -7.95 -47.40
C ILE D 342 -7.72 -7.30 -48.77
N ARG D 343 -7.20 -6.10 -48.92
CA ARG D 343 -7.07 -5.55 -50.27
C ARG D 343 -6.00 -6.30 -51.04
N SER D 344 -4.93 -6.72 -50.36
CA SER D 344 -3.92 -7.59 -50.99
C SER D 344 -4.54 -8.86 -51.53
N SER D 345 -5.53 -9.41 -50.81
CA SER D 345 -6.30 -10.54 -51.36
C SER D 345 -6.87 -10.20 -52.73
N GLY D 346 -7.59 -9.08 -52.80
CA GLY D 346 -8.27 -8.60 -53.98
C GLY D 346 -9.66 -9.16 -54.21
N LYS D 347 -10.01 -10.25 -53.54
CA LYS D 347 -11.34 -10.80 -53.66
C LYS D 347 -12.18 -10.50 -52.41
N GLY D 375 -41.18 21.25 -17.85
CA GLY D 375 -40.33 22.08 -18.67
C GLY D 375 -40.22 21.60 -20.10
N ILE D 376 -39.06 21.84 -20.73
CA ILE D 376 -38.83 21.33 -22.07
C ILE D 376 -38.48 19.86 -21.96
N HIS D 377 -38.98 19.09 -22.88
CA HIS D 377 -38.64 17.68 -22.90
C HIS D 377 -37.24 17.54 -23.45
N PRO D 378 -36.33 16.88 -22.74
CA PRO D 378 -34.93 16.88 -23.19
C PRO D 378 -34.78 16.35 -24.61
N ALA D 379 -35.69 15.49 -25.06
CA ALA D 379 -35.58 14.93 -26.40
C ALA D 379 -35.48 16.01 -27.46
N MET D 380 -36.17 17.13 -27.27
CA MET D 380 -36.09 18.19 -28.27
C MET D 380 -34.98 19.21 -28.02
N VAL D 381 -34.41 19.24 -26.82
CA VAL D 381 -33.24 20.10 -26.61
C VAL D 381 -32.02 19.49 -27.29
N VAL D 382 -31.89 18.17 -27.26
CA VAL D 382 -30.92 17.53 -28.15
C VAL D 382 -31.30 17.82 -29.61
N GLU D 383 -32.60 17.75 -29.92
CA GLU D 383 -33.08 18.01 -31.29
C GLU D 383 -32.68 19.40 -31.79
N ALA D 384 -32.86 20.44 -30.97
CA ALA D 384 -32.43 21.76 -31.39
C ALA D 384 -30.91 21.80 -31.57
N MET D 385 -30.17 21.11 -30.70
CA MET D 385 -28.72 21.10 -30.77
C MET D 385 -28.22 20.46 -32.05
N GLN D 386 -28.90 19.41 -32.53
CA GLN D 386 -28.43 18.75 -33.74
C GLN D 386 -28.62 19.66 -34.94
N ASN D 387 -29.69 20.49 -34.94
CA ASN D 387 -30.01 21.41 -36.02
C ASN D 387 -29.15 22.67 -36.09
N ARG D 388 -28.26 22.84 -35.15
CA ARG D 388 -27.52 24.05 -35.13
C ARG D 388 -26.07 23.98 -34.79
N LEU D 389 -25.66 23.00 -34.00
CA LEU D 389 -24.22 22.90 -33.70
C LEU D 389 -23.50 22.58 -35.01
N PRO D 390 -22.42 23.33 -35.35
CA PRO D 390 -21.64 23.01 -36.56
C PRO D 390 -21.21 21.57 -36.66
N ALA D 391 -20.82 21.13 -37.85
CA ALA D 391 -20.44 19.72 -38.05
C ALA D 391 -19.22 19.35 -37.20
N ASP D 392 -18.30 20.29 -36.98
CA ASP D 392 -17.07 20.08 -36.25
C ASP D 392 -17.22 20.34 -34.72
N THR D 393 -18.45 20.43 -34.19
CA THR D 393 -18.66 20.67 -32.76
C THR D 393 -18.19 19.49 -31.90
N ILE D 394 -17.33 19.78 -30.92
CA ILE D 394 -16.98 18.80 -29.91
C ILE D 394 -18.00 18.93 -28.79
N LEU D 395 -18.72 17.84 -28.54
CA LEU D 395 -19.75 17.78 -27.51
C LEU D 395 -19.21 17.01 -26.29
N PHE D 396 -19.07 17.72 -25.17
CA PHE D 396 -18.79 17.08 -23.88
C PHE D 396 -20.12 16.83 -23.17
N VAL D 397 -20.27 15.65 -22.57
CA VAL D 397 -21.47 15.29 -21.81
C VAL D 397 -21.13 14.85 -20.40
N ASP D 398 -21.89 15.23 -19.39
CA ASP D 398 -21.55 14.83 -18.04
C ASP D 398 -22.18 13.59 -17.60
N ASN D 399 -22.18 13.37 -16.32
CA ASN D 399 -22.74 12.18 -15.74
C ASN D 399 -24.06 12.53 -15.09
N GLY D 400 -25.05 11.71 -15.31
CA GLY D 400 -26.40 12.07 -14.94
C GLY D 400 -27.31 11.64 -16.07
N SER D 401 -28.54 12.14 -16.04
CA SER D 401 -29.45 11.77 -17.13
C SER D 401 -28.97 12.33 -18.46
N CYS D 402 -28.07 13.31 -18.43
CA CYS D 402 -27.50 13.84 -19.66
C CYS D 402 -26.79 12.76 -20.48
N ILE D 403 -26.29 11.67 -19.85
CA ILE D 403 -25.69 10.60 -20.66
C ILE D 403 -26.75 9.86 -21.47
N ASN D 404 -27.91 9.59 -20.87
CA ASN D 404 -28.96 8.93 -21.62
C ASN D 404 -29.38 9.76 -22.81
N TRP D 405 -29.57 11.07 -22.59
CA TRP D 405 -29.94 11.94 -23.70
C TRP D 405 -28.80 12.07 -24.70
N GLY D 406 -27.56 12.22 -24.19
CA GLY D 406 -26.42 12.42 -25.07
C GLY D 406 -26.11 11.20 -25.92
N VAL D 407 -26.07 10.03 -25.30
CA VAL D 407 -25.70 8.82 -26.02
C VAL D 407 -26.82 8.40 -26.98
N HIS D 408 -28.07 8.59 -26.58
CA HIS D 408 -29.18 8.06 -27.36
C HIS D 408 -29.59 8.97 -28.50
N CYS D 409 -29.78 10.26 -28.22
CA CYS D 409 -30.48 11.14 -29.16
C CYS D 409 -29.55 11.99 -30.00
N TYR D 410 -28.31 12.21 -29.58
CA TYR D 410 -27.38 12.96 -30.39
C TYR D 410 -26.71 12.01 -31.35
N LEU D 411 -26.60 12.42 -32.60
CA LEU D 411 -25.88 11.65 -33.58
C LEU D 411 -24.58 12.39 -33.87
N ALA D 412 -23.47 11.70 -33.60
CA ALA D 412 -22.13 12.24 -33.72
C ALA D 412 -21.52 11.71 -35.00
N GLN D 413 -21.24 12.61 -35.94
CA GLN D 413 -20.67 12.22 -37.21
C GLN D 413 -19.16 12.43 -37.29
N THR D 414 -18.60 13.33 -36.46
CA THR D 414 -17.17 13.62 -36.56
C THR D 414 -16.36 12.74 -35.61
N PRO D 415 -15.23 12.22 -36.09
CA PRO D 415 -14.43 11.27 -35.29
C PRO D 415 -13.91 11.93 -34.03
N GLY D 416 -14.23 11.32 -32.88
CA GLY D 416 -13.77 11.82 -31.59
C GLY D 416 -14.45 13.06 -31.07
N ALA D 417 -15.54 13.50 -31.69
CA ALA D 417 -16.24 14.73 -31.30
C ALA D 417 -17.27 14.54 -30.18
N PHE D 418 -17.39 13.33 -29.63
CA PHE D 418 -18.31 13.03 -28.53
C PHE D 418 -17.44 12.63 -27.34
N GLN D 419 -17.51 13.44 -26.28
CA GLN D 419 -16.60 13.36 -25.12
C GLN D 419 -17.38 13.01 -23.85
N ILE D 420 -17.41 11.76 -23.45
CA ILE D 420 -18.13 11.40 -22.29
C ILE D 420 -17.21 10.59 -21.42
N GLY D 421 -17.15 10.90 -20.13
CA GLY D 421 -16.26 10.22 -19.21
C GLY D 421 -16.91 9.09 -18.45
N LEU D 422 -17.12 8.00 -19.13
CA LEU D 422 -17.77 6.90 -18.50
C LEU D 422 -16.87 5.95 -17.77
N GLY D 423 -15.58 6.22 -17.73
CA GLY D 423 -14.70 5.35 -17.03
C GLY D 423 -15.08 5.33 -15.58
N LEU D 424 -15.16 6.51 -15.01
CA LEU D 424 -15.53 6.63 -13.62
C LEU D 424 -16.87 7.25 -13.48
N ALA D 425 -17.36 7.91 -14.53
CA ALA D 425 -18.65 8.57 -14.53
C ALA D 425 -18.79 9.52 -13.33
N ALA D 426 -17.82 10.39 -13.18
CA ALA D 426 -17.85 11.34 -12.13
C ALA D 426 -18.64 12.57 -12.44
N MET D 427 -19.56 12.92 -11.59
CA MET D 427 -20.29 14.14 -11.80
C MET D 427 -19.32 15.32 -11.76
N GLY D 428 -19.43 16.20 -12.72
CA GLY D 428 -18.60 17.36 -12.76
C GLY D 428 -17.51 17.28 -13.77
N HIS D 429 -17.22 16.09 -14.21
CA HIS D 429 -16.17 15.86 -15.20
C HIS D 429 -16.11 16.81 -16.41
N ALA D 430 -17.14 16.85 -17.22
CA ALA D 430 -17.19 17.69 -18.41
C ALA D 430 -17.41 19.13 -18.18
N VAL D 431 -18.03 19.47 -17.07
CA VAL D 431 -18.22 20.86 -16.74
C VAL D 431 -16.88 21.48 -16.75
N ALA D 432 -15.89 20.79 -16.23
CA ALA D 432 -14.58 21.38 -16.25
C ALA D 432 -13.77 20.90 -17.42
N ALA D 433 -13.92 19.63 -17.74
CA ALA D 433 -13.22 18.98 -18.85
C ALA D 433 -13.22 19.80 -20.09
N ALA D 434 -14.40 20.17 -20.53
CA ALA D 434 -14.61 20.96 -21.71
C ALA D 434 -13.73 22.17 -21.84
N ILE D 435 -13.37 22.83 -20.76
CA ILE D 435 -12.48 23.97 -20.87
C ILE D 435 -11.15 23.55 -21.49
N GLY D 436 -10.59 22.44 -20.99
CA GLY D 436 -9.38 21.91 -21.58
C GLY D 436 -9.56 21.48 -23.02
N GLY D 437 -10.74 20.91 -23.34
CA GLY D 437 -10.99 20.49 -24.71
C GLY D 437 -10.88 21.63 -25.70
N LYS D 438 -11.38 22.82 -25.33
CA LYS D 438 -11.33 23.91 -26.29
C LYS D 438 -9.98 24.57 -26.32
N LEU D 439 -9.20 24.43 -25.27
CA LEU D 439 -7.81 24.88 -25.34
C LEU D 439 -7.01 23.98 -26.28
N ALA D 440 -7.44 22.73 -26.42
CA ALA D 440 -6.75 21.79 -27.29
C ALA D 440 -7.20 21.90 -28.74
N ALA D 441 -8.41 22.39 -28.97
CA ALA D 441 -9.00 22.55 -30.30
C ALA D 441 -9.61 23.94 -30.41
N PRO D 442 -8.80 24.97 -30.30
CA PRO D 442 -9.37 26.29 -30.28
C PRO D 442 -10.15 26.76 -31.47
N ASP D 443 -10.12 26.08 -32.59
CA ASP D 443 -10.83 26.61 -33.74
C ASP D 443 -12.06 25.84 -34.06
N ARG D 444 -12.42 25.00 -33.14
CA ARG D 444 -13.63 24.20 -33.24
C ARG D 444 -14.57 24.60 -32.11
N PRO D 445 -15.89 24.58 -32.33
CA PRO D 445 -16.85 24.89 -31.25
C PRO D 445 -16.88 23.80 -30.20
N VAL D 446 -16.96 24.18 -28.92
CA VAL D 446 -17.04 23.21 -27.85
C VAL D 446 -18.24 23.50 -26.95
N VAL D 447 -19.06 22.46 -26.72
CA VAL D 447 -20.33 22.55 -26.01
C VAL D 447 -20.36 21.47 -24.94
N ALA D 448 -20.82 21.81 -23.74
CA ALA D 448 -20.99 20.86 -22.65
C ALA D 448 -22.46 20.75 -22.30
N LEU D 449 -22.96 19.53 -22.25
CA LEU D 449 -24.34 19.25 -21.88
C LEU D 449 -24.31 18.56 -20.51
N VAL D 450 -24.73 19.29 -19.47
CA VAL D 450 -24.47 18.90 -18.08
C VAL D 450 -25.73 19.01 -17.25
N GLY D 451 -25.81 18.18 -16.19
CA GLY D 451 -26.89 18.33 -15.23
C GLY D 451 -26.64 19.45 -14.22
N ASP D 452 -27.69 19.83 -13.51
CA ASP D 452 -27.53 20.95 -12.59
C ASP D 452 -26.74 20.57 -11.33
N ALA D 453 -26.97 19.38 -10.75
CA ALA D 453 -26.18 19.02 -9.56
C ALA D 453 -24.70 18.84 -9.90
N ALA D 454 -24.42 18.36 -11.11
CA ALA D 454 -23.05 18.30 -11.62
C ALA D 454 -22.47 19.70 -11.73
N PHE D 455 -23.28 20.68 -12.17
CA PHE D 455 -22.75 22.03 -12.32
C PHE D 455 -22.42 22.63 -10.95
N ALA D 456 -23.24 22.33 -9.94
CA ALA D 456 -22.92 22.76 -8.59
C ALA D 456 -21.62 22.13 -8.03
N MET D 457 -21.19 20.97 -8.55
CA MET D 457 -19.94 20.37 -8.05
C MET D 457 -18.69 20.98 -8.67
N ASN D 458 -18.77 21.47 -9.92
CA ASN D 458 -17.57 21.97 -10.58
C ASN D 458 -17.86 23.17 -11.49
N GLY D 459 -19.08 23.73 -11.43
CA GLY D 459 -19.47 24.87 -12.22
C GLY D 459 -18.69 26.13 -11.94
N MET D 460 -17.94 26.16 -10.83
CA MET D 460 -17.16 27.34 -10.53
C MET D 460 -16.06 27.57 -11.55
N GLU D 461 -15.71 26.54 -12.32
CA GLU D 461 -14.64 26.74 -13.29
C GLU D 461 -15.10 27.50 -14.54
N ILE D 462 -16.39 27.86 -14.67
CA ILE D 462 -16.71 28.77 -15.76
C ILE D 462 -16.09 30.13 -15.51
N HIS D 463 -15.75 30.44 -14.26
CA HIS D 463 -15.02 31.67 -13.99
C HIS D 463 -13.63 31.65 -14.63
N THR D 464 -12.98 30.49 -14.63
CA THR D 464 -11.65 30.39 -15.23
C THR D 464 -11.72 30.52 -16.76
N ALA D 465 -12.74 29.92 -17.38
CA ALA D 465 -12.92 30.16 -18.80
C ALA D 465 -13.15 31.65 -19.06
N ALA D 466 -13.89 32.29 -18.16
CA ALA D 466 -14.11 33.74 -18.24
C ALA D 466 -12.81 34.51 -18.13
N GLU D 467 -11.94 34.10 -17.22
CA GLU D 467 -10.70 34.82 -16.99
C GLU D 467 -9.75 34.71 -18.18
N TYR D 468 -9.77 33.55 -18.80
CA TYR D 468 -8.92 33.24 -19.93
C TYR D 468 -9.61 33.35 -21.28
N LYS D 469 -10.83 33.85 -21.27
CA LYS D 469 -11.60 34.07 -22.46
C LYS D 469 -11.69 32.90 -23.37
N ILE D 470 -11.96 31.76 -22.79
CA ILE D 470 -12.13 30.48 -23.45
C ILE D 470 -13.61 30.26 -23.80
N PRO D 471 -13.98 30.45 -25.05
CA PRO D 471 -15.40 30.38 -25.42
C PRO D 471 -15.93 28.96 -25.42
N VAL D 472 -16.60 28.60 -24.33
CA VAL D 472 -17.27 27.31 -24.18
C VAL D 472 -18.72 27.61 -23.85
N THR D 473 -19.61 26.74 -24.33
CA THR D 473 -21.03 26.88 -24.05
C THR D 473 -21.51 25.69 -23.23
N TRP D 474 -21.93 25.96 -22.00
CA TRP D 474 -22.52 24.95 -21.13
C TRP D 474 -24.04 25.02 -21.26
N ILE D 475 -24.66 23.86 -21.44
CA ILE D 475 -26.12 23.73 -21.53
C ILE D 475 -26.57 23.02 -20.26
N VAL D 476 -27.12 23.77 -19.32
CA VAL D 476 -27.44 23.17 -18.02
C VAL D 476 -28.83 22.57 -18.15
N LEU D 477 -28.91 21.26 -18.01
CA LEU D 477 -30.21 20.62 -18.00
C LEU D 477 -30.69 20.67 -16.55
N ASN D 478 -31.42 21.73 -16.25
CA ASN D 478 -31.83 22.04 -14.89
C ASN D 478 -33.18 21.43 -14.53
N ASN D 479 -33.16 20.30 -13.83
CA ASN D 479 -34.36 19.67 -13.29
C ASN D 479 -34.52 19.90 -11.79
N GLY D 480 -33.68 20.72 -11.18
CA GLY D 480 -33.80 21.03 -9.77
C GLY D 480 -33.41 19.88 -8.87
N GLY D 481 -32.28 19.27 -9.15
CA GLY D 481 -31.79 18.22 -8.29
C GLY D 481 -31.21 17.08 -9.09
N HIS D 482 -31.21 15.90 -8.44
CA HIS D 482 -30.53 14.71 -8.93
C HIS D 482 -31.53 13.88 -9.73
N GLY D 483 -31.56 14.09 -11.04
CA GLY D 483 -32.55 13.46 -11.89
C GLY D 483 -32.65 11.95 -11.73
N LEU D 484 -31.56 11.24 -11.97
CA LEU D 484 -31.63 9.79 -12.00
C LEU D 484 -31.87 9.19 -10.62
N VAL D 485 -31.32 9.80 -9.57
CA VAL D 485 -31.54 9.30 -8.22
C VAL D 485 -33.00 9.42 -7.84
N HIS D 486 -33.65 10.50 -8.28
CA HIS D 486 -35.09 10.62 -8.11
C HIS D 486 -35.81 9.45 -8.77
N LEU D 487 -35.32 9.00 -9.92
CA LEU D 487 -36.02 7.93 -10.62
C LEU D 487 -35.80 6.57 -9.96
N PHE D 488 -34.63 6.35 -9.34
CA PHE D 488 -34.41 5.11 -8.63
C PHE D 488 -35.34 5.02 -7.42
N GLU D 489 -35.53 6.15 -6.73
CA GLU D 489 -36.48 6.18 -5.63
C GLU D 489 -37.87 5.74 -6.10
N GLN D 490 -38.40 6.40 -7.13
CA GLN D 490 -39.74 6.07 -7.58
C GLN D 490 -39.80 4.62 -8.03
N HIS D 491 -38.80 4.17 -8.78
CA HIS D 491 -38.87 2.90 -9.48
C HIS D 491 -38.20 1.76 -8.74
N GLN D 492 -37.54 2.06 -7.63
CA GLN D 492 -36.91 1.02 -6.84
C GLN D 492 -37.39 1.01 -5.39
N PHE D 493 -37.53 2.17 -4.78
CA PHE D 493 -38.07 2.19 -3.45
C PHE D 493 -39.28 3.04 -3.61
N ASP D 494 -40.39 2.47 -4.05
CA ASP D 494 -41.65 3.20 -4.35
C ASP D 494 -41.97 4.54 -3.73
N SER D 495 -41.23 5.56 -4.14
CA SER D 495 -41.34 6.90 -3.62
C SER D 495 -41.47 6.96 -2.11
N LYS D 496 -40.68 6.17 -1.45
CA LYS D 496 -40.76 6.16 -0.02
C LYS D 496 -40.04 7.32 0.54
N PHE D 497 -39.05 7.87 -0.15
CA PHE D 497 -38.37 9.05 0.38
C PHE D 497 -37.88 9.87 -0.80
N ASP D 498 -37.40 11.08 -0.49
CA ASP D 498 -36.80 11.95 -1.48
C ASP D 498 -35.50 12.49 -0.92
N ILE D 499 -34.40 12.08 -1.52
CA ILE D 499 -33.07 12.61 -1.24
C ILE D 499 -32.48 13.25 -2.49
N SER D 500 -33.34 13.55 -3.46
CA SER D 500 -32.94 13.90 -4.81
C SER D 500 -33.22 15.34 -5.17
N SER D 501 -34.42 15.82 -4.86
CA SER D 501 -34.91 17.12 -5.27
C SER D 501 -34.53 18.23 -4.30
N PHE D 502 -34.45 19.34 -4.95
CA PHE D 502 -34.26 20.53 -4.33
C PHE D 502 -35.63 21.11 -3.96
N ARG D 503 -35.61 22.09 -3.09
CA ARG D 503 -36.72 22.83 -2.59
C ARG D 503 -36.57 24.14 -3.32
N LYS D 504 -35.34 24.51 -3.61
CA LYS D 504 -35.19 25.70 -4.47
C LYS D 504 -34.15 25.41 -5.56
N SER D 505 -34.60 25.39 -6.83
CA SER D 505 -33.71 25.34 -7.98
C SER D 505 -32.63 26.40 -7.89
N ILE D 506 -31.42 26.06 -8.34
CA ILE D 506 -30.36 27.05 -8.47
C ILE D 506 -30.63 27.96 -9.66
N ASP D 507 -30.24 29.23 -9.54
CA ASP D 507 -30.38 30.20 -10.63
C ASP D 507 -29.04 30.28 -11.37
N PHE D 508 -28.90 29.49 -12.43
CA PHE D 508 -27.62 29.41 -13.12
C PHE D 508 -27.32 30.63 -13.98
N CYS D 509 -28.31 31.47 -14.26
CA CYS D 509 -27.98 32.68 -15.00
C CYS D 509 -27.45 33.78 -14.08
N LYS D 510 -27.99 33.88 -12.86
CA LYS D 510 -27.40 34.77 -11.85
C LYS D 510 -26.02 34.28 -11.49
N MET D 511 -25.83 32.96 -11.43
CA MET D 511 -24.51 32.44 -11.10
C MET D 511 -23.49 32.76 -12.19
N ALA D 512 -23.87 32.62 -13.47
CA ALA D 512 -22.95 32.98 -14.54
C ALA D 512 -22.60 34.45 -14.41
N GLU D 513 -23.59 35.26 -14.07
CA GLU D 513 -23.35 36.68 -13.84
C GLU D 513 -22.33 36.91 -12.72
N SER D 514 -22.49 36.33 -11.56
CA SER D 514 -21.42 36.39 -10.56
C SER D 514 -20.04 36.01 -11.12
N LEU D 515 -19.94 35.10 -12.08
CA LEU D 515 -18.62 34.69 -12.50
C LEU D 515 -18.18 35.42 -13.75
N GLY D 516 -18.96 36.37 -14.25
CA GLY D 516 -18.56 37.15 -15.41
C GLY D 516 -18.81 36.44 -16.72
N VAL D 517 -19.83 35.59 -16.80
CA VAL D 517 -20.15 34.79 -17.98
C VAL D 517 -21.53 35.17 -18.48
N LYS D 518 -21.65 35.39 -19.79
CA LYS D 518 -22.92 35.73 -20.40
C LYS D 518 -23.87 34.53 -20.39
N SER D 519 -25.15 34.82 -20.23
CA SER D 519 -26.14 33.84 -19.80
C SER D 519 -27.42 33.97 -20.63
N TYR D 520 -28.11 32.84 -20.76
CA TYR D 520 -29.44 32.77 -21.38
C TYR D 520 -30.34 31.86 -20.54
N ARG D 521 -31.59 32.23 -20.39
CA ARG D 521 -32.59 31.34 -19.82
C ARG D 521 -33.56 30.89 -20.90
N ALA D 522 -33.91 29.61 -20.88
CA ALA D 522 -34.79 29.02 -21.88
C ALA D 522 -35.79 28.10 -21.22
N GLU D 523 -37.09 28.39 -21.33
CA GLU D 523 -38.11 27.44 -20.88
C GLU D 523 -39.07 27.06 -21.99
N THR D 524 -38.81 27.50 -23.22
CA THR D 524 -39.46 26.94 -24.40
C THR D 524 -38.36 26.53 -25.36
N VAL D 525 -38.69 25.60 -26.25
CA VAL D 525 -37.69 25.10 -27.18
C VAL D 525 -37.10 26.23 -28.00
N GLU D 526 -37.90 27.22 -28.37
CA GLU D 526 -37.35 28.20 -29.31
C GLU D 526 -36.56 29.29 -28.60
N ASP D 527 -36.79 29.51 -27.30
CA ASP D 527 -35.84 30.30 -26.56
C ASP D 527 -34.51 29.58 -26.48
N PHE D 528 -34.53 28.25 -26.45
CA PHE D 528 -33.29 27.48 -26.46
C PHE D 528 -32.52 27.68 -27.76
N ASP D 529 -33.21 27.64 -28.89
CA ASP D 529 -32.53 27.76 -30.18
C ASP D 529 -31.96 29.18 -30.35
N ALA D 530 -32.71 30.19 -29.90
CA ALA D 530 -32.19 31.55 -29.92
C ALA D 530 -30.96 31.68 -29.05
N ALA D 531 -31.01 31.10 -27.84
CA ALA D 531 -29.86 31.09 -26.94
C ALA D 531 -28.68 30.39 -27.58
N LEU D 532 -28.94 29.26 -28.24
CA LEU D 532 -27.84 28.46 -28.76
C LEU D 532 -27.14 29.15 -29.93
N LYS D 533 -27.86 29.90 -30.76
CA LYS D 533 -27.15 30.54 -31.85
C LYS D 533 -26.57 31.88 -31.45
N GLY D 534 -27.06 32.47 -30.35
CA GLY D 534 -26.37 33.60 -29.76
C GLY D 534 -25.07 33.19 -29.13
N ALA D 535 -25.08 32.06 -28.42
CA ALA D 535 -23.87 31.60 -27.75
C ALA D 535 -22.74 31.36 -28.74
N LEU D 536 -23.04 30.62 -29.82
CA LEU D 536 -21.96 30.26 -30.74
C LEU D 536 -21.46 31.45 -31.51
N ALA D 537 -22.24 32.51 -31.59
CA ALA D 537 -21.79 33.73 -32.24
C ALA D 537 -20.89 34.53 -31.32
N MET D 538 -20.82 34.14 -30.06
CA MET D 538 -20.49 35.06 -28.98
C MET D 538 -19.01 35.31 -28.77
N ASN D 539 -18.11 34.44 -29.21
CA ASN D 539 -16.70 34.75 -29.10
C ASN D 539 -16.22 34.73 -27.64
N THR D 540 -17.08 34.31 -26.70
CA THR D 540 -16.69 34.19 -25.30
C THR D 540 -17.55 33.11 -24.64
N PRO D 541 -17.22 32.77 -23.38
CA PRO D 541 -17.98 31.72 -22.66
C PRO D 541 -19.45 32.09 -22.57
N CYS D 542 -20.30 31.07 -22.47
CA CYS D 542 -21.73 31.30 -22.32
C CYS D 542 -22.41 30.11 -21.66
N LEU D 543 -23.50 30.39 -20.93
CA LEU D 543 -24.24 29.35 -20.22
C LEU D 543 -25.72 29.45 -20.55
N ILE D 544 -26.35 28.30 -20.74
CA ILE D 544 -27.78 28.22 -21.09
C ILE D 544 -28.47 27.35 -20.04
N ASP D 545 -29.45 27.94 -19.33
CA ASP D 545 -30.15 27.28 -18.23
C ASP D 545 -31.49 26.79 -18.77
N VAL D 546 -31.64 25.46 -18.90
CA VAL D 546 -32.78 24.82 -19.56
C VAL D 546 -33.72 24.23 -18.50
N GLN D 547 -35.00 24.58 -18.56
CA GLN D 547 -35.95 24.00 -17.63
C GLN D 547 -36.41 22.63 -18.12
N VAL D 548 -36.28 21.67 -17.23
CA VAL D 548 -36.45 20.25 -17.51
C VAL D 548 -37.22 19.63 -16.35
N ASP D 549 -38.20 18.80 -16.67
CA ASP D 549 -39.01 18.15 -15.65
C ASP D 549 -38.23 16.99 -15.05
N ILE D 550 -38.20 16.91 -13.72
CA ILE D 550 -37.39 15.89 -13.06
C ILE D 550 -38.01 14.51 -13.16
N ASP D 551 -39.21 14.41 -13.72
CA ASP D 551 -39.87 13.13 -13.87
C ASP D 551 -39.74 12.52 -15.25
N VAL D 552 -39.14 13.22 -16.22
CA VAL D 552 -38.98 12.63 -17.55
C VAL D 552 -38.06 11.40 -17.46
N LEU D 553 -38.56 10.28 -17.98
CA LEU D 553 -37.85 9.01 -17.94
C LEU D 553 -36.88 8.94 -19.09
N PRO D 554 -35.56 8.97 -18.84
CA PRO D 554 -34.61 9.04 -19.96
C PRO D 554 -34.56 7.74 -20.73
N PRO D 555 -34.09 7.79 -21.98
CA PRO D 555 -33.98 6.56 -22.76
C PRO D 555 -32.94 5.65 -22.13
N GLY D 556 -33.25 4.37 -22.09
CA GLY D 556 -32.34 3.41 -21.51
C GLY D 556 -32.36 3.30 -20.00
N MET D 557 -33.22 4.06 -19.32
CA MET D 557 -33.29 3.95 -17.88
C MET D 557 -34.30 2.90 -17.46
N LYS D 558 -35.34 2.68 -18.24
CA LYS D 558 -36.33 1.67 -17.88
C LYS D 558 -35.95 0.27 -18.29
N GLN D 559 -34.82 0.13 -18.96
CA GLN D 559 -34.43 -1.21 -19.34
C GLN D 559 -33.43 -1.73 -18.33
N ARG D 560 -32.75 -0.84 -17.64
CA ARG D 560 -31.81 -1.27 -16.67
C ARG D 560 -32.45 -1.42 -15.31
N PHE D 561 -33.76 -1.27 -15.24
CA PHE D 561 -34.47 -1.41 -14.00
C PHE D 561 -35.08 -2.80 -13.91
PB ADP E . -1.34 21.64 17.35
O1B ADP E . -0.78 22.21 16.07
O2B ADP E . -0.21 20.83 17.97
O3B ADP E . -2.02 22.61 18.28
PA ADP E . -2.02 19.08 16.31
O1A ADP E . -3.22 18.37 15.71
O2A ADP E . -0.72 19.21 15.56
O3A ADP E . -2.40 20.44 17.12
O5' ADP E . -1.65 18.16 17.55
C5' ADP E . -2.68 17.61 18.34
C4' ADP E . -1.93 16.70 19.30
O4' ADP E . -2.81 16.52 20.41
C3' ADP E . -1.41 15.32 18.88
O3' ADP E . -0.04 15.27 19.28
C2' ADP E . -2.23 14.32 19.67
O2' ADP E . -1.47 13.20 20.13
C1' ADP E . -2.70 15.16 20.86
N9 ADP E . -3.99 14.68 21.41
C8 ADP E . -5.04 14.18 20.71
N7 ADP E . -6.05 13.82 21.54
C5 ADP E . -5.61 14.10 22.80
C6 ADP E . -6.20 13.94 24.12
N6 ADP E . -7.45 13.42 24.16
N1 ADP E . -5.46 14.34 25.19
C2 ADP E . -4.21 14.85 25.06
N3 ADP E . -3.61 15.02 23.85
C4 ADP E . -4.26 14.67 22.71
H5'1 ADP E . -3.39 17.05 17.74
H5'2 ADP E . -3.23 18.39 18.88
H4' ADP E . -0.99 17.23 19.48
H3' ADP E . -1.49 15.12 17.79
HO3' ADP E . 0.11 14.49 19.83
H2' ADP E . -3.03 13.86 19.08
HO2' ADP E . -1.83 12.87 20.96
H1' ADP E . -1.98 15.08 21.67
H8 ADP E . -5.08 14.07 19.64
HN61 ADP E . -7.93 13.30 25.02
HN62 ADP E . -7.87 13.17 23.26
H2 ADP E . -3.67 15.15 25.95
C5 A1LX0 F . -3.85 29.94 -0.69
CM4 A1LX0 F . -4.09 28.48 -2.70
C8 A1LX0 F . -1.45 27.58 1.66
C7 A1LX0 F . -5.70 31.84 -0.43
C2' A1LX0 F . -5.66 24.02 -1.31
C4' A1LX0 F . -4.24 25.25 -0.09
C5' A1LX0 F . -3.58 25.64 -1.19
C6' A1LX0 F . -4.01 25.13 -2.42
CM2 A1LX0 F . -6.87 23.06 -1.33
C7' A1LX0 F . -2.37 26.59 -1.14
C2 A1LX0 F . -2.37 28.30 0.60
C4 A1LX0 F . -3.53 28.74 -1.30
C6 A1LX0 F . -4.73 31.07 -1.34
C9 A1LX0 F . -0.04 27.91 1.45
C10 A1LX0 F . 0.19 29.36 1.66
C12 A1LX0 F . 0.73 29.50 0.27
C11 A1LX0 F . 0.44 28.04 0.03
N1' A1LX0 F . -5.03 24.35 -2.43
N3' A1LX0 F . -5.27 24.45 -0.17
N4' A1LX0 F . -3.93 25.66 1.04
N3 A1LX0 F . -2.76 27.90 -0.60
O8 A1LX0 F . -1.67 28.02 2.96
O7' A1LX0 F . -6.61 32.51 -1.23
O1A A1LX0 F . -8.80 32.06 -0.17
O2A A1LX0 F . -8.44 34.16 -1.17
O2B A1LX0 F . -6.36 35.69 2.01
O1B A1LX0 F . -6.90 35.88 -0.09
O3B A1LX0 F . -4.74 34.83 0.47
O3A A1LX0 F . -7.20 33.65 0.85
PA A1LX0 F . -7.86 33.07 -0.46
PB A1LX0 F . -6.30 34.99 0.76
S1 A1LX0 F . -3.08 29.83 0.75
H152 A1LX0 F . -4.14 29.39 -3.23
H151 A1LX0 F . -5.07 28.05 -2.62
H153 A1LX0 F . -3.42 27.76 -3.24
H171 A1LX0 F . -1.60 26.53 1.59
H202 A1LX0 F . -5.15 32.54 0.18
H201 A1LX0 F . -6.22 31.14 0.19
H061 A1LX0 F . -3.50 25.41 -3.36
H073 A1LX0 F . -6.63 22.18 -1.93
H072 A1LX0 F . -7.71 23.57 -1.75
H071 A1LX0 F . -7.11 22.75 -0.28
H092 A1LX0 F . -1.95 26.73 -2.17
H091 A1LX0 F . -1.62 26.16 -0.50
H161 A1LX0 F . -5.28 30.62 -2.14
H162 A1LX0 F . -4.06 31.79 -1.77
H191 A1LX0 F . 0.63 27.31 2.05
H302 A1LX0 F . 0.96 29.58 2.45
H301 A1LX0 F . -0.76 29.93 1.79
H312 A1LX0 F . 1.79 29.70 0.25
H311 A1LX0 F . 0.15 30.14 -0.35
H322 A1LX0 F . 1.31 27.48 -0.17
H321 A1LX0 F . -0.36 27.89 -0.72
H081 A1LX0 F . -3.20 25.17 1.57
H181 A1LX0 F . -1.74 27.25 3.56
H281 A1LX0 F . -4.47 33.95 0.69
H011 A1LX0 F . -5.35 23.99 -3.29
H121 A1LX0 F . -3.00 30.72 1.78
MG MG G . -8.63 36.29 -1.17
PB ADP H . -2.42 -13.66 24.18
O1B ADP H . -2.81 -14.34 22.87
O2B ADP H . -3.54 -12.83 24.74
O3B ADP H . -1.77 -14.58 25.17
PA ADP H . -1.47 -11.61 22.50
O1A ADP H . -0.22 -11.18 21.74
O2A ADP H . -2.62 -12.20 21.74
O3A ADP H . -1.24 -12.61 23.77
O5' ADP H . -1.98 -10.26 23.26
C5' ADP H . -1.09 -9.34 23.90
C4' ADP H . -1.85 -8.09 24.36
O4' ADP H . -1.13 -7.39 25.41
C3' ADP H . -2.19 -7.02 23.30
O3' ADP H . -3.61 -6.89 23.37
C2' ADP H . -1.40 -5.75 23.70
O2' ADP H . -2.19 -4.63 23.26
C1' ADP H . -1.16 -5.97 25.20
N9 ADP H . 0.09 -5.31 25.77
C8 ADP H . 1.32 -5.25 25.24
N7 ADP H . 2.21 -4.61 26.10
C5 ADP H . 1.49 -4.32 27.21
C6 ADP H . 1.80 -3.65 28.49
N6 ADP H . 3.07 -3.19 28.68
N1 ADP H . 0.82 -3.50 29.40
C2 ADP H . -0.42 -3.96 29.17
N3 ADP H . -0.77 -4.58 28.03
C4 ADP H . 0.17 -4.69 26.97
H5'1 ADP H . -0.29 -9.06 23.21
H5'2 ADP H . -0.63 -9.82 24.77
H4' ADP H . -2.81 -8.52 24.68
H3' ADP H . -1.91 -7.25 22.27
HO3' ADP H . -3.85 -5.96 23.44
H2' ADP H . -0.43 -5.53 23.25
HO2' ADP H . -2.41 -4.07 24.03
H1' ADP H . -1.99 -5.47 25.73
H8 ADP H . 1.59 -5.64 24.26
HN61 ADP H . 3.32 -2.75 29.53
HN62 ADP H . 3.73 -3.34 27.95
H2 ADP H . -1.17 -3.82 29.93
N1' TPP I . 4.67 -23.37 7.59
C2' TPP I . 5.08 -22.63 8.62
CM2 TPP I . 6.27 -21.74 8.42
N3' TPP I . 4.52 -22.62 9.84
C4' TPP I . 3.45 -23.41 10.05
N4' TPP I . 2.90 -23.38 11.26
C5' TPP I . 2.94 -24.23 9.00
C6' TPP I . 3.61 -24.16 7.80
C7' TPP I . 1.76 -25.16 9.19
N3 TPP I . 2.02 -26.20 10.21
C2 TPP I . 1.63 -26.10 11.47
S1 TPP I . 2.10 -27.42 12.40
C5 TPP I . 2.86 -28.15 11.04
C4 TPP I . 2.74 -27.36 9.94
CM4 TPP I . 3.26 -27.61 8.57
C6 TPP I . 3.56 -29.47 11.15
C7 TPP I . 4.43 -29.59 12.38
O7 TPP I . 5.70 -30.20 12.02
PA TPP I . 6.82 -30.59 13.07
O1A TPP I . 7.75 -29.47 13.30
O2A TPP I . 7.49 -31.95 12.75
O3A TPP I . 5.89 -30.86 14.29
PB TPP I . 5.07 -32.06 14.92
O1B TPP I . 5.41 -32.21 16.37
O2B TPP I . 3.60 -31.69 14.66
O3B TPP I . 5.43 -33.27 14.00
HM21 TPP I . 6.08 -21.11 7.70
HM22 TPP I . 7.04 -22.29 8.17
HM23 TPP I . 6.46 -21.26 9.24
HN41 TPP I . 3.31 -23.03 11.93
HN42 TPP I . 2.11 -23.68 11.38
H6' TPP I . 3.31 -24.68 7.10
H7'1 TPP I . 1.00 -24.63 9.46
H7'2 TPP I . 1.58 -25.60 8.34
H2 TPP I . 1.15 -25.38 11.81
HM41 TPP I . 4.21 -27.39 8.54
HM42 TPP I . 2.78 -27.06 7.93
HM43 TPP I . 3.13 -28.55 8.34
H61 TPP I . 2.89 -30.18 11.17
H62 TPP I . 4.13 -29.60 10.36
H71 TPP I . 4.59 -28.70 12.75
H72 TPP I . 3.98 -30.14 13.04
PB ADP J . 19.07 -9.40 -18.17
O1B ADP J . 19.64 -9.07 -16.83
O2B ADP J . 18.95 -8.21 -19.10
O3B ADP J . 19.70 -10.62 -18.79
PA ADP J . 16.40 -9.04 -17.14
O1A ADP J . 15.43 -10.03 -16.53
O2A ADP J . 16.95 -7.85 -16.37
O3A ADP J . 17.54 -9.88 -17.92
O5' ADP J . 15.57 -8.37 -18.36
C5' ADP J . 14.73 -9.19 -19.15
C4' ADP J . 13.97 -8.31 -20.11
O4' ADP J . 13.46 -9.14 -21.17
C3' ADP J . 12.76 -7.50 -19.61
O3' ADP J . 13.00 -6.15 -20.04
C2' ADP J . 11.52 -8.06 -20.30
O2' ADP J . 10.58 -6.97 -20.44
C1' ADP J . 12.15 -8.73 -21.56
N9 ADP J . 11.25 -9.83 -21.96
C8 ADP J . 10.61 -10.77 -21.22
N7 ADP J . 9.85 -11.59 -22.00
C5 ADP J . 10.01 -11.18 -23.24
C6 ADP J . 9.50 -11.60 -24.53
N6 ADP J . 8.66 -12.66 -24.60
N1 ADP J . 9.93 -10.91 -25.62
C2 ADP J . 10.78 -9.87 -25.52
N3 ADP J . 11.27 -9.43 -24.36
C4 ADP J . 10.94 -10.04 -23.21
H5'1 ADP J . 14.03 -9.74 -18.51
H5'2 ADP J . 15.33 -9.92 -19.70
H4' ADP J . 14.70 -7.55 -20.39
H3' ADP J . 12.63 -7.55 -18.52
HO3' ADP J . 12.23 -5.84 -20.54
H2' ADP J . 10.89 -8.81 -19.81
HO2' ADP J . 10.29 -6.91 -21.36
H1' ADP J . 12.24 -8.05 -22.42
H8 ADP J . 10.69 -10.84 -20.15
HN61 ADP J . 8.31 -12.97 -25.49
HN62 ADP J . 8.39 -13.14 -23.75
H2 ADP J . 11.07 -9.35 -26.44
C5 A1LX0 K . 27.10 -13.43 -0.44
CM4 A1LX0 K . 25.74 -13.08 1.63
C8 A1LX0 K . 25.50 -10.49 -2.82
C7 A1LX0 K . 28.25 -15.80 -0.66
C2' A1LX0 K . 20.94 -13.15 0.55
C4' A1LX0 K . 22.50 -12.28 -0.81
C5' A1LX0 K . 23.15 -11.73 0.23
C6' A1LX0 K . 22.61 -11.92 1.50
CM2 A1LX0 K . 19.66 -13.98 0.67
C7' A1LX0 K . 24.43 -10.91 0.05
C2 A1LX0 K . 25.96 -11.55 -1.74
C4 A1LX0 K . 26.09 -12.70 0.19
C6 A1LX0 K . 27.91 -14.59 0.21
C9 A1LX0 K . 26.29 -9.26 -2.74
C10 A1LX0 K . 27.72 -9.54 -3.02
C12 A1LX0 K . 28.10 -9.00 -1.66
C11 A1LX0 K . 26.65 -8.79 -1.35
N1' A1LX0 K . 21.53 -12.62 1.61
N3' A1LX0 K . 21.41 -12.98 -0.63
N4' A1LX0 K . 22.92 -12.16 -1.97
N3 A1LX0 K . 25.52 -11.72 -0.51
O8 A1LX0 K . 25.76 -10.90 -4.14
O7' A1LX0 K . 28.64 -16.85 0.16
O1A A1LX0 K . 27.43 -18.82 -0.74
O2A A1LX0 K . 29.59 -19.12 0.15
O2B A1LX0 K . 31.52 -17.80 -3.22
O1B A1LX0 K . 31.65 -18.29 -1.11
O3B A1LX0 K . 31.33 -15.93 -1.75
O3A A1LX0 K . 29.40 -17.87 -1.93
PA A1LX0 K . 28.71 -18.26 -0.56
PB A1LX0 K . 30.96 -17.47 -1.96
S1 A1LX0 K . 27.14 -12.73 -1.92
H152 A1LX0 K . 26.63 -13.40 2.14
H151 A1LX0 K . 25.02 -13.87 1.64
H153 A1LX0 K . 25.33 -12.19 2.16
H171 A1LX0 K . 24.47 -10.28 -2.71
H202 A1LX0 K . 29.06 -15.55 -1.34
H201 A1LX0 K . 27.39 -16.09 -1.24
H061 A1LX0 K . 23.10 -11.49 2.39
H073 A1LX0 K . 18.93 -13.43 1.30
H072 A1LX0 K . 19.88 -14.91 1.13
H071 A1LX0 K . 19.22 -14.15 -0.34
H092 A1LX0 K . 24.76 -10.50 1.06
H091 A1LX0 K . 24.24 -10.08 -0.62
H161 A1LX0 K . 27.35 -14.94 1.06
H162 A1LX0 K . 28.83 -14.18 0.57
H191 A1LX0 K . 25.89 -8.46 -3.35
H302 A1LX0 K . 28.13 -8.91 -3.86
H301 A1LX0 K . 27.93 -10.62 -3.12
H312 A1LX0 K . 28.65 -8.06 -1.73
H311 A1LX0 K . 28.56 -9.73 -1.04
H322 A1LX0 K . 26.41 -7.77 -1.18
H321 A1LX0 K . 26.31 -9.46 -0.54
H081 A1LX0 K . 22.66 -11.34 -2.54
H181 A1LX0 K . 24.99 -10.73 -4.69
H281 A1LX0 K . 30.58 -15.39 -1.95
H011 A1LX0 K . 21.15 -12.76 2.50
H121 A1LX0 K . 27.95 -13.00 -2.99
MG MG L . 32.09 -19.10 0.44
PB ADP M . -15.25 1.02 -23.25
O1B ADP M . -16.06 1.03 -21.96
O2B ADP M . -14.91 -0.41 -23.61
O3B ADP M . -15.83 1.85 -24.35
PA ADP M . -12.85 1.41 -21.72
O1A ADP M . -11.87 2.51 -21.32
O2A ADP M . -13.54 0.58 -20.65
O3A ADP M . -13.84 1.78 -22.97
O5' ADP M . -11.94 0.38 -22.50
C5' ADP M . -10.99 0.92 -23.39
C4' ADP M . -10.10 -0.25 -23.76
O4' ADP M . -9.34 0.16 -24.90
C3' ADP M . -9.08 -0.73 -22.71
O3' ADP M . -9.36 -2.13 -22.66
C2' ADP M . -7.71 -0.44 -23.26
O2' ADP M . -6.83 -1.49 -22.85
C1' ADP M . -8.01 -0.34 -24.75
N9 ADP M . -7.03 0.52 -25.43
C8 ADP M . -6.42 1.64 -24.95
N7 ADP M . -5.54 2.14 -25.85
C5 ADP M . -5.61 1.32 -26.91
C6 ADP M . -4.97 1.28 -28.21
N6 ADP M . -4.10 2.24 -28.46
N1 ADP M . -5.28 0.30 -29.09
C2 ADP M . -6.17 -0.65 -28.77
N3 ADP M . -6.81 -0.67 -27.58
C4 ADP M . -6.58 0.27 -26.63
H5'1 ADP M . -10.41 1.71 -22.91
H5'2 ADP M . -11.47 1.34 -24.27
H4' ADP M . -10.79 -1.09 -23.92
H3' ADP M . -9.16 -0.26 -21.73
HO3' ADP M . -8.53 -2.62 -22.69
H2' ADP M . -7.17 0.45 -22.91
HO2' ADP M . -6.37 -1.85 -23.62
H1' ADP M . -7.93 -1.34 -25.21
H8 ADP M . -6.60 2.06 -23.97
HN61 ADP M . -3.66 2.22 -29.36
HN62 ADP M . -3.90 2.97 -27.78
H2 ADP M . -6.40 -1.42 -29.49
C5 A1LX0 N . -26.42 11.44 -10.08
CM4 A1LX0 N . -25.19 11.82 -7.85
C8 A1LX0 N . -24.73 7.89 -11.17
C7 A1LX0 N . -26.91 13.82 -11.11
C2' A1LX0 N . -20.40 11.65 -8.08
C4' A1LX0 N . -21.76 10.31 -9.29
C5' A1LX0 N . -22.61 10.21 -8.26
C6' A1LX0 N . -22.27 10.86 -7.08
CM2 A1LX0 N . -19.14 12.49 -7.99
C7' A1LX0 N . -23.88 9.34 -8.40
C2 A1LX0 N . -25.21 9.23 -10.50
C4 A1LX0 N . -25.49 11.00 -9.12
C6 A1LX0 N . -27.33 12.71 -10.11
C9 A1LX0 N . -25.61 6.76 -10.92
C10 A1LX0 N . -27.02 7.07 -11.24
C12 A1LX0 N . -27.43 6.48 -9.92
C11 A1LX0 N . -26.01 6.61 -9.48
N1' A1LX0 N . -21.17 11.56 -7.04
N3' A1LX0 N . -20.67 11.06 -9.17
N4' A1LX0 N . -22.03 9.73 -10.35
N3 A1LX0 N . -24.87 9.85 -9.38
O8 A1LX0 N . -24.70 7.97 -12.57
O7' A1LX0 N . -27.78 14.87 -11.03
O1A A1LX0 N . -26.34 16.34 -12.25
O2A A1LX0 N . -28.54 17.05 -12.03
O2B A1LX0 N . -29.96 15.05 -14.98
O1B A1LX0 N . -30.52 15.73 -12.94
O3B A1LX0 N . -30.15 13.28 -13.27
O3A A1LX0 N . -28.16 15.14 -13.49
PA A1LX0 N . -27.70 15.93 -12.19
PB A1LX0 N . -29.73 14.79 -13.60
S1 A1LX0 N . -26.34 10.25 -11.19
H152 A1LX0 N . -26.07 12.34 -7.55
H151 A1LX0 N . -24.40 12.53 -8.05
H153 A1LX0 N . -24.87 11.13 -7.04
H171 A1LX0 N . -23.75 7.66 -10.82
H202 A1LX0 N . -26.92 13.42 -12.11
H201 A1LX0 N . -25.92 14.16 -10.87
H061 A1LX0 N . -22.92 10.80 -6.19
H073 A1LX0 N . -18.58 12.21 -7.09
H072 A1LX0 N . -19.40 13.52 -7.96
H071 A1LX0 N . -18.51 12.29 -8.89
H092 A1LX0 N . -24.38 9.27 -7.39
H091 A1LX0 N . -23.58 8.35 -8.71
H161 A1LX0 N . -27.34 13.13 -9.13
H162 A1LX0 N . -28.33 12.40 -10.36
H191 A1LX0 N . -25.28 5.83 -11.37
H302 A1LX0 N . -27.40 6.48 -12.11
H301 A1LX0 N . -27.24 8.16 -11.31
H312 A1LX0 N . -27.75 5.46 -10.01
H311 A1LX0 N . -28.09 7.11 -9.37
H322 A1LX0 N . -25.64 5.72 -9.05
H321 A1LX0 N . -25.83 7.52 -8.89
H081 A1LX0 N . -21.56 8.86 -10.60
H181 A1LX0 N . -23.86 7.65 -12.90
H281 A1LX0 N . -29.43 12.84 -12.86
H011 A1LX0 N . -20.94 12.04 -6.21
H121 A1LX0 N . -27.04 10.11 -12.36
MG MG O . -30.55 17.42 -12.53
#